data_1UYS
#
_entry.id   1UYS
#
_cell.length_a   246.210
_cell.length_b   125.580
_cell.length_c   146.880
_cell.angle_alpha   90.00
_cell.angle_beta   94.08
_cell.angle_gamma   90.00
#
_symmetry.space_group_name_H-M   'C 1 2 1'
#
loop_
_entity.id
_entity.type
_entity.pdbx_description
1 polymer 'ACETYL-COA CARBOXYLASE'
2 non-polymer '(2R)-2-(4-{[3-chloro-5-(trifluoromethyl)pyridin-2-yl]oxy}phenoxy)propanoic acid'
3 water water
#
_entity_poly.entity_id   1
_entity_poly.type   'polypeptide(L)'
_entity_poly.pdbx_seq_one_letter_code
;PIATPYPVKEWLQPKRYKAHL(MSE)GTTYVYDFPELFRQASSSQWKNFSADVKLTDDFFISNELIEDENGELTEVEREP
GANAIG(MSE)VAFKITVKTPEYPRGRQFVVVANDITFKIGSFGPQEDEFFNKVTEYARKRGIPRIYLAANSGARIG
(MSE)AEEIVPLFQVAWNDAANPDKGFQYLYLTSEG(MSE)ETLKKFDKENSVLTERTVINGEERFVIKTIIGSEDGLGV
ECLRGSGLIAGATSRAYHDIFTITLVTCRSVGIGAYLVRLGQRAIQVEGQPIILTGAPAINK(MSE)LGREVYTSNLQLG
GTQI(MSE)YNNGVSHLTAVDDLAGVEKIVEW(MSE)SYVPAKRN(MSE)PVPILETKDTWDRPVDFTPTNDETYDVRW
(MSE)IEGRETESGFEYGLFDKGSFFETLSGWAKGVVVGRARLGGIPLGVIGVETRTVENLIPADPANPNSAETLIQEPG
QVWHPNSAFKTAQAINDFNNGEQLP(MSE)(MSE)ILANWRGFSGGQRD(MSE)FNEVLKYGSFIVDALVDYKQPIIIYI
PPTGELRGGSWVVVDPTINADQ(MSE)E(MSE)YADVNARAGVLEPQG(MSE)VGIKFRREKLLDT(MSE)NRLDDKYRE
LRSQLSNKSLAPEVHQQISKQLADRERELLPIYGQISLQFADLHDRSSR(MSE)VAKGVISKELEWTEARRFFFWRLRRR
LNEEYLIKRLSHQVGEASRLEKIARIRSWYPASVDHEDDRQVATWIEENYKTLDDKLKGLKLESFAQDLAKKIRSDHDNA
IDGLSEVIK
;
_entity_poly.pdbx_strand_id   A,B,C
#
# COMPACT_ATOMS: atom_id res chain seq x y z
N PRO A 1 -59.57 -27.11 46.65
CA PRO A 1 -59.68 -25.64 46.70
C PRO A 1 -60.74 -25.17 45.70
N ILE A 2 -61.87 -24.76 46.25
CA ILE A 2 -62.99 -24.29 45.42
C ILE A 2 -62.96 -22.78 45.21
N ALA A 3 -63.61 -22.34 44.14
CA ALA A 3 -63.67 -20.92 43.81
C ALA A 3 -62.30 -20.26 43.60
N THR A 4 -61.43 -20.91 42.83
CA THR A 4 -60.11 -20.35 42.55
C THR A 4 -60.18 -19.59 41.22
N PRO A 5 -59.41 -18.50 41.08
CA PRO A 5 -59.40 -17.69 39.86
C PRO A 5 -59.38 -18.57 38.61
N TYR A 6 -58.39 -19.44 38.50
CA TYR A 6 -58.26 -20.34 37.35
C TYR A 6 -58.30 -21.80 37.78
N PRO A 7 -58.41 -22.73 36.81
CA PRO A 7 -58.48 -24.14 37.17
C PRO A 7 -57.35 -24.61 38.06
N VAL A 8 -57.67 -25.58 38.91
CA VAL A 8 -56.70 -26.16 39.85
C VAL A 8 -55.90 -27.29 39.23
N LYS A 9 -54.68 -26.97 38.83
CA LYS A 9 -53.79 -27.93 38.20
C LYS A 9 -53.70 -29.22 39.02
N GLU A 10 -53.55 -29.09 40.32
CA GLU A 10 -53.40 -30.26 41.16
C GLU A 10 -54.62 -31.14 41.22
N TRP A 11 -55.74 -30.62 40.75
CA TRP A 11 -56.94 -31.42 40.75
C TRP A 11 -57.09 -32.11 39.40
N LEU A 12 -56.85 -31.37 38.31
CA LEU A 12 -56.96 -31.90 36.96
C LEU A 12 -56.12 -33.15 36.79
N GLN A 13 -55.00 -33.19 37.49
CA GLN A 13 -54.12 -34.32 37.40
C GLN A 13 -53.45 -34.46 38.75
N PRO A 14 -54.05 -35.28 39.62
CA PRO A 14 -53.57 -35.56 40.97
C PRO A 14 -52.09 -35.90 41.06
N LYS A 15 -51.52 -36.47 40.00
CA LYS A 15 -50.08 -36.81 40.02
C LYS A 15 -49.25 -35.57 40.37
N ARG A 16 -49.66 -34.39 39.88
CA ARG A 16 -48.97 -33.14 40.19
C ARG A 16 -48.97 -32.92 41.70
N TYR A 17 -50.10 -33.15 42.33
CA TYR A 17 -50.19 -32.99 43.76
C TYR A 17 -49.27 -33.99 44.48
N LYS A 18 -49.22 -35.24 43.99
CA LYS A 18 -48.38 -36.26 44.62
C LYS A 18 -46.96 -35.83 44.56
N ALA A 19 -46.53 -35.37 43.40
CA ALA A 19 -45.15 -34.91 43.27
C ALA A 19 -44.87 -33.79 44.28
N HIS A 20 -45.75 -32.81 44.35
CA HIS A 20 -45.53 -31.72 45.30
C HIS A 20 -45.46 -32.24 46.72
N LEU A 21 -46.35 -33.18 47.04
CA LEU A 21 -46.34 -33.73 48.39
C LEU A 21 -44.98 -34.38 48.68
N GLY A 23 -42.28 -33.12 47.70
CA GLY A 23 -41.33 -32.02 47.85
C GLY A 23 -40.53 -31.81 46.57
N THR A 24 -41.15 -32.13 45.45
CA THR A 24 -40.47 -31.97 44.19
C THR A 24 -41.41 -31.43 43.12
N THR A 25 -40.85 -31.03 41.99
CA THR A 25 -41.64 -30.55 40.87
C THR A 25 -42.17 -31.72 40.06
N TYR A 26 -43.37 -31.57 39.51
CA TYR A 26 -43.99 -32.59 38.67
C TYR A 26 -43.18 -32.68 37.34
N VAL A 27 -42.76 -33.88 36.93
CA VAL A 27 -41.96 -34.04 35.71
C VAL A 27 -42.42 -33.20 34.55
N TYR A 28 -43.71 -33.29 34.25
CA TYR A 28 -44.25 -32.56 33.11
C TYR A 28 -44.23 -31.06 33.29
N ASP A 29 -43.93 -30.58 34.50
CA ASP A 29 -43.88 -29.15 34.84
C ASP A 29 -42.44 -28.61 34.78
N PHE A 30 -41.47 -29.52 34.64
CA PHE A 30 -40.09 -29.10 34.56
C PHE A 30 -39.79 -28.31 33.30
N PRO A 31 -40.37 -28.71 32.16
CA PRO A 31 -40.11 -27.95 30.94
C PRO A 31 -40.35 -26.45 31.12
N GLU A 32 -41.46 -26.12 31.82
CA GLU A 32 -41.82 -24.74 32.11
C GLU A 32 -40.71 -24.09 32.93
N LEU A 33 -40.08 -24.86 33.81
CA LEU A 33 -38.98 -24.31 34.61
C LEU A 33 -37.79 -23.94 33.72
N PHE A 34 -37.56 -24.73 32.66
CA PHE A 34 -36.48 -24.45 31.75
C PHE A 34 -36.80 -23.23 30.91
N ARG A 35 -38.07 -23.00 30.61
CA ARG A 35 -38.44 -21.82 29.82
C ARG A 35 -38.19 -20.56 30.67
N GLN A 36 -38.47 -20.67 31.95
CA GLN A 36 -38.27 -19.56 32.86
C GLN A 36 -36.76 -19.31 33.05
N ALA A 37 -35.98 -20.37 33.26
CA ALA A 37 -34.57 -20.16 33.45
C ALA A 37 -34.03 -19.58 32.16
N SER A 38 -34.48 -20.11 31.04
CA SER A 38 -34.01 -19.61 29.75
C SER A 38 -34.41 -18.16 29.52
N SER A 39 -35.63 -17.82 29.91
CA SER A 39 -36.09 -16.46 29.76
C SER A 39 -35.22 -15.56 30.65
N SER A 40 -34.93 -15.99 31.88
CA SER A 40 -34.10 -15.17 32.76
C SER A 40 -32.71 -14.98 32.18
N GLN A 41 -32.24 -16.02 31.53
CA GLN A 41 -30.93 -15.99 30.92
C GLN A 41 -30.81 -14.80 29.97
N TRP A 42 -31.89 -14.50 29.23
CA TRP A 42 -31.88 -13.35 28.32
C TRP A 42 -31.94 -12.01 29.06
N LYS A 43 -32.81 -11.93 30.07
CA LYS A 43 -32.93 -10.71 30.83
C LYS A 43 -31.60 -10.30 31.39
N ASN A 44 -30.80 -11.25 31.82
CA ASN A 44 -29.52 -10.89 32.40
C ASN A 44 -28.49 -10.58 31.36
N PHE A 45 -28.78 -10.86 30.10
CA PHE A 45 -27.81 -10.60 29.06
C PHE A 45 -28.12 -9.32 28.35
N SER A 46 -29.40 -9.04 28.20
CA SER A 46 -29.85 -7.84 27.53
C SER A 46 -31.31 -7.58 27.85
N ALA A 47 -31.57 -6.77 28.87
CA ALA A 47 -32.92 -6.44 29.29
C ALA A 47 -33.85 -6.03 28.14
N ASP A 48 -33.34 -5.22 27.22
CA ASP A 48 -34.16 -4.77 26.10
C ASP A 48 -34.31 -5.81 25.04
N VAL A 49 -34.93 -6.94 25.37
CA VAL A 49 -35.11 -8.01 24.38
C VAL A 49 -36.51 -8.54 24.40
N LYS A 50 -37.27 -8.22 23.37
CA LYS A 50 -38.64 -8.71 23.26
C LYS A 50 -38.61 -10.20 22.89
N LEU A 51 -38.86 -11.04 23.87
CA LEU A 51 -38.84 -12.49 23.68
C LEU A 51 -40.22 -13.05 23.36
N THR A 52 -40.27 -13.83 22.30
CA THR A 52 -41.53 -14.47 21.89
C THR A 52 -41.52 -15.92 22.35
N ASP A 53 -42.65 -16.41 22.83
CA ASP A 53 -42.70 -17.82 23.25
C ASP A 53 -42.11 -18.87 22.30
N ASP A 54 -41.94 -18.57 21.01
CA ASP A 54 -41.37 -19.56 20.09
C ASP A 54 -39.86 -19.66 20.28
N PHE A 55 -39.30 -18.97 21.28
CA PHE A 55 -37.86 -19.03 21.49
C PHE A 55 -37.51 -20.27 22.32
N PHE A 56 -38.54 -20.89 22.89
CA PHE A 56 -38.34 -22.08 23.69
C PHE A 56 -39.42 -23.09 23.34
N ILE A 57 -39.01 -24.24 22.82
CA ILE A 57 -39.92 -25.31 22.43
C ILE A 57 -39.60 -26.60 23.20
N SER A 58 -40.63 -27.26 23.69
CA SER A 58 -40.46 -28.53 24.40
C SER A 58 -41.33 -29.59 23.75
N ASN A 59 -40.72 -30.71 23.36
CA ASN A 59 -41.41 -31.82 22.73
C ASN A 59 -41.08 -33.12 23.45
N GLU A 60 -42.07 -33.69 24.14
CA GLU A 60 -41.91 -34.95 24.84
C GLU A 60 -41.57 -36.04 23.83
N LEU A 61 -40.87 -37.06 24.34
CA LEU A 61 -40.45 -38.20 23.55
C LEU A 61 -40.93 -39.54 24.12
N ILE A 62 -41.57 -40.31 23.25
CA ILE A 62 -42.03 -41.64 23.66
C ILE A 62 -41.67 -42.58 22.53
N GLU A 63 -41.52 -43.85 22.86
CA GLU A 63 -41.18 -44.85 21.86
C GLU A 63 -42.42 -45.22 21.04
N ASP A 64 -42.25 -45.36 19.73
CA ASP A 64 -43.34 -45.75 18.82
C ASP A 64 -43.50 -47.28 18.85
N GLU A 65 -44.14 -47.85 17.84
CA GLU A 65 -44.34 -49.30 17.76
C GLU A 65 -43.01 -50.05 17.62
N ASN A 66 -42.03 -49.40 17.00
CA ASN A 66 -40.71 -49.98 16.79
C ASN A 66 -39.75 -49.64 17.92
N GLY A 67 -40.30 -49.09 19.01
CA GLY A 67 -39.47 -48.73 20.15
C GLY A 67 -38.59 -47.51 19.86
N GLU A 68 -38.83 -46.86 18.72
CA GLU A 68 -38.10 -45.66 18.33
C GLU A 68 -38.68 -44.40 18.93
N LEU A 69 -37.80 -43.58 19.51
CA LEU A 69 -38.20 -42.34 20.16
C LEU A 69 -38.78 -41.38 19.15
N THR A 70 -39.98 -40.88 19.43
CA THR A 70 -40.65 -39.94 18.55
C THR A 70 -41.27 -38.84 19.41
N GLU A 71 -41.51 -37.69 18.79
CA GLU A 71 -42.08 -36.55 19.49
C GLU A 71 -43.61 -36.57 19.47
N VAL A 72 -44.22 -36.33 20.62
CA VAL A 72 -45.68 -36.30 20.73
C VAL A 72 -46.15 -35.23 21.70
N GLU A 73 -47.44 -34.94 21.66
CA GLU A 73 -48.05 -33.94 22.55
C GLU A 73 -49.27 -34.58 23.19
N ARG A 74 -49.20 -34.78 24.50
CA ARG A 74 -50.30 -35.40 25.20
C ARG A 74 -50.51 -34.78 26.57
N GLU A 75 -51.62 -35.13 27.22
CA GLU A 75 -51.90 -34.60 28.54
C GLU A 75 -50.93 -35.13 29.61
N PRO A 76 -50.42 -34.26 30.48
CA PRO A 76 -49.49 -34.70 31.53
C PRO A 76 -50.09 -35.82 32.37
N GLY A 77 -49.24 -36.78 32.76
CA GLY A 77 -49.68 -37.90 33.57
C GLY A 77 -50.21 -39.06 32.76
N ALA A 78 -49.90 -39.08 31.47
CA ALA A 78 -50.36 -40.16 30.59
C ALA A 78 -49.23 -41.14 30.30
N ASN A 79 -48.08 -40.94 30.94
CA ASN A 79 -46.93 -41.80 30.74
C ASN A 79 -47.15 -43.21 31.30
N ALA A 80 -46.96 -44.23 30.48
CA ALA A 80 -47.16 -45.60 30.94
C ALA A 80 -45.98 -46.13 31.74
N ILE A 81 -44.85 -45.44 31.69
CA ILE A 81 -43.68 -45.88 32.45
C ILE A 81 -43.23 -44.81 33.43
N GLY A 82 -42.34 -45.17 34.35
CA GLY A 82 -41.83 -44.21 35.32
C GLY A 82 -40.68 -43.37 34.80
N VAL A 84 -39.60 -40.34 31.73
CA VAL A 84 -40.07 -39.40 30.72
C VAL A 84 -38.90 -38.65 30.12
N ALA A 85 -39.07 -38.20 28.89
CA ALA A 85 -38.04 -37.48 28.16
C ALA A 85 -38.60 -36.29 27.37
N PHE A 86 -37.83 -35.22 27.27
CA PHE A 86 -38.26 -34.03 26.53
C PHE A 86 -37.15 -33.56 25.61
N LYS A 87 -37.47 -33.13 24.39
CA LYS A 87 -36.43 -32.60 23.51
C LYS A 87 -36.64 -31.09 23.54
N ILE A 88 -35.61 -30.36 23.92
CA ILE A 88 -35.70 -28.92 24.05
C ILE A 88 -34.90 -28.18 23.02
N THR A 89 -35.56 -27.21 22.38
CA THR A 89 -34.92 -26.40 21.36
C THR A 89 -35.15 -24.96 21.83
N VAL A 90 -34.13 -24.36 22.44
CA VAL A 90 -34.27 -23.00 22.93
C VAL A 90 -33.22 -22.06 22.33
N LYS A 91 -33.59 -20.81 22.08
CA LYS A 91 -32.69 -19.78 21.53
C LYS A 91 -32.05 -19.14 22.74
N THR A 92 -30.73 -19.08 22.77
CA THR A 92 -30.03 -18.50 23.90
C THR A 92 -29.02 -17.48 23.37
N PRO A 93 -28.50 -16.61 24.24
CA PRO A 93 -27.52 -15.61 23.82
C PRO A 93 -26.31 -16.17 23.12
N GLU A 94 -25.86 -17.36 23.55
CA GLU A 94 -24.70 -18.02 22.95
C GLU A 94 -25.09 -18.63 21.60
N TYR A 95 -26.38 -18.88 21.44
CA TYR A 95 -26.91 -19.47 20.23
C TYR A 95 -28.27 -18.87 19.88
N PRO A 96 -28.27 -17.68 19.28
CA PRO A 96 -29.46 -16.96 18.87
C PRO A 96 -30.36 -17.79 17.99
N ARG A 97 -29.76 -18.48 17.03
CA ARG A 97 -30.52 -19.34 16.14
C ARG A 97 -31.13 -20.54 16.87
N GLY A 98 -30.73 -20.70 18.13
CA GLY A 98 -31.26 -21.80 18.94
C GLY A 98 -30.31 -22.97 19.14
N ARG A 99 -30.53 -23.75 20.20
CA ARG A 99 -29.70 -24.93 20.50
C ARG A 99 -30.61 -26.06 21.01
N GLN A 100 -30.07 -27.27 21.05
CA GLN A 100 -30.88 -28.40 21.48
C GLN A 100 -30.23 -29.28 22.53
N PHE A 101 -31.07 -29.97 23.29
CA PHE A 101 -30.58 -30.89 24.30
C PHE A 101 -31.77 -31.69 24.82
N VAL A 102 -31.48 -32.82 25.46
CA VAL A 102 -32.54 -33.66 26.00
C VAL A 102 -32.56 -33.64 27.51
N VAL A 103 -33.74 -33.98 28.05
CA VAL A 103 -33.98 -34.01 29.48
C VAL A 103 -34.69 -35.33 29.86
N VAL A 104 -33.97 -36.21 30.57
CA VAL A 104 -34.54 -37.47 31.02
C VAL A 104 -34.85 -37.31 32.51
N ALA A 105 -36.04 -37.75 32.91
CA ALA A 105 -36.42 -37.65 34.33
C ALA A 105 -37.30 -38.78 34.82
N ASN A 106 -37.15 -39.13 36.08
CA ASN A 106 -37.97 -40.18 36.68
C ASN A 106 -39.35 -39.55 37.08
N ASP A 107 -40.43 -40.33 37.02
CA ASP A 107 -41.72 -39.80 37.45
C ASP A 107 -41.96 -40.31 38.87
N ILE A 108 -41.43 -39.58 39.85
CA ILE A 108 -41.56 -39.97 41.25
C ILE A 108 -42.97 -40.39 41.63
N THR A 109 -43.98 -39.96 40.86
CA THR A 109 -45.38 -40.29 41.14
C THR A 109 -45.76 -41.65 40.56
N PHE A 110 -44.95 -42.14 39.64
CA PHE A 110 -45.18 -43.43 38.99
C PHE A 110 -44.39 -44.48 39.75
N LYS A 111 -45.08 -45.34 40.49
CA LYS A 111 -44.43 -46.37 41.32
C LYS A 111 -43.17 -45.85 42.03
N ILE A 112 -43.36 -44.82 42.86
CA ILE A 112 -42.26 -44.18 43.58
C ILE A 112 -41.02 -43.96 42.70
N GLY A 113 -41.27 -43.62 41.45
CA GLY A 113 -40.18 -43.36 40.53
C GLY A 113 -39.05 -44.38 40.57
N SER A 114 -39.39 -45.65 40.67
CA SER A 114 -38.42 -46.73 40.73
C SER A 114 -37.97 -47.10 39.34
N PHE A 115 -36.79 -47.71 39.24
CA PHE A 115 -36.23 -48.14 37.96
C PHE A 115 -36.66 -49.57 37.60
N GLY A 116 -37.55 -49.68 36.63
CA GLY A 116 -38.00 -50.97 36.18
C GLY A 116 -37.39 -51.24 34.83
N PRO A 117 -37.54 -52.47 34.32
CA PRO A 117 -36.96 -52.78 33.00
C PRO A 117 -37.43 -51.87 31.87
N GLN A 118 -38.69 -51.48 31.92
CA GLN A 118 -39.14 -50.62 30.87
C GLN A 118 -38.52 -49.22 31.04
N GLU A 119 -38.39 -48.74 32.28
CA GLU A 119 -37.80 -47.43 32.51
C GLU A 119 -36.32 -47.36 32.12
N ASP A 120 -35.60 -48.45 32.38
CA ASP A 120 -34.19 -48.53 32.06
C ASP A 120 -33.95 -48.49 30.56
N GLU A 121 -34.71 -49.32 29.85
CA GLU A 121 -34.61 -49.39 28.41
C GLU A 121 -34.84 -48.01 27.83
N PHE A 122 -35.84 -47.31 28.35
CA PHE A 122 -36.19 -45.96 27.88
C PHE A 122 -35.05 -44.99 28.14
N PHE A 123 -34.54 -45.00 29.36
CA PHE A 123 -33.43 -44.16 29.75
C PHE A 123 -32.24 -44.42 28.81
N ASN A 124 -31.99 -45.70 28.50
CA ASN A 124 -30.93 -46.07 27.60
C ASN A 124 -31.20 -45.54 26.18
N LYS A 125 -32.44 -45.67 25.71
CA LYS A 125 -32.82 -45.19 24.37
C LYS A 125 -32.65 -43.68 24.22
N VAL A 126 -33.01 -42.93 25.26
CA VAL A 126 -32.91 -41.48 25.28
C VAL A 126 -31.44 -41.07 25.23
N THR A 127 -30.63 -41.75 26.04
CA THR A 127 -29.22 -41.44 26.14
C THR A 127 -28.57 -41.55 24.79
N GLU A 128 -28.75 -42.68 24.14
CA GLU A 128 -28.15 -42.81 22.82
C GLU A 128 -28.78 -41.92 21.78
N TYR A 129 -30.01 -41.52 22.01
CA TYR A 129 -30.69 -40.64 21.09
C TYR A 129 -29.91 -39.30 21.14
N ALA A 130 -29.50 -38.93 22.34
CA ALA A 130 -28.76 -37.69 22.54
C ALA A 130 -27.34 -37.81 22.05
N ARG A 131 -26.74 -38.97 22.27
CA ARG A 131 -25.35 -39.23 21.86
C ARG A 131 -25.22 -39.26 20.35
N LYS A 132 -26.19 -39.90 19.72
CA LYS A 132 -26.20 -40.00 18.28
C LYS A 132 -26.29 -38.61 17.65
N ARG A 133 -27.15 -37.75 18.20
CA ARG A 133 -27.31 -36.39 17.67
C ARG A 133 -26.24 -35.41 18.22
N GLY A 134 -25.42 -35.91 19.13
CA GLY A 134 -24.34 -35.13 19.70
C GLY A 134 -24.83 -34.07 20.66
N ILE A 135 -26.06 -34.24 21.07
CA ILE A 135 -26.75 -33.34 21.96
C ILE A 135 -26.55 -33.62 23.44
N PRO A 136 -26.57 -32.56 24.23
CA PRO A 136 -26.40 -32.74 25.67
C PRO A 136 -27.54 -33.49 26.31
N ARG A 137 -27.21 -34.29 27.33
CA ARG A 137 -28.23 -35.06 28.08
C ARG A 137 -28.37 -34.58 29.49
N ILE A 138 -29.54 -34.04 29.77
CA ILE A 138 -29.80 -33.61 31.13
C ILE A 138 -30.70 -34.63 31.82
N TYR A 139 -30.29 -35.11 32.99
CA TYR A 139 -31.09 -36.07 33.74
C TYR A 139 -31.59 -35.49 35.08
N LEU A 140 -32.89 -35.64 35.36
CA LEU A 140 -33.47 -35.14 36.60
C LEU A 140 -33.70 -36.34 37.51
N ALA A 141 -32.85 -36.49 38.52
CA ALA A 141 -32.96 -37.64 39.41
C ALA A 141 -33.99 -37.50 40.51
N ALA A 142 -34.98 -38.36 40.48
CA ALA A 142 -36.02 -38.36 41.50
C ALA A 142 -36.55 -39.80 41.54
N ASN A 143 -35.84 -40.67 42.22
CA ASN A 143 -36.23 -42.06 42.21
C ASN A 143 -36.14 -42.74 43.55
N SER A 144 -36.37 -44.05 43.51
CA SER A 144 -36.34 -44.89 44.70
C SER A 144 -35.45 -46.09 44.43
N GLY A 145 -34.62 -46.00 43.39
CA GLY A 145 -33.76 -47.13 43.08
C GLY A 145 -34.41 -48.18 42.19
N ALA A 146 -33.79 -49.36 42.17
CA ALA A 146 -34.27 -50.47 41.36
C ALA A 146 -35.54 -51.06 41.92
N ARG A 147 -36.49 -51.32 41.03
CA ARG A 147 -37.76 -51.91 41.39
C ARG A 147 -37.57 -53.33 41.97
N ILE A 148 -38.41 -53.69 42.95
CA ILE A 148 -38.34 -55.00 43.58
C ILE A 148 -39.72 -55.64 43.74
N GLY A 149 -39.76 -56.87 44.21
CA GLY A 149 -41.02 -57.57 44.41
C GLY A 149 -40.98 -59.08 44.21
N ALA A 151 -43.49 -62.79 43.26
CA ALA A 151 -44.60 -63.24 42.41
C ALA A 151 -45.83 -63.34 43.29
N GLU A 152 -46.40 -62.18 43.64
CA GLU A 152 -47.57 -62.15 44.49
C GLU A 152 -48.63 -63.18 44.14
N GLU A 153 -48.72 -63.56 42.87
CA GLU A 153 -49.72 -64.54 42.45
C GLU A 153 -49.37 -65.94 42.91
N ILE A 154 -48.57 -66.05 43.95
CA ILE A 154 -48.17 -67.36 44.43
C ILE A 154 -48.19 -67.35 45.96
N VAL A 155 -48.06 -66.17 46.54
CA VAL A 155 -48.04 -66.07 48.00
C VAL A 155 -49.34 -66.48 48.69
N PRO A 156 -50.49 -66.34 48.01
CA PRO A 156 -51.75 -66.73 48.66
C PRO A 156 -52.05 -68.23 48.52
N LEU A 157 -51.75 -68.77 47.34
CA LEU A 157 -52.00 -70.18 47.07
C LEU A 157 -50.76 -71.06 47.02
N PHE A 158 -49.93 -70.97 48.06
CA PHE A 158 -48.71 -71.76 48.12
C PHE A 158 -48.81 -72.65 49.36
N GLN A 159 -48.52 -73.93 49.19
CA GLN A 159 -48.60 -74.88 50.29
C GLN A 159 -47.23 -75.30 50.82
N VAL A 160 -47.20 -75.59 52.12
CA VAL A 160 -45.97 -76.02 52.80
C VAL A 160 -46.08 -77.44 53.34
N ALA A 161 -45.01 -78.21 53.18
CA ALA A 161 -44.98 -79.58 53.66
C ALA A 161 -44.30 -79.60 55.02
N TRP A 162 -45.09 -79.47 56.08
CA TRP A 162 -44.55 -79.48 57.43
C TRP A 162 -44.06 -80.88 57.79
N ASN A 163 -43.30 -80.96 58.88
CA ASN A 163 -42.77 -82.23 59.35
C ASN A 163 -43.94 -83.05 59.90
N ASP A 164 -44.92 -82.34 60.48
CA ASP A 164 -46.14 -82.94 61.04
C ASP A 164 -47.18 -81.83 61.24
N ALA A 165 -48.29 -81.95 60.50
CA ALA A 165 -49.35 -80.95 60.59
C ALA A 165 -49.78 -80.78 62.04
N ALA A 166 -49.50 -81.79 62.86
CA ALA A 166 -49.88 -81.75 64.28
C ALA A 166 -49.16 -80.60 64.97
N ASN A 167 -47.84 -80.57 64.82
CA ASN A 167 -47.03 -79.54 65.44
C ASN A 167 -46.28 -78.77 64.36
N PRO A 168 -46.93 -77.76 63.73
CA PRO A 168 -46.33 -76.93 62.67
C PRO A 168 -45.03 -76.25 63.08
N ASP A 169 -44.90 -75.94 64.36
CA ASP A 169 -43.70 -75.27 64.84
C ASP A 169 -42.47 -76.16 64.77
N LYS A 170 -42.67 -77.45 64.56
CA LYS A 170 -41.57 -78.40 64.49
C LYS A 170 -40.68 -78.09 63.29
N GLY A 171 -41.25 -77.45 62.27
CA GLY A 171 -40.49 -77.11 61.09
C GLY A 171 -41.15 -77.54 59.80
N PHE A 172 -40.46 -77.37 58.68
CA PHE A 172 -40.97 -77.76 57.37
C PHE A 172 -39.84 -78.26 56.48
N GLN A 173 -40.19 -78.89 55.37
CA GLN A 173 -39.19 -79.41 54.45
C GLN A 173 -39.17 -78.68 53.13
N TYR A 174 -40.34 -78.31 52.61
CA TYR A 174 -40.41 -77.61 51.33
C TYR A 174 -41.78 -77.03 51.03
N LEU A 175 -41.89 -76.26 49.94
CA LEU A 175 -43.17 -75.66 49.57
C LEU A 175 -43.63 -76.29 48.29
N TYR A 176 -44.95 -76.26 48.04
CA TYR A 176 -45.51 -76.88 46.84
C TYR A 176 -46.89 -76.34 46.47
N LEU A 177 -47.37 -76.79 45.32
CA LEU A 177 -48.69 -76.42 44.80
C LEU A 177 -49.51 -77.68 44.60
N THR A 178 -50.79 -77.60 44.96
CA THR A 178 -51.71 -78.73 44.83
C THR A 178 -52.25 -78.80 43.41
N SER A 179 -52.92 -79.90 43.08
CA SER A 179 -53.49 -80.07 41.75
C SER A 179 -54.36 -78.86 41.44
N GLU A 180 -55.07 -78.37 42.46
CA GLU A 180 -55.93 -77.22 42.30
C GLU A 180 -55.08 -75.96 42.10
N GLY A 181 -54.12 -75.76 43.00
CA GLY A 181 -53.24 -74.60 42.92
C GLY A 181 -52.65 -74.46 41.53
N GLU A 183 -53.79 -75.60 38.82
CA GLU A 183 -54.84 -75.33 37.87
C GLU A 183 -55.16 -73.85 37.79
N THR A 184 -55.09 -73.18 38.95
CA THR A 184 -55.37 -71.75 39.03
C THR A 184 -54.42 -70.95 38.14
N LEU A 185 -53.14 -71.35 38.12
CA LEU A 185 -52.15 -70.67 37.31
C LEU A 185 -52.46 -70.88 35.85
N LYS A 186 -52.74 -72.13 35.48
CA LYS A 186 -53.05 -72.49 34.10
C LYS A 186 -54.30 -71.72 33.64
N LYS A 187 -55.17 -71.39 34.59
CA LYS A 187 -56.38 -70.66 34.28
C LYS A 187 -56.06 -69.20 33.99
N PHE A 188 -55.20 -68.61 34.80
CA PHE A 188 -54.81 -67.22 34.62
C PHE A 188 -53.69 -67.14 33.59
N ASP A 189 -53.31 -68.29 33.07
CA ASP A 189 -52.24 -68.42 32.07
C ASP A 189 -50.89 -68.03 32.65
N LYS A 190 -50.79 -68.08 33.97
CA LYS A 190 -49.54 -67.74 34.65
C LYS A 190 -48.83 -69.04 35.07
N GLU A 191 -48.62 -69.94 34.11
CA GLU A 191 -47.97 -71.21 34.40
C GLU A 191 -46.47 -71.04 34.57
N ASN A 192 -45.87 -70.24 33.71
CA ASN A 192 -44.45 -70.00 33.78
C ASN A 192 -44.05 -69.35 35.10
N SER A 193 -45.05 -68.91 35.86
CA SER A 193 -44.82 -68.26 37.14
C SER A 193 -44.03 -69.10 38.14
N VAL A 194 -43.86 -70.38 37.86
CA VAL A 194 -43.13 -71.23 38.77
C VAL A 194 -42.68 -72.55 38.16
N LEU A 195 -41.65 -73.15 38.75
CA LEU A 195 -41.11 -74.42 38.31
C LEU A 195 -41.35 -75.44 39.40
N THR A 196 -42.05 -76.53 39.07
CA THR A 196 -42.35 -77.57 40.06
C THR A 196 -42.01 -78.95 39.55
N GLU A 197 -42.16 -79.93 40.43
CA GLU A 197 -41.92 -81.34 40.12
C GLU A 197 -42.94 -82.18 40.86
N ARG A 198 -43.85 -82.79 40.12
CA ARG A 198 -44.90 -83.62 40.71
C ARG A 198 -44.32 -84.68 41.66
N THR A 199 -44.87 -84.72 42.87
CA THR A 199 -44.42 -85.66 43.88
C THR A 199 -45.61 -86.12 44.71
N VAL A 200 -45.80 -87.44 44.80
CA VAL A 200 -46.92 -88.00 45.55
C VAL A 200 -46.49 -88.52 46.92
N ILE A 201 -47.41 -88.43 47.87
CA ILE A 201 -47.16 -88.92 49.22
C ILE A 201 -48.35 -89.75 49.65
N ASN A 202 -48.44 -90.06 50.95
CA ASN A 202 -49.55 -90.82 51.49
C ASN A 202 -50.89 -90.29 50.99
N GLY A 203 -50.87 -89.07 50.44
CA GLY A 203 -52.08 -88.47 49.94
C GLY A 203 -52.12 -88.56 48.43
N GLU A 204 -52.22 -87.39 47.80
CA GLU A 204 -52.26 -87.29 46.34
C GLU A 204 -50.91 -86.77 45.82
N GLU A 205 -50.96 -85.91 44.80
CA GLU A 205 -49.75 -85.35 44.23
C GLU A 205 -49.53 -83.97 44.82
N ARG A 206 -48.27 -83.61 45.01
CA ARG A 206 -47.92 -82.32 45.57
C ARG A 206 -46.78 -81.69 44.77
N PHE A 207 -47.14 -80.85 43.79
CA PHE A 207 -46.14 -80.18 42.95
C PHE A 207 -45.19 -79.30 43.74
N VAL A 208 -44.00 -79.84 44.00
CA VAL A 208 -42.98 -79.14 44.76
C VAL A 208 -42.38 -78.01 43.93
N ILE A 209 -42.47 -76.79 44.45
CA ILE A 209 -41.92 -75.63 43.75
C ILE A 209 -40.42 -75.52 43.96
N LYS A 210 -39.68 -75.61 42.86
CA LYS A 210 -38.22 -75.54 42.91
C LYS A 210 -37.70 -74.13 42.66
N THR A 211 -38.50 -73.33 41.94
CA THR A 211 -38.15 -71.97 41.61
C THR A 211 -39.36 -71.13 41.26
N ILE A 212 -39.41 -69.92 41.82
CA ILE A 212 -40.51 -69.00 41.56
C ILE A 212 -40.00 -67.91 40.63
N ILE A 213 -40.71 -67.71 39.52
CA ILE A 213 -40.33 -66.70 38.53
C ILE A 213 -41.24 -65.48 38.54
N GLY A 214 -42.54 -65.73 38.57
CA GLY A 214 -43.51 -64.65 38.62
C GLY A 214 -43.88 -64.18 37.24
N SER A 215 -45.13 -63.79 37.08
CA SER A 215 -45.61 -63.31 35.79
C SER A 215 -45.35 -61.82 35.62
N GLU A 216 -45.09 -61.13 36.72
CA GLU A 216 -44.84 -59.70 36.65
C GLU A 216 -43.37 -59.47 36.32
N ASP A 217 -43.09 -58.42 35.57
CA ASP A 217 -41.71 -58.10 35.18
C ASP A 217 -41.14 -57.03 36.12
N GLY A 218 -39.92 -57.21 36.59
CA GLY A 218 -39.35 -56.20 37.45
C GLY A 218 -39.25 -56.64 38.89
N LEU A 219 -39.13 -57.95 39.11
CA LEU A 219 -39.03 -58.46 40.47
C LEU A 219 -37.60 -58.46 41.00
N GLY A 220 -36.64 -58.87 40.17
CA GLY A 220 -35.27 -58.92 40.63
C GLY A 220 -34.15 -58.70 39.61
N VAL A 221 -33.46 -59.79 39.25
CA VAL A 221 -32.33 -59.72 38.32
C VAL A 221 -32.58 -58.95 37.05
N GLU A 222 -33.80 -58.96 36.55
CA GLU A 222 -34.09 -58.23 35.32
C GLU A 222 -33.91 -56.74 35.59
N CYS A 223 -34.06 -56.33 36.84
CA CYS A 223 -33.93 -54.92 37.17
C CYS A 223 -32.45 -54.59 37.31
N LEU A 224 -31.67 -55.60 37.70
CA LEU A 224 -30.24 -55.42 37.85
C LEU A 224 -29.60 -55.30 36.47
N ARG A 225 -30.15 -56.00 35.48
CA ARG A 225 -29.62 -55.90 34.12
C ARG A 225 -29.95 -54.51 33.59
N GLY A 226 -31.18 -54.07 33.75
CA GLY A 226 -31.56 -52.74 33.28
C GLY A 226 -30.65 -51.66 33.86
N SER A 227 -30.24 -51.85 35.12
CA SER A 227 -29.37 -50.89 35.80
C SER A 227 -28.01 -50.90 35.17
N GLY A 228 -27.46 -52.09 34.99
CA GLY A 228 -26.16 -52.18 34.37
C GLY A 228 -26.17 -51.52 32.99
N LEU A 229 -27.25 -51.74 32.24
CA LEU A 229 -27.40 -51.20 30.91
C LEU A 229 -27.22 -49.70 30.90
N ILE A 230 -28.06 -49.03 31.70
CA ILE A 230 -28.04 -47.57 31.80
C ILE A 230 -26.77 -47.05 32.50
N ALA A 231 -26.20 -47.86 33.39
CA ALA A 231 -24.95 -47.51 34.06
C ALA A 231 -23.84 -47.42 32.97
N GLY A 232 -23.67 -48.48 32.21
CA GLY A 232 -22.64 -48.43 31.21
C GLY A 232 -23.00 -47.47 30.10
N ALA A 233 -24.29 -47.21 29.92
CA ALA A 233 -24.73 -46.29 28.85
C ALA A 233 -24.35 -44.87 29.26
N THR A 234 -24.54 -44.53 30.53
CA THR A 234 -24.22 -43.22 31.02
C THR A 234 -22.72 -43.01 30.99
N SER A 235 -22.01 -44.06 31.33
CA SER A 235 -20.56 -43.99 31.31
C SER A 235 -20.05 -43.59 29.92
N ARG A 236 -20.59 -44.23 28.90
CA ARG A 236 -20.19 -43.92 27.55
C ARG A 236 -20.62 -42.49 27.21
N ALA A 237 -21.84 -42.14 27.63
CA ALA A 237 -22.39 -40.83 27.34
C ALA A 237 -21.45 -39.73 27.78
N TYR A 238 -20.92 -39.88 28.99
CA TYR A 238 -20.01 -38.93 29.55
C TYR A 238 -18.82 -38.66 28.66
N HIS A 239 -18.34 -39.65 27.92
CA HIS A 239 -17.18 -39.40 27.08
C HIS A 239 -17.61 -38.95 25.70
N ASP A 240 -18.92 -38.91 25.47
CA ASP A 240 -19.48 -38.60 24.16
C ASP A 240 -20.14 -37.23 24.09
N ILE A 241 -21.05 -36.99 25.01
CA ILE A 241 -21.76 -35.73 25.04
C ILE A 241 -21.66 -35.14 26.43
N PHE A 242 -22.23 -33.94 26.59
CA PHE A 242 -22.28 -33.20 27.86
C PHE A 242 -23.36 -33.82 28.75
N THR A 243 -22.95 -34.30 29.91
CA THR A 243 -23.86 -34.95 30.82
C THR A 243 -23.89 -34.22 32.12
N ILE A 244 -25.11 -34.08 32.64
CA ILE A 244 -25.36 -33.41 33.90
C ILE A 244 -26.60 -33.99 34.60
N THR A 245 -26.54 -34.01 35.93
CA THR A 245 -27.64 -34.53 36.72
C THR A 245 -28.10 -33.59 37.83
N LEU A 246 -29.40 -33.54 38.03
CA LEU A 246 -30.00 -32.71 39.06
C LEU A 246 -30.82 -33.57 39.99
N VAL A 247 -30.43 -33.66 41.26
CA VAL A 247 -31.22 -34.44 42.21
C VAL A 247 -32.40 -33.58 42.71
N THR A 248 -33.59 -33.87 42.22
CA THR A 248 -34.73 -33.07 42.60
C THR A 248 -35.48 -33.55 43.82
N CYS A 249 -35.59 -34.86 44.03
CA CYS A 249 -36.31 -35.33 45.23
C CYS A 249 -35.51 -36.26 46.09
N ARG A 250 -34.79 -37.16 45.42
CA ARG A 250 -33.93 -38.13 46.06
C ARG A 250 -33.52 -39.11 44.99
N SER A 251 -32.33 -39.66 45.12
CA SER A 251 -31.79 -40.60 44.15
C SER A 251 -31.28 -41.79 44.95
N VAL A 252 -31.82 -42.95 44.68
CA VAL A 252 -31.45 -44.13 45.43
C VAL A 252 -30.84 -45.21 44.55
N GLY A 253 -29.95 -46.01 45.12
CA GLY A 253 -29.36 -47.10 44.38
C GLY A 253 -28.81 -46.71 43.02
N ILE A 254 -29.28 -47.41 41.98
CA ILE A 254 -28.83 -47.13 40.62
C ILE A 254 -28.96 -45.63 40.35
N GLY A 255 -29.91 -44.98 41.02
CA GLY A 255 -30.12 -43.55 40.84
C GLY A 255 -28.96 -42.73 41.38
N ALA A 256 -28.45 -43.11 42.54
CA ALA A 256 -27.33 -42.38 43.08
C ALA A 256 -26.08 -42.66 42.24
N TYR A 257 -25.96 -43.90 41.78
CA TYR A 257 -24.81 -44.32 40.97
C TYR A 257 -24.79 -43.51 39.68
N LEU A 258 -25.93 -43.37 39.03
CA LEU A 258 -25.99 -42.61 37.82
C LEU A 258 -25.54 -41.16 38.00
N VAL A 259 -25.76 -40.62 39.20
CA VAL A 259 -25.34 -39.25 39.48
C VAL A 259 -23.84 -39.14 39.26
N ARG A 260 -23.10 -40.09 39.80
CA ARG A 260 -21.65 -40.12 39.68
C ARG A 260 -21.19 -40.43 38.24
N LEU A 261 -21.87 -41.36 37.59
CA LEU A 261 -21.53 -41.74 36.23
C LEU A 261 -21.68 -40.55 35.29
N GLY A 262 -22.65 -39.70 35.55
CA GLY A 262 -22.82 -38.54 34.69
C GLY A 262 -21.85 -37.44 35.09
N GLN A 263 -21.15 -37.68 36.20
CA GLN A 263 -20.14 -36.77 36.77
C GLN A 263 -20.71 -35.40 37.26
N ARG A 264 -20.93 -34.49 36.30
CA ARG A 264 -21.44 -33.16 36.64
C ARG A 264 -22.84 -33.30 37.26
N ALA A 265 -22.96 -32.91 38.53
CA ALA A 265 -24.23 -33.01 39.25
C ALA A 265 -24.55 -31.83 40.20
N ILE A 266 -25.82 -31.45 40.21
CA ILE A 266 -26.31 -30.37 41.05
C ILE A 266 -27.40 -30.96 41.96
N GLN A 267 -27.19 -30.80 43.26
CA GLN A 267 -28.14 -31.34 44.25
C GLN A 267 -28.99 -30.28 44.92
N VAL A 268 -30.30 -30.43 44.85
CA VAL A 268 -31.19 -29.46 45.48
C VAL A 268 -31.23 -29.73 46.99
N GLU A 269 -31.11 -28.69 47.80
CA GLU A 269 -31.12 -28.86 49.24
C GLU A 269 -32.33 -29.61 49.73
N GLY A 270 -32.08 -30.59 50.61
CA GLY A 270 -33.16 -31.39 51.16
C GLY A 270 -33.37 -32.69 50.42
N GLN A 271 -32.92 -32.75 49.17
CA GLN A 271 -33.05 -33.96 48.34
C GLN A 271 -31.77 -34.78 48.48
N PRO A 272 -31.84 -35.90 49.21
CA PRO A 272 -30.70 -36.79 49.46
C PRO A 272 -30.30 -37.77 48.37
N ILE A 273 -29.02 -38.12 48.37
CA ILE A 273 -28.47 -39.08 47.42
C ILE A 273 -28.15 -40.29 48.27
N ILE A 274 -28.98 -41.32 48.18
CA ILE A 274 -28.82 -42.53 48.99
C ILE A 274 -28.42 -43.78 48.21
N LEU A 275 -27.32 -44.41 48.63
CA LEU A 275 -26.89 -45.63 47.96
C LEU A 275 -27.70 -46.80 48.50
N THR A 276 -27.75 -46.87 49.83
CA THR A 276 -28.50 -47.92 50.52
C THR A 276 -29.38 -47.26 51.58
N GLY A 277 -30.59 -47.79 51.74
CA GLY A 277 -31.48 -47.22 52.74
C GLY A 277 -30.88 -47.09 54.13
N ALA A 278 -31.14 -45.95 54.77
CA ALA A 278 -30.65 -45.67 56.13
C ALA A 278 -31.23 -46.69 57.12
N PRO A 279 -32.55 -46.93 57.08
CA PRO A 279 -33.15 -47.90 58.01
C PRO A 279 -32.46 -49.27 57.92
N ALA A 280 -32.11 -49.67 56.69
CA ALA A 280 -31.44 -50.94 56.45
C ALA A 280 -30.00 -50.88 56.99
N ILE A 281 -29.40 -49.69 56.90
CA ILE A 281 -28.03 -49.48 57.39
C ILE A 281 -27.96 -49.63 58.91
N ASN A 282 -29.03 -49.23 59.60
CA ASN A 282 -29.07 -49.33 61.06
C ASN A 282 -29.14 -50.80 61.45
N LYS A 283 -29.58 -51.64 60.51
CA LYS A 283 -29.68 -53.06 60.77
C LYS A 283 -28.32 -53.74 60.60
N LEU A 285 -25.62 -52.28 61.25
CA LEU A 285 -24.79 -51.57 62.22
C LEU A 285 -25.28 -51.92 63.63
N GLY A 286 -26.36 -52.69 63.71
CA GLY A 286 -26.90 -53.07 65.00
C GLY A 286 -27.90 -52.11 65.59
N ARG A 287 -27.41 -51.13 66.34
CA ARG A 287 -28.27 -50.14 66.97
C ARG A 287 -28.61 -48.98 66.01
N GLU A 288 -29.55 -48.13 66.42
CA GLU A 288 -29.98 -46.97 65.64
C GLU A 288 -28.87 -45.92 65.63
N VAL A 289 -28.17 -45.79 64.51
CA VAL A 289 -27.09 -44.82 64.40
C VAL A 289 -27.52 -43.54 63.70
N TYR A 290 -28.32 -43.69 62.63
CA TYR A 290 -28.81 -42.56 61.86
C TYR A 290 -30.32 -42.41 61.99
N THR A 291 -30.77 -41.15 62.01
CA THR A 291 -32.19 -40.83 62.14
C THR A 291 -32.85 -40.54 60.80
N SER A 292 -32.24 -39.66 60.02
CA SER A 292 -32.78 -39.29 58.72
C SER A 292 -31.79 -39.61 57.61
N ASN A 293 -32.29 -39.71 56.37
CA ASN A 293 -31.45 -39.99 55.21
C ASN A 293 -30.59 -38.79 54.84
N LEU A 294 -31.08 -37.59 55.17
CA LEU A 294 -30.36 -36.37 54.87
C LEU A 294 -28.98 -36.40 55.52
N GLN A 295 -28.89 -37.04 56.68
CA GLN A 295 -27.64 -37.14 57.41
C GLN A 295 -26.64 -38.00 56.64
N LEU A 296 -27.14 -38.74 55.65
CA LEU A 296 -26.29 -39.61 54.84
C LEU A 296 -26.01 -38.99 53.48
N GLY A 297 -27.05 -38.86 52.66
CA GLY A 297 -26.87 -38.30 51.33
C GLY A 297 -27.32 -36.87 51.22
N GLY A 298 -27.21 -36.12 52.31
CA GLY A 298 -27.61 -34.73 52.30
C GLY A 298 -26.60 -33.86 51.59
N THR A 299 -26.99 -32.62 51.28
CA THR A 299 -26.11 -31.69 50.59
C THR A 299 -24.83 -31.42 51.41
N GLN A 300 -24.98 -31.43 52.74
CA GLN A 300 -23.85 -31.18 53.63
C GLN A 300 -22.91 -32.36 53.64
N ILE A 301 -23.15 -33.31 52.74
CA ILE A 301 -22.30 -34.47 52.69
C ILE A 301 -21.79 -34.68 51.25
N TYR A 303 -22.07 -32.59 48.69
CA TYR A 303 -21.45 -31.37 48.20
C TYR A 303 -20.06 -31.18 48.78
N ASN A 304 -19.87 -31.66 50.02
CA ASN A 304 -18.57 -31.52 50.67
C ASN A 304 -17.57 -32.55 50.22
N ASN A 305 -18.07 -33.70 49.75
CA ASN A 305 -17.19 -34.75 49.27
C ASN A 305 -16.87 -34.61 47.80
N GLY A 306 -17.56 -33.72 47.12
CA GLY A 306 -17.27 -33.51 45.72
C GLY A 306 -18.23 -34.22 44.77
N VAL A 307 -19.13 -35.04 45.28
CA VAL A 307 -20.09 -35.72 44.41
C VAL A 307 -21.06 -34.73 43.79
N SER A 308 -21.49 -33.76 44.60
CA SER A 308 -22.39 -32.71 44.12
C SER A 308 -21.53 -31.52 43.75
N HIS A 309 -21.38 -31.28 42.45
CA HIS A 309 -20.58 -30.16 42.02
C HIS A 309 -21.18 -28.86 42.49
N LEU A 310 -22.49 -28.82 42.59
CA LEU A 310 -23.18 -27.61 43.02
C LEU A 310 -24.47 -27.98 43.74
N THR A 311 -25.02 -27.04 44.51
CA THR A 311 -26.27 -27.25 45.22
C THR A 311 -27.24 -26.16 44.76
N ALA A 312 -28.53 -26.38 44.96
CA ALA A 312 -29.54 -25.40 44.55
C ALA A 312 -30.56 -25.26 45.65
N VAL A 313 -30.97 -24.03 45.93
CA VAL A 313 -31.93 -23.75 46.98
C VAL A 313 -33.25 -24.47 46.75
N ASP A 314 -33.58 -24.65 45.47
CA ASP A 314 -34.81 -25.32 45.04
C ASP A 314 -34.67 -25.82 43.59
N ASP A 315 -35.70 -26.46 43.06
CA ASP A 315 -35.65 -26.93 41.68
C ASP A 315 -35.34 -25.86 40.59
N LEU A 316 -36.05 -24.73 40.65
CA LEU A 316 -35.82 -23.71 39.65
C LEU A 316 -34.39 -23.19 39.71
N ALA A 317 -33.84 -23.12 40.91
CA ALA A 317 -32.47 -22.67 41.04
C ALA A 317 -31.63 -23.74 40.38
N GLY A 318 -32.02 -25.00 40.58
CA GLY A 318 -31.29 -26.09 39.96
C GLY A 318 -31.23 -25.96 38.45
N VAL A 319 -32.38 -25.75 37.83
CA VAL A 319 -32.47 -25.61 36.37
C VAL A 319 -31.62 -24.45 35.87
N GLU A 320 -31.61 -23.36 36.62
CA GLU A 320 -30.84 -22.17 36.25
C GLU A 320 -29.35 -22.50 36.23
N LYS A 321 -28.89 -23.18 37.28
CA LYS A 321 -27.50 -23.59 37.35
C LYS A 321 -27.16 -24.46 36.10
N ILE A 322 -28.07 -25.36 35.70
CA ILE A 322 -27.87 -26.21 34.53
C ILE A 322 -27.77 -25.34 33.26
N VAL A 323 -28.74 -24.44 33.10
CA VAL A 323 -28.79 -23.52 31.97
C VAL A 323 -27.53 -22.65 31.88
N GLU A 324 -27.11 -22.12 33.02
CA GLU A 324 -25.92 -21.28 33.06
C GLU A 324 -24.68 -22.08 32.73
N TRP A 325 -24.61 -23.32 33.20
CA TRP A 325 -23.49 -24.20 32.93
C TRP A 325 -23.35 -24.46 31.41
N SER A 327 -24.15 -22.66 29.01
CA SER A 327 -23.76 -21.49 28.23
C SER A 327 -22.27 -21.55 27.84
N TYR A 328 -21.51 -22.37 28.54
CA TYR A 328 -20.10 -22.48 28.22
C TYR A 328 -19.80 -23.62 27.27
N VAL A 329 -20.76 -24.51 27.08
CA VAL A 329 -20.57 -25.69 26.23
C VAL A 329 -21.19 -25.52 24.86
N PRO A 330 -20.60 -26.17 23.87
CA PRO A 330 -21.07 -26.12 22.48
C PRO A 330 -22.44 -26.68 22.28
N ALA A 331 -23.10 -26.20 21.21
CA ALA A 331 -24.46 -26.67 20.89
C ALA A 331 -24.37 -28.23 20.80
N LYS A 332 -23.20 -28.72 20.42
CA LYS A 332 -23.04 -30.19 20.23
C LYS A 332 -21.66 -30.66 20.00
N ARG A 333 -21.52 -31.97 20.14
CA ARG A 333 -20.19 -32.56 19.91
C ARG A 333 -19.46 -31.99 18.70
N ASN A 334 -18.18 -31.81 18.91
CA ASN A 334 -17.36 -31.33 17.84
C ASN A 334 -17.67 -29.98 17.29
N PRO A 336 -17.60 -25.79 17.57
CA PRO A 336 -16.82 -24.68 18.14
C PRO A 336 -17.39 -24.25 19.48
N VAL A 337 -16.55 -24.06 20.48
CA VAL A 337 -17.07 -23.62 21.76
C VAL A 337 -17.80 -22.26 21.58
N PRO A 338 -18.96 -22.10 22.27
CA PRO A 338 -19.91 -20.97 22.31
C PRO A 338 -19.20 -19.62 22.61
N ILE A 339 -18.93 -18.88 21.56
CA ILE A 339 -18.23 -17.66 21.75
C ILE A 339 -19.20 -16.58 22.20
N LEU A 340 -18.89 -15.81 23.26
CA LEU A 340 -19.83 -14.78 23.76
C LEU A 340 -19.30 -13.47 24.32
N GLU A 341 -19.20 -12.45 23.49
CA GLU A 341 -18.69 -11.15 23.91
C GLU A 341 -19.65 -10.29 24.72
N THR A 342 -19.13 -9.75 25.82
CA THR A 342 -19.92 -8.86 26.69
C THR A 342 -19.26 -7.47 26.82
N LYS A 343 -19.81 -6.61 27.69
CA LYS A 343 -19.25 -5.24 27.87
C LYS A 343 -17.77 -5.22 28.19
N ASP A 344 -17.29 -6.29 28.81
CA ASP A 344 -15.88 -6.37 29.15
C ASP A 344 -15.02 -6.88 27.97
N THR A 345 -14.62 -5.94 27.13
CA THR A 345 -13.78 -6.19 25.98
C THR A 345 -12.45 -6.84 26.35
N TRP A 346 -11.74 -7.35 25.36
CA TRP A 346 -10.45 -7.99 25.61
C TRP A 346 -9.34 -6.98 25.78
N ASP A 347 -9.46 -5.85 25.09
CA ASP A 347 -8.43 -4.81 25.10
C ASP A 347 -8.43 -3.97 26.37
N ARG A 348 -7.72 -4.42 27.38
CA ARG A 348 -7.63 -3.70 28.64
C ARG A 348 -6.63 -4.43 29.51
N PRO A 349 -5.97 -3.71 30.40
CA PRO A 349 -4.97 -4.31 31.30
C PRO A 349 -5.66 -5.07 32.40
N VAL A 350 -4.89 -5.74 33.24
CA VAL A 350 -5.49 -6.48 34.34
C VAL A 350 -5.27 -5.64 35.58
N ASP A 351 -6.36 -5.16 36.18
CA ASP A 351 -6.26 -4.33 37.37
C ASP A 351 -5.74 -5.06 38.58
N PHE A 352 -6.54 -5.96 39.16
CA PHE A 352 -6.09 -6.68 40.35
C PHE A 352 -4.72 -7.31 40.17
N THR A 353 -3.89 -7.21 41.21
CA THR A 353 -2.53 -7.77 41.15
C THR A 353 -2.09 -8.20 42.54
N PRO A 354 -1.77 -9.49 42.70
CA PRO A 354 -1.33 -9.98 44.03
C PRO A 354 0.04 -9.44 44.44
N THR A 355 0.24 -9.33 45.76
CA THR A 355 1.49 -8.86 46.35
C THR A 355 1.97 -9.84 47.41
N ASN A 356 3.28 -10.09 47.45
CA ASN A 356 3.83 -11.02 48.45
C ASN A 356 3.52 -10.58 49.88
N ASP A 357 3.26 -9.29 50.06
CA ASP A 357 2.98 -8.78 51.37
C ASP A 357 1.48 -8.59 51.53
N GLU A 358 0.70 -9.56 51.05
CA GLU A 358 -0.74 -9.46 51.21
C GLU A 358 -1.57 -10.62 50.71
N THR A 359 -2.30 -11.21 51.64
CA THR A 359 -3.21 -12.29 51.37
C THR A 359 -4.18 -11.85 50.28
N TYR A 360 -4.57 -12.78 49.42
CA TYR A 360 -5.51 -12.49 48.34
C TYR A 360 -6.32 -13.73 48.03
N ASP A 361 -7.39 -13.54 47.27
CA ASP A 361 -8.25 -14.66 46.88
C ASP A 361 -8.01 -14.86 45.38
N VAL A 362 -7.54 -16.05 44.99
CA VAL A 362 -7.26 -16.35 43.57
C VAL A 362 -8.39 -15.88 42.67
N ARG A 363 -9.62 -16.01 43.16
CA ARG A 363 -10.78 -15.58 42.41
C ARG A 363 -10.67 -14.11 41.95
N TRP A 364 -10.01 -13.29 42.77
CA TRP A 364 -9.86 -11.89 42.40
C TRP A 364 -9.02 -11.79 41.13
N ILE A 366 -8.95 -14.12 38.81
CA ILE A 366 -9.78 -14.73 37.79
C ILE A 366 -10.83 -13.74 37.27
N GLU A 367 -11.82 -13.43 38.10
CA GLU A 367 -12.91 -12.54 37.71
C GLU A 367 -12.70 -11.09 38.13
N GLY A 368 -11.94 -10.90 39.19
CA GLY A 368 -11.70 -9.56 39.65
C GLY A 368 -12.34 -9.31 41.02
N ARG A 369 -11.96 -8.19 41.62
CA ARG A 369 -12.45 -7.81 42.94
C ARG A 369 -13.18 -6.48 42.88
N GLU A 370 -14.08 -6.26 43.83
CA GLU A 370 -14.81 -5.00 43.88
C GLU A 370 -14.37 -4.19 45.10
N THR A 371 -13.54 -3.18 44.87
CA THR A 371 -13.02 -2.32 45.93
C THR A 371 -13.97 -1.17 46.29
N GLU A 372 -13.61 -0.41 47.32
CA GLU A 372 -14.43 0.71 47.76
C GLU A 372 -14.37 1.84 46.73
N SER A 373 -13.32 1.86 45.94
CA SER A 373 -13.16 2.90 44.93
C SER A 373 -13.20 2.34 43.51
N GLY A 374 -14.29 1.66 43.16
CA GLY A 374 -14.43 1.09 41.83
C GLY A 374 -14.32 -0.45 41.79
N PHE A 375 -14.11 -0.98 40.59
CA PHE A 375 -14.00 -2.42 40.42
C PHE A 375 -12.69 -2.74 39.71
N GLU A 376 -11.89 -3.62 40.33
CA GLU A 376 -10.62 -4.05 39.72
C GLU A 376 -10.90 -5.26 38.82
N TYR A 377 -10.69 -5.07 37.53
CA TYR A 377 -10.92 -6.13 36.57
C TYR A 377 -9.85 -7.21 36.73
N GLY A 378 -10.24 -8.46 36.49
CA GLY A 378 -9.30 -9.56 36.59
C GLY A 378 -8.82 -9.98 35.21
N LEU A 379 -8.35 -11.21 35.12
CA LEU A 379 -7.85 -11.73 33.86
C LEU A 379 -9.01 -12.05 32.91
N PHE A 380 -10.11 -12.61 33.42
CA PHE A 380 -11.24 -12.95 32.58
C PHE A 380 -12.40 -11.97 32.63
N ASP A 381 -13.33 -12.10 31.67
CA ASP A 381 -14.51 -11.25 31.57
C ASP A 381 -15.25 -11.13 32.88
N LYS A 382 -15.67 -9.91 33.17
CA LYS A 382 -16.37 -9.62 34.40
C LYS A 382 -17.65 -10.44 34.56
N GLY A 383 -17.77 -11.09 35.72
CA GLY A 383 -18.91 -11.92 36.03
C GLY A 383 -19.08 -13.13 35.11
N SER A 384 -18.00 -13.58 34.48
CA SER A 384 -18.08 -14.72 33.58
C SER A 384 -17.60 -15.99 34.26
N PHE A 385 -17.08 -15.85 35.47
CA PHE A 385 -16.57 -16.99 36.20
C PHE A 385 -17.69 -17.79 36.85
N PHE A 386 -17.77 -19.07 36.50
CA PHE A 386 -18.80 -19.97 37.04
C PHE A 386 -18.07 -21.12 37.73
N GLU A 387 -17.86 -20.98 39.03
CA GLU A 387 -17.13 -22.00 39.77
C GLU A 387 -17.96 -23.23 40.06
N THR A 388 -17.30 -24.39 40.09
CA THR A 388 -17.98 -25.65 40.38
C THR A 388 -17.14 -26.46 41.37
N LEU A 389 -17.76 -27.43 42.03
CA LEU A 389 -17.08 -28.26 43.03
C LEU A 389 -16.53 -27.36 44.14
N SER A 390 -17.26 -26.26 44.37
CA SER A 390 -16.89 -25.26 45.36
C SER A 390 -16.97 -25.72 46.83
N GLY A 391 -17.57 -26.87 47.08
CA GLY A 391 -17.66 -27.35 48.47
C GLY A 391 -16.71 -28.47 48.82
N TRP A 392 -15.80 -28.81 47.93
CA TRP A 392 -14.89 -29.90 48.17
C TRP A 392 -13.50 -29.51 47.74
N ALA A 393 -12.47 -29.98 48.46
CA ALA A 393 -11.09 -29.70 48.10
C ALA A 393 -10.88 -28.23 47.81
N LYS A 394 -11.25 -27.39 48.79
CA LYS A 394 -11.15 -25.94 48.66
C LYS A 394 -9.74 -25.49 48.29
N GLY A 395 -8.80 -26.41 48.43
CA GLY A 395 -7.42 -26.12 48.12
C GLY A 395 -7.23 -25.65 46.69
N VAL A 396 -8.09 -26.10 45.77
CA VAL A 396 -7.95 -25.66 44.38
C VAL A 396 -9.29 -25.15 43.91
N VAL A 397 -9.25 -24.14 43.01
CA VAL A 397 -10.48 -23.55 42.50
C VAL A 397 -10.70 -23.86 41.02
N VAL A 398 -11.83 -24.49 40.73
CA VAL A 398 -12.12 -24.82 39.35
C VAL A 398 -13.43 -24.14 38.94
N GLY A 399 -13.48 -23.74 37.65
CA GLY A 399 -14.66 -23.12 37.06
C GLY A 399 -14.54 -22.81 35.55
N ARG A 400 -15.66 -22.37 34.97
CA ARG A 400 -15.68 -21.95 33.55
C ARG A 400 -15.56 -20.42 33.62
N ALA A 401 -15.16 -19.78 32.54
CA ALA A 401 -14.98 -18.33 32.51
C ALA A 401 -14.86 -18.00 31.06
N ARG A 402 -14.70 -16.72 30.78
CA ARG A 402 -14.58 -16.25 29.43
C ARG A 402 -13.41 -15.29 29.26
N LEU A 403 -12.71 -15.42 28.13
CA LEU A 403 -11.56 -14.59 27.80
C LEU A 403 -11.94 -13.75 26.56
N GLY A 404 -12.57 -12.61 26.80
CA GLY A 404 -12.99 -11.78 25.68
C GLY A 404 -14.06 -12.49 24.86
N GLY A 405 -14.85 -13.30 25.57
CA GLY A 405 -15.95 -14.04 24.96
C GLY A 405 -15.66 -15.52 24.76
N ILE A 406 -14.38 -15.84 24.73
CA ILE A 406 -13.94 -17.22 24.53
C ILE A 406 -14.12 -18.01 25.81
N PRO A 407 -15.02 -19.00 25.80
CA PRO A 407 -15.27 -19.82 26.99
C PRO A 407 -14.13 -20.83 27.21
N LEU A 408 -13.75 -20.98 28.47
CA LEU A 408 -12.70 -21.92 28.81
C LEU A 408 -12.77 -22.38 30.28
N GLY A 409 -12.16 -23.53 30.58
CA GLY A 409 -12.16 -24.03 31.95
C GLY A 409 -10.96 -23.44 32.66
N VAL A 410 -11.12 -23.13 33.94
CA VAL A 410 -10.01 -22.52 34.65
C VAL A 410 -9.77 -23.21 35.98
N ILE A 411 -8.51 -23.41 36.35
CA ILE A 411 -8.14 -24.01 37.63
C ILE A 411 -7.07 -23.12 38.23
N GLY A 412 -7.26 -22.74 39.50
CA GLY A 412 -6.30 -21.91 40.21
C GLY A 412 -6.03 -22.44 41.61
N VAL A 413 -4.87 -22.08 42.15
CA VAL A 413 -4.46 -22.53 43.49
C VAL A 413 -4.91 -21.53 44.56
N GLU A 414 -5.57 -22.06 45.59
CA GLU A 414 -6.04 -21.27 46.74
C GLU A 414 -4.88 -21.04 47.73
N THR A 415 -4.34 -19.83 47.73
CA THR A 415 -3.25 -19.47 48.61
C THR A 415 -3.69 -19.45 50.07
N ARG A 416 -4.90 -18.99 50.35
CA ARG A 416 -5.39 -18.95 51.74
C ARG A 416 -5.48 -20.35 52.35
N THR A 417 -5.33 -20.42 53.66
CA THR A 417 -5.36 -21.72 54.33
C THR A 417 -6.78 -22.24 54.47
N VAL A 418 -7.00 -23.45 53.97
CA VAL A 418 -8.33 -24.06 54.03
C VAL A 418 -8.58 -24.68 55.41
N GLU A 419 -9.81 -24.54 55.89
CA GLU A 419 -10.17 -25.05 57.20
C GLU A 419 -11.26 -26.11 57.10
N ASN A 420 -10.93 -27.26 56.54
CA ASN A 420 -11.87 -28.34 56.36
C ASN A 420 -12.18 -29.02 57.70
N LEU A 421 -13.38 -28.80 58.21
CA LEU A 421 -13.79 -29.40 59.48
C LEU A 421 -14.59 -30.67 59.24
N ILE A 422 -13.95 -31.83 59.47
CA ILE A 422 -14.61 -33.12 59.29
C ILE A 422 -15.58 -33.43 60.43
N PRO A 423 -16.87 -33.58 60.12
CA PRO A 423 -17.87 -33.88 61.15
C PRO A 423 -17.52 -35.12 62.00
N ALA A 424 -18.16 -35.23 63.16
CA ALA A 424 -17.92 -36.35 64.05
C ALA A 424 -18.22 -37.66 63.34
N ASP A 425 -17.85 -38.79 63.96
CA ASP A 425 -18.12 -40.10 63.37
C ASP A 425 -19.29 -40.77 64.09
N PRO A 426 -20.44 -40.91 63.41
CA PRO A 426 -21.62 -41.54 64.01
C PRO A 426 -21.43 -43.01 64.42
N ALA A 427 -20.71 -43.77 63.60
CA ALA A 427 -20.44 -45.19 63.86
C ALA A 427 -19.41 -45.38 64.97
N ASN A 428 -19.28 -44.37 65.83
CA ASN A 428 -18.33 -44.43 66.94
C ASN A 428 -18.61 -43.32 67.97
N PRO A 429 -19.41 -43.62 69.02
CA PRO A 429 -19.76 -42.66 70.08
C PRO A 429 -18.56 -41.98 70.77
N ASN A 430 -17.35 -42.40 70.43
CA ASN A 430 -16.13 -41.84 71.01
C ASN A 430 -15.55 -40.69 70.17
N SER A 431 -15.39 -40.94 68.88
CA SER A 431 -14.84 -39.95 67.94
C SER A 431 -15.77 -38.74 67.73
N ALA A 432 -15.19 -37.55 67.71
CA ALA A 432 -15.95 -36.31 67.53
C ALA A 432 -15.49 -35.53 66.29
N GLU A 433 -15.81 -34.24 66.24
CA GLU A 433 -15.40 -33.41 65.11
C GLU A 433 -13.89 -33.32 65.04
N THR A 434 -13.38 -33.20 63.82
CA THR A 434 -11.95 -33.09 63.57
C THR A 434 -11.68 -31.98 62.54
N LEU A 435 -10.93 -30.96 62.97
CA LEU A 435 -10.56 -29.84 62.10
C LEU A 435 -9.28 -30.17 61.33
N ILE A 436 -9.31 -29.94 60.02
CA ILE A 436 -8.15 -30.21 59.18
C ILE A 436 -7.56 -28.93 58.64
N GLN A 437 -6.24 -28.87 58.58
CA GLN A 437 -5.54 -27.70 58.07
C GLN A 437 -4.93 -27.99 56.72
N GLU A 438 -5.50 -27.41 55.67
CA GLU A 438 -4.97 -27.62 54.31
C GLU A 438 -4.17 -26.39 53.87
N PRO A 439 -2.83 -26.43 54.01
CA PRO A 439 -1.98 -25.30 53.61
C PRO A 439 -2.17 -24.86 52.16
N GLY A 440 -1.93 -23.59 51.89
CA GLY A 440 -2.07 -23.08 50.54
C GLY A 440 -0.91 -23.48 49.65
N GLN A 441 -1.15 -23.55 48.34
CA GLN A 441 -0.11 -23.91 47.39
C GLN A 441 0.49 -25.28 47.66
N VAL A 442 -0.21 -26.05 48.49
CA VAL A 442 0.22 -27.41 48.84
C VAL A 442 -0.81 -28.45 48.35
N TRP A 443 -0.32 -29.40 47.58
CA TRP A 443 -1.17 -30.43 47.01
C TRP A 443 -1.54 -31.52 48.02
N HIS A 444 -2.83 -31.82 48.11
CA HIS A 444 -3.32 -32.86 49.01
C HIS A 444 -4.08 -33.90 48.17
N PRO A 445 -4.27 -35.12 48.71
CA PRO A 445 -4.98 -36.16 47.98
C PRO A 445 -6.24 -35.65 47.29
N ASN A 446 -7.09 -34.95 48.04
CA ASN A 446 -8.35 -34.41 47.51
C ASN A 446 -8.15 -33.35 46.43
N SER A 447 -7.07 -32.58 46.57
CA SER A 447 -6.71 -31.52 45.65
C SER A 447 -6.25 -32.07 44.31
N ALA A 448 -5.49 -33.16 44.33
CA ALA A 448 -5.03 -33.74 43.09
C ALA A 448 -6.19 -34.41 42.39
N PHE A 449 -7.03 -35.08 43.17
CA PHE A 449 -8.21 -35.75 42.61
C PHE A 449 -9.14 -34.72 41.96
N LYS A 450 -9.31 -33.58 42.62
CA LYS A 450 -10.19 -32.53 42.13
C LYS A 450 -9.63 -31.93 40.84
N THR A 451 -8.31 -31.85 40.76
CA THR A 451 -7.68 -31.31 39.59
C THR A 451 -7.90 -32.25 38.40
N ALA A 452 -7.63 -33.53 38.61
CA ALA A 452 -7.81 -34.52 37.54
C ALA A 452 -9.28 -34.48 37.07
N GLN A 453 -10.20 -34.53 38.05
CA GLN A 453 -11.62 -34.48 37.75
C GLN A 453 -11.95 -33.27 36.86
N ALA A 454 -11.50 -32.08 37.28
CA ALA A 454 -11.73 -30.82 36.57
C ALA A 454 -11.24 -30.91 35.12
N ILE A 455 -10.01 -31.38 34.94
CA ILE A 455 -9.45 -31.55 33.62
C ILE A 455 -10.33 -32.47 32.76
N ASN A 456 -10.66 -33.64 33.28
CA ASN A 456 -11.49 -34.55 32.50
C ASN A 456 -12.85 -33.98 32.20
N ASP A 457 -13.45 -33.29 33.19
CA ASP A 457 -14.79 -32.75 33.02
C ASP A 457 -14.80 -31.64 31.99
N PHE A 458 -13.68 -30.92 31.89
CA PHE A 458 -13.53 -29.85 30.91
C PHE A 458 -13.36 -30.47 29.52
N ASN A 459 -12.51 -31.50 29.41
CA ASN A 459 -12.23 -32.17 28.14
C ASN A 459 -13.44 -32.96 27.58
N ASN A 460 -13.95 -33.88 28.38
CA ASN A 460 -15.10 -34.66 27.96
C ASN A 460 -16.39 -33.81 27.98
N GLY A 461 -17.15 -33.92 26.88
CA GLY A 461 -18.42 -33.22 26.76
C GLY A 461 -18.38 -31.72 26.59
N GLU A 462 -17.71 -31.07 27.53
CA GLU A 462 -17.58 -29.63 27.49
C GLU A 462 -16.69 -29.17 26.34
N GLN A 463 -15.66 -29.96 26.03
CA GLN A 463 -14.72 -29.65 24.94
C GLN A 463 -14.28 -28.20 24.99
N LEU A 464 -13.67 -27.75 26.07
CA LEU A 464 -13.28 -26.36 26.19
C LEU A 464 -11.78 -26.21 26.33
N PRO A 465 -11.27 -24.99 26.09
CA PRO A 465 -9.83 -24.79 26.24
C PRO A 465 -9.59 -24.73 27.73
N ILE A 468 -4.58 -23.22 33.60
CA ILE A 468 -4.27 -23.60 34.97
C ILE A 468 -3.23 -22.56 35.41
N LEU A 469 -3.60 -21.77 36.43
CA LEU A 469 -2.71 -20.77 37.02
C LEU A 469 -1.91 -21.60 38.01
N ALA A 470 -0.96 -22.38 37.51
CA ALA A 470 -0.10 -23.26 38.32
C ALA A 470 0.61 -22.51 39.43
N ASN A 471 0.37 -22.93 40.68
CA ASN A 471 1.01 -22.27 41.82
C ASN A 471 1.00 -23.20 43.05
N TRP A 472 1.84 -24.24 42.97
CA TRP A 472 1.99 -25.25 44.00
C TRP A 472 3.43 -25.34 44.44
N ARG A 473 3.63 -25.42 45.74
CA ARG A 473 4.97 -25.46 46.32
C ARG A 473 5.34 -26.85 46.77
N GLY A 474 4.39 -27.77 46.66
CA GLY A 474 4.65 -29.13 47.08
C GLY A 474 3.39 -29.94 47.29
N PHE A 475 3.54 -31.06 47.99
CA PHE A 475 2.42 -31.95 48.27
C PHE A 475 2.56 -32.63 49.62
N SER A 476 1.46 -33.24 50.07
CA SER A 476 1.43 -33.96 51.34
C SER A 476 0.18 -34.81 51.46
N GLY A 477 0.29 -35.90 52.22
CA GLY A 477 -0.82 -36.83 52.42
C GLY A 477 -1.95 -36.41 53.35
N ASN A 484 0.08 -44.33 49.36
CA ASN A 484 -0.02 -42.89 49.19
C ASN A 484 -1.09 -42.48 48.17
N GLU A 485 -2.05 -41.69 48.63
CA GLU A 485 -3.14 -41.27 47.76
C GLU A 485 -2.69 -40.17 46.80
N VAL A 486 -1.79 -39.33 47.26
CA VAL A 486 -1.31 -38.28 46.42
C VAL A 486 -0.64 -38.91 45.21
N LEU A 487 0.02 -40.05 45.42
CA LEU A 487 0.73 -40.75 44.35
C LEU A 487 -0.22 -41.32 43.32
N LYS A 488 -1.19 -42.05 43.81
CA LYS A 488 -2.18 -42.66 42.96
C LYS A 488 -2.92 -41.63 42.13
N TYR A 489 -3.58 -40.68 42.80
CA TYR A 489 -4.35 -39.64 42.08
C TYR A 489 -3.41 -38.80 41.21
N GLY A 490 -2.13 -38.78 41.58
CA GLY A 490 -1.16 -38.02 40.82
C GLY A 490 -1.18 -38.43 39.36
N SER A 491 -1.13 -39.73 39.10
CA SER A 491 -1.13 -40.22 37.74
C SER A 491 -2.46 -39.93 37.06
N PHE A 492 -3.50 -39.71 37.85
CA PHE A 492 -4.79 -39.39 37.28
C PHE A 492 -4.67 -38.09 36.51
N ILE A 493 -3.85 -37.18 37.01
CA ILE A 493 -3.66 -35.88 36.37
C ILE A 493 -2.96 -36.02 35.02
N VAL A 494 -1.81 -36.70 35.03
CA VAL A 494 -1.06 -36.88 33.79
C VAL A 494 -1.88 -37.59 32.74
N ASP A 495 -2.74 -38.48 33.19
CA ASP A 495 -3.56 -39.20 32.24
C ASP A 495 -4.55 -38.27 31.60
N ALA A 496 -5.20 -37.44 32.43
CA ALA A 496 -6.19 -36.49 31.96
C ALA A 496 -5.59 -35.53 30.93
N LEU A 497 -4.34 -35.13 31.15
CA LEU A 497 -3.68 -34.19 30.22
C LEU A 497 -3.35 -34.86 28.90
N VAL A 498 -2.95 -36.12 28.96
CA VAL A 498 -2.60 -36.81 27.73
C VAL A 498 -3.84 -36.93 26.85
N ASP A 499 -4.99 -36.98 27.51
CA ASP A 499 -6.25 -37.15 26.82
C ASP A 499 -6.89 -35.85 26.38
N TYR A 500 -6.36 -34.71 26.84
CA TYR A 500 -6.94 -33.40 26.50
C TYR A 500 -6.93 -33.17 25.01
N LYS A 501 -8.04 -32.68 24.46
CA LYS A 501 -8.12 -32.49 23.02
C LYS A 501 -8.22 -31.01 22.59
N GLN A 502 -8.28 -30.12 23.56
CA GLN A 502 -8.34 -28.69 23.26
C GLN A 502 -7.07 -28.04 23.75
N PRO A 503 -6.72 -26.86 23.19
CA PRO A 503 -5.50 -26.15 23.60
C PRO A 503 -5.50 -25.87 25.09
N ILE A 504 -4.34 -26.09 25.71
CA ILE A 504 -4.17 -25.88 27.13
C ILE A 504 -3.19 -24.74 27.38
N ILE A 505 -3.37 -24.08 28.51
CA ILE A 505 -2.47 -23.00 28.83
C ILE A 505 -2.10 -23.08 30.32
N ILE A 506 -0.80 -23.26 30.59
CA ILE A 506 -0.31 -23.29 31.97
C ILE A 506 0.48 -21.99 32.19
N TYR A 507 0.00 -21.18 33.14
CA TYR A 507 0.59 -19.89 33.43
C TYR A 507 0.84 -19.81 34.93
N ILE A 508 2.11 -19.63 35.29
CA ILE A 508 2.47 -19.49 36.70
C ILE A 508 2.26 -18.01 36.97
N PRO A 509 1.27 -17.68 37.82
CA PRO A 509 0.89 -16.31 38.20
C PRO A 509 2.06 -15.53 38.81
N PRO A 510 1.90 -14.20 38.99
CA PRO A 510 2.94 -13.34 39.56
C PRO A 510 3.57 -13.86 40.85
N THR A 511 2.95 -13.63 42.00
CA THR A 511 3.54 -14.10 43.24
C THR A 511 3.60 -15.62 43.32
N GLY A 512 3.17 -16.27 42.25
CA GLY A 512 3.15 -17.71 42.22
C GLY A 512 4.53 -18.31 42.05
N GLU A 513 4.56 -19.63 42.22
CA GLU A 513 5.77 -20.44 42.09
C GLU A 513 5.40 -21.90 41.77
N LEU A 514 6.35 -22.63 41.20
CA LEU A 514 6.09 -24.01 40.84
C LEU A 514 7.35 -24.83 41.06
N ARG A 515 7.36 -25.61 42.14
CA ARG A 515 8.53 -26.40 42.49
C ARG A 515 8.34 -27.93 42.41
N GLY A 516 9.46 -28.64 42.35
CA GLY A 516 9.46 -30.09 42.30
C GLY A 516 8.44 -30.73 41.39
N GLY A 517 7.81 -31.78 41.90
CA GLY A 517 6.82 -32.49 41.11
C GLY A 517 5.58 -31.69 40.80
N SER A 518 5.41 -30.57 41.48
CA SER A 518 4.24 -29.75 41.24
C SER A 518 4.33 -29.24 39.81
N TRP A 519 5.53 -29.20 39.27
CA TRP A 519 5.73 -28.78 37.89
C TRP A 519 5.61 -29.96 36.92
N VAL A 520 6.20 -31.08 37.33
CA VAL A 520 6.21 -32.29 36.51
C VAL A 520 4.81 -32.69 36.05
N VAL A 521 3.87 -32.66 36.98
CA VAL A 521 2.49 -33.06 36.72
C VAL A 521 1.76 -32.15 35.71
N VAL A 522 2.38 -31.01 35.37
CA VAL A 522 1.74 -30.13 34.39
C VAL A 522 2.67 -29.56 33.32
N ASP A 523 3.80 -30.21 33.11
CA ASP A 523 4.74 -29.75 32.11
C ASP A 523 4.19 -29.92 30.68
N PRO A 524 4.48 -28.95 29.81
CA PRO A 524 4.00 -29.00 28.42
C PRO A 524 4.41 -30.27 27.67
N THR A 525 5.57 -30.79 28.00
CA THR A 525 6.02 -31.98 27.31
C THR A 525 5.12 -33.19 27.57
N ILE A 526 4.12 -33.06 28.44
CA ILE A 526 3.22 -34.16 28.71
C ILE A 526 2.28 -34.32 27.51
N ASN A 527 2.00 -33.20 26.86
CA ASN A 527 1.12 -33.20 25.69
C ASN A 527 1.40 -31.96 24.85
N ALA A 528 2.55 -31.94 24.17
CA ALA A 528 2.94 -30.81 23.37
C ALA A 528 1.94 -30.47 22.29
N ASP A 529 1.12 -31.41 21.91
CA ASP A 529 0.13 -31.13 20.86
C ASP A 529 -0.91 -30.10 21.31
N GLN A 530 -1.15 -29.99 22.61
CA GLN A 530 -2.16 -29.06 23.09
C GLN A 530 -1.66 -28.10 24.15
N GLU A 532 0.92 -25.46 26.32
CA GLU A 532 1.91 -24.37 26.25
C GLU A 532 2.06 -23.85 27.67
N TYR A 534 3.51 -20.67 30.21
CA TYR A 534 4.02 -19.32 30.38
C TYR A 534 4.32 -18.98 31.85
N ALA A 535 5.39 -18.23 32.07
CA ALA A 535 5.75 -17.86 33.42
C ALA A 535 5.82 -16.34 33.58
N ASP A 536 5.10 -15.82 34.57
CA ASP A 536 5.12 -14.38 34.82
C ASP A 536 6.52 -13.96 35.25
N VAL A 537 6.89 -12.73 34.89
CA VAL A 537 8.22 -12.21 35.22
C VAL A 537 8.39 -12.18 36.73
N ASN A 538 7.30 -12.15 37.46
CA ASN A 538 7.42 -12.13 38.89
C ASN A 538 7.19 -13.49 39.51
N ALA A 539 7.34 -14.54 38.73
CA ALA A 539 7.14 -15.88 39.27
C ALA A 539 8.47 -16.55 39.55
N ARG A 540 8.41 -17.72 40.17
CA ARG A 540 9.60 -18.48 40.53
C ARG A 540 9.34 -19.98 40.30
N ALA A 541 10.37 -20.72 39.89
CA ALA A 541 10.24 -22.15 39.63
C ALA A 541 11.59 -22.83 39.69
N GLY A 542 11.63 -24.02 40.27
CA GLY A 542 12.86 -24.80 40.38
C GLY A 542 12.60 -26.14 41.03
N VAL A 543 13.57 -27.04 40.98
CA VAL A 543 13.41 -28.36 41.59
C VAL A 543 13.16 -28.25 43.09
N LEU A 544 13.86 -27.31 43.74
CA LEU A 544 13.73 -27.10 45.18
C LEU A 544 13.64 -25.61 45.50
N GLU A 545 12.98 -25.29 46.61
CA GLU A 545 12.85 -23.91 47.04
C GLU A 545 14.19 -23.44 47.57
N PRO A 546 14.41 -22.12 47.61
CA PRO A 546 15.66 -21.52 48.09
C PRO A 546 16.17 -22.23 49.36
N GLN A 547 15.31 -22.33 50.36
CA GLN A 547 15.70 -22.98 51.61
C GLN A 547 16.28 -24.38 51.43
N GLY A 548 15.62 -25.18 50.60
CA GLY A 548 16.07 -26.54 50.37
C GLY A 548 17.36 -26.63 49.59
N VAL A 550 19.93 -24.28 49.33
CA VAL A 550 21.09 -23.89 50.12
C VAL A 550 21.49 -24.97 51.11
N GLY A 551 20.51 -25.56 51.78
CA GLY A 551 20.82 -26.59 52.76
C GLY A 551 21.34 -27.88 52.14
N ILE A 552 21.67 -27.83 50.85
CA ILE A 552 22.17 -29.01 50.15
C ILE A 552 23.42 -28.68 49.34
N LYS A 553 23.36 -27.62 48.52
CA LYS A 553 24.49 -27.23 47.70
C LYS A 553 25.22 -26.00 48.23
N PHE A 554 24.85 -25.58 49.42
CA PHE A 554 25.46 -24.42 50.06
C PHE A 554 25.56 -24.63 51.56
N ARG A 555 26.35 -25.62 51.98
CA ARG A 555 26.55 -25.96 53.38
C ARG A 555 27.27 -24.84 54.12
N ARG A 556 27.85 -25.17 55.27
CA ARG A 556 28.56 -24.17 56.04
C ARG A 556 29.96 -23.96 55.52
N GLU A 557 30.62 -25.02 55.07
CA GLU A 557 31.97 -24.82 54.58
C GLU A 557 32.00 -23.88 53.38
N LYS A 558 31.00 -23.98 52.50
CA LYS A 558 30.96 -23.09 51.35
C LYS A 558 30.59 -21.69 51.84
N LEU A 559 29.87 -21.62 52.96
CA LEU A 559 29.46 -20.35 53.56
C LEU A 559 30.69 -19.61 54.09
N LEU A 560 31.50 -20.33 54.86
CA LEU A 560 32.70 -19.75 55.43
C LEU A 560 33.71 -19.35 54.36
N ASP A 561 33.98 -20.25 53.42
CA ASP A 561 34.92 -19.96 52.35
C ASP A 561 34.60 -18.64 51.66
N THR A 562 33.32 -18.45 51.36
CA THR A 562 32.87 -17.22 50.72
C THR A 562 33.19 -16.04 51.62
N ASN A 564 34.58 -13.26 53.44
CA ASN A 564 35.80 -12.50 53.25
C ASN A 564 35.76 -11.17 54.02
N ARG A 565 34.68 -10.93 54.77
CA ARG A 565 34.52 -9.70 55.55
C ARG A 565 35.03 -9.91 56.97
N LEU A 566 36.35 -9.96 57.12
CA LEU A 566 36.99 -10.15 58.41
C LEU A 566 37.89 -8.96 58.72
N GLU A 600 28.08 -14.93 64.24
CA GLU A 600 28.59 -13.62 63.86
C GLU A 600 27.74 -13.02 62.73
N LEU A 601 28.30 -13.00 61.53
CA LEU A 601 27.61 -12.48 60.36
C LEU A 601 26.96 -13.63 59.59
N LEU A 602 26.53 -14.65 60.33
CA LEU A 602 25.88 -15.82 59.76
C LEU A 602 24.47 -15.47 59.28
N PRO A 603 23.70 -14.76 60.11
CA PRO A 603 22.33 -14.39 59.73
C PRO A 603 22.25 -13.69 58.37
N ILE A 604 23.18 -12.79 58.11
CA ILE A 604 23.20 -12.06 56.86
C ILE A 604 23.74 -12.91 55.72
N TYR A 605 24.87 -13.57 55.96
CA TYR A 605 25.46 -14.44 54.94
C TYR A 605 24.49 -15.56 54.60
N GLY A 606 23.67 -15.95 55.57
CA GLY A 606 22.70 -17.01 55.35
C GLY A 606 21.66 -16.58 54.35
N GLN A 607 21.18 -15.35 54.52
CA GLN A 607 20.19 -14.77 53.62
C GLN A 607 20.78 -14.58 52.24
N ILE A 608 22.09 -14.35 52.18
CA ILE A 608 22.74 -14.17 50.90
C ILE A 608 22.67 -15.46 50.11
N SER A 609 22.64 -16.58 50.82
CA SER A 609 22.56 -17.89 50.18
C SER A 609 21.24 -18.03 49.45
N LEU A 610 20.17 -17.79 50.19
CA LEU A 610 18.82 -17.87 49.66
C LEU A 610 18.67 -17.01 48.43
N GLN A 611 19.24 -15.81 48.50
CA GLN A 611 19.18 -14.84 47.40
C GLN A 611 19.98 -15.34 46.21
N PHE A 612 21.10 -16.01 46.46
CA PHE A 612 21.93 -16.53 45.40
C PHE A 612 21.16 -17.62 44.65
N ALA A 613 20.44 -18.45 45.41
CA ALA A 613 19.68 -19.54 44.84
C ALA A 613 18.45 -19.01 44.09
N ASP A 614 17.69 -18.15 44.77
CA ASP A 614 16.49 -17.57 44.21
C ASP A 614 16.76 -16.98 42.83
N LEU A 615 17.99 -16.53 42.63
CA LEU A 615 18.39 -15.94 41.36
C LEU A 615 18.37 -16.96 40.22
N HIS A 616 18.09 -18.22 40.57
CA HIS A 616 18.06 -19.25 39.56
C HIS A 616 16.63 -19.57 39.17
N ASP A 617 15.73 -19.50 40.13
CA ASP A 617 14.32 -19.81 39.89
C ASP A 617 13.60 -18.68 39.19
N ARG A 618 14.30 -17.95 38.33
CA ARG A 618 13.72 -16.81 37.66
C ARG A 618 13.16 -17.20 36.30
N SER A 619 12.13 -16.48 35.86
CA SER A 619 11.50 -16.76 34.58
C SER A 619 12.50 -16.60 33.43
N SER A 620 13.45 -15.68 33.63
CA SER A 620 14.48 -15.42 32.62
C SER A 620 15.22 -16.71 32.30
N ARG A 621 15.55 -17.48 33.33
CA ARG A 621 16.26 -18.74 33.17
C ARG A 621 15.41 -19.75 32.43
N VAL A 623 13.28 -19.19 30.21
CA VAL A 623 13.36 -18.86 28.79
C VAL A 623 14.67 -19.39 28.21
N ALA A 624 15.76 -19.13 28.93
CA ALA A 624 17.07 -19.55 28.46
C ALA A 624 17.10 -21.04 28.26
N LYS A 625 16.49 -21.76 29.18
CA LYS A 625 16.45 -23.22 29.12
C LYS A 625 15.36 -23.69 28.14
N GLY A 626 14.53 -22.77 27.69
CA GLY A 626 13.48 -23.15 26.76
C GLY A 626 12.40 -24.04 27.35
N VAL A 627 12.15 -23.91 28.64
CA VAL A 627 11.13 -24.73 29.27
C VAL A 627 9.76 -24.04 29.23
N ILE A 628 9.72 -22.80 28.77
CA ILE A 628 8.45 -22.09 28.67
C ILE A 628 8.36 -21.40 27.31
N SER A 629 7.16 -21.17 26.81
CA SER A 629 6.99 -20.54 25.50
C SER A 629 7.52 -19.12 25.56
N LYS A 630 7.32 -18.50 26.73
CA LYS A 630 7.79 -17.15 27.03
C LYS A 630 7.31 -16.60 28.36
N GLU A 631 7.96 -15.53 28.80
CA GLU A 631 7.63 -14.91 30.09
C GLU A 631 6.69 -13.75 29.79
N LEU A 632 5.68 -13.57 30.63
CA LEU A 632 4.69 -12.55 30.41
C LEU A 632 4.55 -11.64 31.61
N GLU A 633 3.85 -10.54 31.41
CA GLU A 633 3.56 -9.56 32.44
C GLU A 633 2.08 -9.70 32.78
N TRP A 634 1.77 -9.83 34.06
CA TRP A 634 0.40 -9.96 34.51
C TRP A 634 -0.60 -8.96 33.94
N THR A 635 -0.25 -7.69 33.91
CA THR A 635 -1.24 -6.71 33.41
C THR A 635 -1.52 -6.80 31.92
N GLU A 636 -0.55 -7.32 31.18
CA GLU A 636 -0.70 -7.46 29.73
C GLU A 636 -1.15 -8.87 29.35
N ALA A 637 -1.20 -9.76 30.33
CA ALA A 637 -1.58 -11.15 30.09
C ALA A 637 -2.88 -11.33 29.31
N ARG A 638 -3.95 -10.69 29.79
CA ARG A 638 -5.27 -10.80 29.16
C ARG A 638 -5.26 -10.54 27.66
N ARG A 639 -4.57 -9.47 27.28
CA ARG A 639 -4.45 -9.11 25.91
C ARG A 639 -3.65 -10.18 25.17
N PHE A 640 -2.56 -10.67 25.74
CA PHE A 640 -1.76 -11.71 25.13
C PHE A 640 -2.58 -13.01 25.01
N PHE A 641 -3.05 -13.53 26.13
CA PHE A 641 -3.82 -14.77 26.14
C PHE A 641 -5.08 -14.77 25.27
N PHE A 642 -5.78 -13.64 25.20
CA PHE A 642 -6.97 -13.58 24.36
C PHE A 642 -6.63 -13.87 22.88
N TRP A 643 -5.57 -13.24 22.40
CA TRP A 643 -5.18 -13.43 21.01
C TRP A 643 -4.45 -14.73 20.76
N ARG A 644 -3.70 -15.17 21.74
CA ARG A 644 -2.98 -16.42 21.56
C ARG A 644 -4.00 -17.54 21.47
N LEU A 645 -5.02 -17.52 22.33
CA LEU A 645 -6.03 -18.58 22.31
C LEU A 645 -6.91 -18.48 21.06
N ARG A 646 -7.32 -17.27 20.72
CA ARG A 646 -8.14 -17.07 19.53
C ARG A 646 -7.34 -17.52 18.31
N ARG A 647 -6.04 -17.26 18.31
CA ARG A 647 -5.21 -17.68 17.18
C ARG A 647 -5.06 -19.18 17.11
N ARG A 648 -4.87 -19.83 18.28
CA ARG A 648 -4.70 -21.30 18.42
C ARG A 648 -5.97 -22.06 18.04
N LEU A 649 -7.12 -21.52 18.43
CA LEU A 649 -8.37 -22.16 18.09
C LEU A 649 -8.54 -22.17 16.57
N ASN A 650 -8.08 -21.10 15.92
CA ASN A 650 -8.18 -21.01 14.49
C ASN A 650 -7.32 -22.05 13.82
N GLU A 651 -6.09 -22.21 14.29
CA GLU A 651 -5.21 -23.19 13.68
C GLU A 651 -5.67 -24.61 14.01
N GLU A 652 -6.20 -24.83 15.22
CA GLU A 652 -6.67 -26.16 15.56
C GLU A 652 -7.78 -26.55 14.59
N TYR A 653 -8.68 -25.61 14.32
CA TYR A 653 -9.76 -25.86 13.39
C TYR A 653 -9.16 -26.32 12.09
N LEU A 654 -8.14 -25.59 11.64
CA LEU A 654 -7.51 -25.93 10.38
C LEU A 654 -6.81 -27.29 10.45
N ILE A 655 -6.05 -27.53 11.51
CA ILE A 655 -5.38 -28.80 11.69
C ILE A 655 -6.40 -29.95 11.60
N LYS A 656 -7.63 -29.71 12.03
CA LYS A 656 -8.66 -30.74 11.96
C LYS A 656 -9.23 -30.91 10.56
N ARG A 657 -9.55 -29.80 9.91
CA ARG A 657 -10.08 -29.87 8.55
C ARG A 657 -9.05 -30.57 7.68
N LEU A 658 -7.79 -30.51 8.08
CA LEU A 658 -6.74 -31.10 7.29
C LEU A 658 -6.58 -32.57 7.63
N SER A 659 -7.22 -32.99 8.71
CA SER A 659 -7.13 -34.37 9.13
C SER A 659 -8.13 -35.24 8.38
N HIS A 660 -8.32 -34.93 7.11
CA HIS A 660 -9.23 -35.69 6.26
C HIS A 660 -8.64 -35.93 4.86
N GLN A 661 -7.35 -35.60 4.72
CA GLN A 661 -6.65 -35.77 3.46
C GLN A 661 -5.76 -37.01 3.53
N VAL A 662 -4.45 -36.81 3.55
CA VAL A 662 -3.51 -37.93 3.61
C VAL A 662 -3.45 -38.53 5.03
N GLY A 663 -4.02 -39.72 5.17
CA GLY A 663 -4.04 -40.41 6.45
C GLY A 663 -2.78 -40.30 7.28
N GLU A 664 -1.66 -40.78 6.75
CA GLU A 664 -0.40 -40.72 7.49
C GLU A 664 0.24 -39.33 7.45
N ALA A 665 -0.30 -38.45 8.27
CA ALA A 665 0.22 -37.10 8.35
C ALA A 665 0.44 -36.70 9.82
N SER A 666 1.68 -36.36 10.14
CA SER A 666 2.04 -35.93 11.50
C SER A 666 1.41 -34.58 11.79
N ARG A 667 1.04 -34.33 13.05
CA ARG A 667 0.42 -33.05 13.40
C ARG A 667 1.39 -31.93 13.05
N LEU A 668 2.68 -32.22 13.15
CA LEU A 668 3.71 -31.25 12.80
C LEU A 668 3.64 -30.94 11.31
N GLU A 669 3.52 -31.99 10.51
CA GLU A 669 3.44 -31.84 9.07
C GLU A 669 2.14 -31.13 8.68
N LYS A 670 1.15 -31.20 9.56
CA LYS A 670 -0.14 -30.57 9.30
C LYS A 670 -0.02 -29.07 9.52
N ILE A 671 0.28 -28.70 10.75
CA ILE A 671 0.43 -27.30 11.09
C ILE A 671 1.46 -26.60 10.20
N ALA A 672 2.46 -27.36 9.76
CA ALA A 672 3.50 -26.80 8.91
C ALA A 672 2.94 -26.47 7.53
N ARG A 673 2.09 -27.35 7.02
CA ARG A 673 1.50 -27.12 5.71
C ARG A 673 0.56 -25.93 5.77
N ILE A 674 -0.25 -25.90 6.82
CA ILE A 674 -1.22 -24.82 7.02
C ILE A 674 -0.52 -23.47 7.16
N ARG A 675 0.61 -23.45 7.86
CA ARG A 675 1.30 -22.20 8.01
C ARG A 675 2.00 -21.75 6.73
N SER A 676 2.11 -22.65 5.77
CA SER A 676 2.74 -22.32 4.50
C SER A 676 1.72 -21.62 3.63
N TRP A 677 0.48 -21.62 4.08
CA TRP A 677 -0.60 -20.98 3.34
C TRP A 677 -0.67 -19.50 3.68
N TYR A 678 -0.07 -19.13 4.80
CA TYR A 678 -0.07 -17.75 5.23
C TYR A 678 0.74 -16.90 4.26
N PRO A 679 0.36 -15.63 4.11
CA PRO A 679 1.10 -14.76 3.19
C PRO A 679 2.55 -14.61 3.64
N ALA A 680 3.45 -14.41 2.67
CA ALA A 680 4.86 -14.24 3.00
C ALA A 680 5.15 -13.09 3.96
N SER A 681 4.23 -12.14 4.11
CA SER A 681 4.44 -10.99 5.00
C SER A 681 3.90 -11.19 6.41
N VAL A 682 3.03 -12.18 6.57
CA VAL A 682 2.44 -12.46 7.86
C VAL A 682 3.44 -13.08 8.82
N ASP A 683 3.58 -12.46 9.99
CA ASP A 683 4.48 -12.98 11.02
C ASP A 683 3.81 -14.14 11.75
N HIS A 684 4.39 -15.34 11.62
CA HIS A 684 3.82 -16.52 12.26
C HIS A 684 3.74 -16.37 13.77
N GLU A 685 4.68 -15.61 14.32
CA GLU A 685 4.64 -15.37 15.74
C GLU A 685 3.57 -14.37 16.17
N ASP A 686 3.03 -13.59 15.23
CA ASP A 686 2.02 -12.61 15.54
C ASP A 686 0.66 -13.28 15.58
N ASP A 687 0.13 -13.42 16.78
CA ASP A 687 -1.13 -14.12 16.93
C ASP A 687 -2.27 -13.36 16.33
N ARG A 688 -2.41 -12.08 16.72
CA ARG A 688 -3.52 -11.26 16.21
C ARG A 688 -3.52 -11.27 14.69
N GLN A 689 -2.37 -11.04 14.08
CA GLN A 689 -2.30 -11.05 12.65
C GLN A 689 -2.73 -12.39 12.07
N VAL A 690 -2.12 -13.48 12.56
CA VAL A 690 -2.45 -14.82 12.11
C VAL A 690 -3.92 -15.13 12.29
N ALA A 691 -4.46 -14.80 13.45
CA ALA A 691 -5.87 -15.08 13.69
C ALA A 691 -6.66 -14.23 12.69
N THR A 692 -6.26 -12.97 12.52
CA THR A 692 -6.96 -12.07 11.60
C THR A 692 -6.99 -12.60 10.14
N TRP A 693 -5.85 -12.95 9.59
CA TRP A 693 -5.83 -13.43 8.23
C TRP A 693 -6.70 -14.67 8.02
N ILE A 694 -6.50 -15.67 8.87
CA ILE A 694 -7.26 -16.91 8.82
C ILE A 694 -8.75 -16.62 8.79
N GLU A 695 -9.25 -15.85 9.76
CA GLU A 695 -10.68 -15.53 9.82
C GLU A 695 -11.16 -14.72 8.60
N GLU A 696 -10.22 -14.12 7.88
CA GLU A 696 -10.55 -13.35 6.68
C GLU A 696 -10.60 -14.22 5.44
N ASN A 697 -10.02 -15.42 5.55
CA ASN A 697 -9.98 -16.34 4.43
C ASN A 697 -10.48 -17.74 4.69
N TYR A 698 -11.47 -17.87 5.57
CA TYR A 698 -12.01 -19.20 5.84
C TYR A 698 -12.37 -19.93 4.54
N LYS A 699 -13.20 -19.32 3.68
CA LYS A 699 -13.57 -20.00 2.45
C LYS A 699 -12.37 -20.19 1.54
N THR A 700 -11.55 -19.17 1.41
CA THR A 700 -10.38 -19.30 0.55
C THR A 700 -9.56 -20.51 0.94
N LEU A 701 -9.37 -20.68 2.24
CA LEU A 701 -8.62 -21.82 2.78
C LEU A 701 -9.40 -23.11 2.53
N ASP A 702 -10.72 -23.02 2.66
CA ASP A 702 -11.57 -24.15 2.41
C ASP A 702 -11.31 -24.68 0.99
N ASP A 703 -11.26 -23.78 0.01
CA ASP A 703 -11.00 -24.20 -1.38
C ASP A 703 -9.71 -25.00 -1.48
N LYS A 704 -8.66 -24.51 -0.82
CA LYS A 704 -7.36 -25.17 -0.80
C LYS A 704 -7.53 -26.61 -0.30
N LEU A 705 -8.35 -26.76 0.74
CA LEU A 705 -8.63 -28.06 1.34
C LEU A 705 -9.39 -28.94 0.36
N LYS A 706 -10.47 -28.39 -0.19
CA LYS A 706 -11.29 -29.13 -1.15
C LYS A 706 -10.48 -29.61 -2.34
N GLY A 707 -9.43 -28.86 -2.68
CA GLY A 707 -8.58 -29.22 -3.81
C GLY A 707 -7.55 -30.25 -3.45
N LEU A 708 -7.86 -31.08 -2.47
CA LEU A 708 -6.94 -32.14 -2.01
C LEU A 708 -7.71 -33.48 -1.90
N LYS A 709 -8.57 -33.60 -1.01
N PRO B 1 -16.79 -22.17 4.72
CA PRO B 1 -16.68 -23.36 5.62
C PRO B 1 -17.85 -23.36 6.59
N ILE B 2 -17.84 -24.30 7.52
CA ILE B 2 -18.89 -24.43 8.52
C ILE B 2 -18.31 -24.82 9.86
N ALA B 3 -18.92 -24.35 10.94
CA ALA B 3 -18.43 -24.67 12.27
C ALA B 3 -17.00 -24.19 12.50
N THR B 4 -16.75 -22.91 12.27
CA THR B 4 -15.42 -22.33 12.49
C THR B 4 -15.40 -21.62 13.85
N PRO B 5 -14.23 -21.50 14.47
CA PRO B 5 -14.08 -20.84 15.76
C PRO B 5 -14.83 -19.50 15.79
N TYR B 6 -14.55 -18.63 14.82
CA TYR B 6 -15.19 -17.31 14.74
C TYR B 6 -15.94 -17.12 13.42
N PRO B 7 -16.79 -16.08 13.31
CA PRO B 7 -17.56 -15.83 12.08
C PRO B 7 -16.74 -15.90 10.80
N VAL B 8 -17.38 -16.33 9.71
CA VAL B 8 -16.73 -16.42 8.38
C VAL B 8 -16.84 -15.10 7.58
N LYS B 9 -15.76 -14.32 7.55
CA LYS B 9 -15.70 -13.04 6.84
C LYS B 9 -16.24 -13.08 5.39
N GLU B 10 -15.75 -14.03 4.62
CA GLU B 10 -16.17 -14.22 3.26
C GLU B 10 -17.67 -14.46 3.13
N TRP B 11 -18.29 -14.90 4.23
CA TRP B 11 -19.73 -15.14 4.22
C TRP B 11 -20.48 -13.89 4.67
N LEU B 12 -20.07 -13.31 5.79
CA LEU B 12 -20.73 -12.10 6.27
C LEU B 12 -20.76 -11.06 5.16
N GLN B 13 -19.71 -11.06 4.35
CA GLN B 13 -19.59 -10.13 3.24
C GLN B 13 -18.98 -10.83 2.02
N PRO B 14 -19.83 -11.41 1.18
CA PRO B 14 -19.37 -12.11 -0.02
C PRO B 14 -18.37 -11.34 -0.86
N LYS B 15 -18.55 -10.01 -0.93
CA LYS B 15 -17.65 -9.14 -1.72
C LYS B 15 -16.20 -9.49 -1.37
N ARG B 16 -15.98 -9.78 -0.10
CA ARG B 16 -14.67 -10.14 0.39
C ARG B 16 -14.13 -11.41 -0.27
N TYR B 17 -15.01 -12.37 -0.53
CA TYR B 17 -14.58 -13.61 -1.16
C TYR B 17 -14.27 -13.28 -2.63
N LYS B 18 -15.12 -12.46 -3.26
CA LYS B 18 -14.89 -12.08 -4.65
C LYS B 18 -13.52 -11.42 -4.80
N ALA B 19 -13.17 -10.50 -3.90
CA ALA B 19 -11.87 -9.83 -3.95
C ALA B 19 -10.77 -10.88 -3.85
N HIS B 20 -10.84 -11.68 -2.79
CA HIS B 20 -9.89 -12.75 -2.57
C HIS B 20 -9.84 -13.66 -3.78
N LEU B 21 -10.99 -13.93 -4.39
CA LEU B 21 -10.98 -14.80 -5.55
C LEU B 21 -10.10 -14.26 -6.68
N GLY B 23 -7.26 -12.76 -6.28
CA GLY B 23 -5.93 -12.61 -5.71
C GLY B 23 -5.60 -11.21 -5.16
N THR B 24 -6.51 -10.56 -4.44
CA THR B 24 -6.25 -9.22 -3.95
C THR B 24 -6.97 -8.95 -2.65
N THR B 25 -6.37 -8.14 -1.79
CA THR B 25 -7.03 -7.81 -0.52
C THR B 25 -8.36 -7.08 -0.75
N TYR B 26 -9.33 -7.36 0.10
CA TYR B 26 -10.62 -6.69 0.00
C TYR B 26 -10.40 -5.22 0.37
N VAL B 27 -10.89 -4.32 -0.47
CA VAL B 27 -10.73 -2.88 -0.28
C VAL B 27 -10.96 -2.42 1.14
N TYR B 28 -12.01 -2.91 1.79
CA TYR B 28 -12.28 -2.48 3.15
C TYR B 28 -11.35 -3.14 4.16
N ASP B 29 -10.53 -4.07 3.70
CA ASP B 29 -9.63 -4.76 4.59
C ASP B 29 -8.25 -4.14 4.60
N PHE B 30 -8.03 -3.21 3.70
CA PHE B 30 -6.72 -2.58 3.59
C PHE B 30 -6.39 -1.76 4.81
N PRO B 31 -7.36 -0.97 5.32
CA PRO B 31 -7.03 -0.18 6.50
C PRO B 31 -6.37 -1.04 7.58
N GLU B 32 -6.85 -2.28 7.72
CA GLU B 32 -6.32 -3.24 8.71
C GLU B 32 -4.84 -3.48 8.42
N LEU B 33 -4.51 -3.67 7.15
CA LEU B 33 -3.14 -3.86 6.74
C LEU B 33 -2.26 -2.70 7.15
N PHE B 34 -2.77 -1.47 7.08
CA PHE B 34 -1.97 -0.32 7.48
C PHE B 34 -1.71 -0.33 8.98
N ARG B 35 -2.66 -0.84 9.74
CA ARG B 35 -2.47 -0.93 11.19
C ARG B 35 -1.32 -1.89 11.47
N GLN B 36 -1.29 -2.99 10.72
CA GLN B 36 -0.24 -3.98 10.90
C GLN B 36 1.10 -3.43 10.49
N ALA B 37 1.18 -2.86 9.28
CA ALA B 37 2.44 -2.28 8.80
C ALA B 37 2.93 -1.22 9.78
N SER B 38 2.03 -0.40 10.30
CA SER B 38 2.45 0.62 11.25
C SER B 38 2.94 0.01 12.54
N SER B 39 2.21 -0.99 13.02
CA SER B 39 2.57 -1.66 14.23
C SER B 39 3.96 -2.26 14.05
N SER B 40 4.22 -2.89 12.91
CA SER B 40 5.54 -3.47 12.69
C SER B 40 6.58 -2.35 12.72
N GLN B 41 6.21 -1.20 12.17
CA GLN B 41 7.13 -0.09 12.14
C GLN B 41 7.62 0.24 13.55
N TRP B 42 6.77 0.09 14.54
CA TRP B 42 7.16 0.35 15.91
C TRP B 42 8.04 -0.76 16.49
N LYS B 43 7.66 -2.01 16.27
CA LYS B 43 8.47 -3.11 16.77
C LYS B 43 9.89 -3.02 16.23
N ASN B 44 10.05 -2.47 15.04
CA ASN B 44 11.36 -2.36 14.42
C ASN B 44 12.15 -1.17 14.94
N PHE B 45 11.43 -0.22 15.52
CA PHE B 45 12.04 0.96 16.05
C PHE B 45 12.38 0.76 17.49
N SER B 46 11.46 0.18 18.23
CA SER B 46 11.65 -0.08 19.65
C SER B 46 10.78 -1.24 20.09
N ALA B 47 11.36 -2.43 20.07
CA ALA B 47 10.63 -3.63 20.45
C ALA B 47 9.87 -3.50 21.76
N ASP B 48 10.48 -2.80 22.71
CA ASP B 48 9.86 -2.66 24.01
C ASP B 48 8.85 -1.54 24.06
N VAL B 49 8.10 -1.34 22.98
CA VAL B 49 7.11 -0.27 22.94
C VAL B 49 5.70 -0.83 23.13
N LYS B 50 4.86 -0.10 23.85
CA LYS B 50 3.51 -0.56 24.09
C LYS B 50 2.51 0.26 23.32
N LEU B 51 1.95 -0.31 22.27
CA LEU B 51 0.98 0.41 21.46
C LEU B 51 -0.41 0.04 21.93
N THR B 52 -1.20 1.04 22.32
CA THR B 52 -2.55 0.78 22.79
C THR B 52 -3.40 0.34 21.59
N ASP B 53 -3.95 1.30 20.85
CA ASP B 53 -4.78 1.00 19.70
C ASP B 53 -5.18 2.28 19.01
N ASP B 54 -5.35 3.32 19.82
CA ASP B 54 -5.71 4.61 19.29
C ASP B 54 -4.50 5.22 18.57
N PHE B 55 -3.48 4.40 18.36
CA PHE B 55 -2.27 4.86 17.67
C PHE B 55 -2.54 4.84 16.17
N PHE B 56 -3.59 4.13 15.79
CA PHE B 56 -3.97 4.02 14.40
C PHE B 56 -5.49 4.02 14.29
N ILE B 57 -6.02 5.06 13.65
CA ILE B 57 -7.45 5.19 13.43
C ILE B 57 -7.72 5.33 11.93
N SER B 58 -8.80 4.73 11.46
CA SER B 58 -9.14 4.81 10.05
C SER B 58 -10.58 5.25 9.94
N ASN B 59 -10.83 6.34 9.23
CA ASN B 59 -12.19 6.86 9.04
C ASN B 59 -12.53 6.92 7.58
N GLU B 60 -13.52 6.14 7.14
CA GLU B 60 -13.94 6.16 5.74
C GLU B 60 -14.53 7.52 5.38
N LEU B 61 -14.22 7.97 4.17
CA LEU B 61 -14.70 9.23 3.70
C LEU B 61 -15.73 9.02 2.61
N ILE B 62 -16.86 9.71 2.68
CA ILE B 62 -17.88 9.58 1.64
C ILE B 62 -18.48 10.95 1.44
N GLU B 63 -19.04 11.21 0.26
CA GLU B 63 -19.64 12.52 0.00
C GLU B 63 -21.00 12.63 0.67
N ASP B 64 -21.33 13.83 1.15
CA ASP B 64 -22.59 14.07 1.82
C ASP B 64 -23.65 14.58 0.83
N GLU B 65 -24.74 15.13 1.34
CA GLU B 65 -25.83 15.67 0.50
C GLU B 65 -25.31 16.76 -0.42
N ASN B 66 -24.26 17.45 0.01
CA ASN B 66 -23.69 18.51 -0.82
C ASN B 66 -22.45 18.09 -1.61
N GLY B 67 -22.19 16.78 -1.66
CA GLY B 67 -21.05 16.26 -2.38
C GLY B 67 -19.72 16.50 -1.68
N GLU B 68 -19.77 17.06 -0.48
CA GLU B 68 -18.56 17.31 0.30
C GLU B 68 -18.24 16.07 1.10
N LEU B 69 -16.97 15.68 1.09
CA LEU B 69 -16.52 14.49 1.81
C LEU B 69 -16.67 14.61 3.32
N THR B 70 -17.21 13.57 3.95
CA THR B 70 -17.38 13.58 5.39
C THR B 70 -17.03 12.18 5.90
N GLU B 71 -16.56 12.11 7.14
CA GLU B 71 -16.20 10.82 7.74
C GLU B 71 -17.45 10.05 8.20
N VAL B 72 -17.49 8.76 7.88
CA VAL B 72 -18.61 7.91 8.26
C VAL B 72 -18.18 6.53 8.74
N GLU B 73 -19.06 5.86 9.47
CA GLU B 73 -18.78 4.53 10.00
C GLU B 73 -19.88 3.61 9.51
N ARG B 74 -19.56 2.70 8.60
CA ARG B 74 -20.59 1.83 8.07
C ARG B 74 -20.03 0.44 7.80
N GLU B 75 -20.91 -0.51 7.50
CA GLU B 75 -20.50 -1.86 7.21
C GLU B 75 -19.77 -1.96 5.85
N PRO B 76 -18.64 -2.69 5.83
CA PRO B 76 -17.89 -2.86 4.58
C PRO B 76 -18.81 -3.40 3.49
N GLY B 77 -18.64 -2.89 2.27
CA GLY B 77 -19.43 -3.35 1.14
C GLY B 77 -20.62 -2.45 0.85
N ALA B 78 -20.82 -1.45 1.70
CA ALA B 78 -21.92 -0.54 1.51
C ALA B 78 -21.63 0.55 0.46
N ASN B 79 -20.41 0.55 -0.10
CA ASN B 79 -20.06 1.55 -1.09
C ASN B 79 -21.01 1.49 -2.28
N ALA B 80 -21.65 2.62 -2.58
CA ALA B 80 -22.58 2.70 -3.69
C ALA B 80 -21.82 2.97 -5.01
N ILE B 81 -20.53 3.29 -4.90
CA ILE B 81 -19.71 3.52 -6.09
C ILE B 81 -18.46 2.65 -6.06
N GLY B 82 -17.83 2.46 -7.22
CA GLY B 82 -16.63 1.63 -7.30
C GLY B 82 -15.37 2.32 -6.80
N VAL B 84 -13.50 4.05 -3.02
CA VAL B 84 -13.53 4.37 -1.59
C VAL B 84 -12.30 5.10 -1.12
N ALA B 85 -12.41 5.72 0.03
CA ALA B 85 -11.30 6.48 0.56
C ALA B 85 -11.26 6.38 2.07
N PHE B 86 -10.08 6.49 2.65
CA PHE B 86 -9.95 6.46 4.10
C PHE B 86 -9.00 7.55 4.60
N LYS B 87 -9.39 8.16 5.71
CA LYS B 87 -8.60 9.21 6.34
C LYS B 87 -7.87 8.54 7.53
N ILE B 88 -6.59 8.22 7.32
CA ILE B 88 -5.76 7.58 8.35
C ILE B 88 -4.97 8.58 9.20
N THR B 89 -4.93 8.30 10.50
CA THR B 89 -4.20 9.14 11.44
C THR B 89 -3.41 8.15 12.29
N VAL B 90 -2.10 8.06 12.05
CA VAL B 90 -1.23 7.13 12.77
C VAL B 90 -0.13 7.80 13.57
N LYS B 91 0.29 7.15 14.66
CA LYS B 91 1.37 7.64 15.49
C LYS B 91 2.58 6.83 15.11
N THR B 92 3.54 7.45 14.44
CA THR B 92 4.72 6.75 14.00
C THR B 92 5.94 7.29 14.73
N PRO B 93 7.07 6.57 14.64
CA PRO B 93 8.30 6.99 15.28
C PRO B 93 8.69 8.42 14.92
N GLU B 94 8.38 8.82 13.68
CA GLU B 94 8.73 10.15 13.21
C GLU B 94 7.77 11.17 13.77
N TYR B 95 6.52 10.76 13.95
CA TYR B 95 5.49 11.62 14.49
C TYR B 95 4.72 10.92 15.60
N PRO B 96 5.33 10.79 16.79
CA PRO B 96 4.72 10.13 17.95
C PRO B 96 3.31 10.60 18.28
N ARG B 97 3.01 11.87 18.03
CA ARG B 97 1.70 12.38 18.36
C ARG B 97 0.71 12.17 17.22
N GLY B 98 1.21 11.59 16.14
CA GLY B 98 0.35 11.27 15.01
C GLY B 98 0.54 12.08 13.74
N ARG B 99 0.31 11.43 12.60
CA ARG B 99 0.43 12.03 11.27
C ARG B 99 -0.80 11.57 10.45
N GLN B 100 -1.12 12.25 9.36
CA GLN B 100 -2.30 11.81 8.59
C GLN B 100 -2.02 11.69 7.11
N PHE B 101 -2.90 11.00 6.42
CA PHE B 101 -2.78 10.82 4.99
C PHE B 101 -4.08 10.18 4.52
N VAL B 102 -4.39 10.31 3.24
CA VAL B 102 -5.62 9.75 2.72
C VAL B 102 -5.27 8.57 1.84
N VAL B 103 -6.20 7.61 1.75
CA VAL B 103 -6.06 6.40 0.93
C VAL B 103 -7.27 6.25 -0.02
N VAL B 104 -7.03 6.37 -1.32
CA VAL B 104 -8.08 6.24 -2.31
C VAL B 104 -7.84 4.91 -2.95
N ALA B 105 -8.90 4.13 -3.12
CA ALA B 105 -8.75 2.81 -3.72
C ALA B 105 -9.97 2.40 -4.54
N ASN B 106 -9.73 1.55 -5.53
CA ASN B 106 -10.81 1.01 -6.37
C ASN B 106 -11.42 -0.22 -5.68
N ASP B 107 -12.72 -0.45 -5.86
CA ASP B 107 -13.36 -1.63 -5.30
C ASP B 107 -13.50 -2.65 -6.42
N ILE B 108 -12.47 -3.45 -6.61
CA ILE B 108 -12.48 -4.44 -7.67
C ILE B 108 -13.76 -5.30 -7.71
N THR B 109 -14.51 -5.33 -6.62
CA THR B 109 -15.73 -6.12 -6.58
C THR B 109 -16.90 -5.31 -7.15
N PHE B 110 -16.74 -3.98 -7.21
CA PHE B 110 -17.78 -3.15 -7.77
C PHE B 110 -17.53 -3.00 -9.28
N LYS B 111 -18.44 -3.54 -10.08
CA LYS B 111 -18.29 -3.50 -11.54
C LYS B 111 -16.81 -3.63 -11.96
N ILE B 112 -16.19 -4.75 -11.59
CA ILE B 112 -14.78 -5.02 -11.88
C ILE B 112 -13.86 -3.81 -11.64
N GLY B 113 -14.23 -3.00 -10.66
CA GLY B 113 -13.45 -1.82 -10.33
C GLY B 113 -13.16 -0.93 -11.52
N SER B 114 -14.18 -0.74 -12.35
CA SER B 114 -14.07 0.09 -13.52
C SER B 114 -14.18 1.56 -13.12
N PHE B 115 -13.65 2.44 -13.96
CA PHE B 115 -13.68 3.87 -13.72
C PHE B 115 -14.86 4.57 -14.38
N GLY B 116 -15.90 4.79 -13.59
CA GLY B 116 -17.07 5.45 -14.09
C GLY B 116 -17.03 6.91 -13.70
N PRO B 117 -17.98 7.70 -14.20
CA PRO B 117 -18.02 9.11 -13.87
C PRO B 117 -18.09 9.39 -12.38
N GLN B 118 -18.94 8.64 -11.69
CA GLN B 118 -19.10 8.84 -10.25
C GLN B 118 -17.81 8.47 -9.52
N GLU B 119 -17.14 7.45 -10.01
CA GLU B 119 -15.89 7.06 -9.41
C GLU B 119 -14.83 8.14 -9.67
N ASP B 120 -14.73 8.60 -10.90
CA ASP B 120 -13.73 9.64 -11.22
C ASP B 120 -13.98 10.87 -10.39
N GLU B 121 -15.25 11.20 -10.26
CA GLU B 121 -15.61 12.38 -9.52
C GLU B 121 -15.17 12.22 -8.07
N PHE B 122 -15.42 11.04 -7.49
CA PHE B 122 -15.04 10.80 -6.12
C PHE B 122 -13.53 10.83 -5.94
N PHE B 123 -12.82 10.24 -6.90
CA PHE B 123 -11.36 10.21 -6.85
C PHE B 123 -10.81 11.65 -6.84
N ASN B 124 -11.28 12.49 -7.77
CA ASN B 124 -10.86 13.87 -7.85
C ASN B 124 -11.16 14.55 -6.50
N LYS B 125 -12.37 14.37 -5.98
CA LYS B 125 -12.71 15.00 -4.68
C LYS B 125 -11.75 14.64 -3.56
N VAL B 126 -11.42 13.36 -3.47
CA VAL B 126 -10.53 12.89 -2.41
C VAL B 126 -9.13 13.47 -2.57
N THR B 127 -8.68 13.60 -3.81
CA THR B 127 -7.37 14.15 -4.10
C THR B 127 -7.30 15.62 -3.65
N GLU B 128 -8.28 16.40 -4.08
CA GLU B 128 -8.34 17.79 -3.68
C GLU B 128 -8.40 17.93 -2.15
N TYR B 129 -9.18 17.04 -1.53
CA TYR B 129 -9.33 17.01 -0.07
C TYR B 129 -7.95 16.83 0.55
N ALA B 130 -7.14 15.96 -0.04
CA ALA B 130 -5.81 15.72 0.47
C ALA B 130 -4.87 16.91 0.31
N ARG B 131 -4.70 17.40 -0.91
CA ARG B 131 -3.79 18.53 -1.15
C ARG B 131 -4.20 19.83 -0.47
N LYS B 132 -5.49 20.01 -0.28
CA LYS B 132 -5.96 21.21 0.41
C LYS B 132 -5.45 21.16 1.86
N ARG B 133 -5.27 19.95 2.36
CA ARG B 133 -4.79 19.78 3.71
C ARG B 133 -3.30 19.56 3.70
N GLY B 134 -2.73 19.38 2.52
CA GLY B 134 -1.30 19.20 2.43
C GLY B 134 -0.88 17.81 2.83
N ILE B 135 -1.89 16.96 2.98
CA ILE B 135 -1.66 15.60 3.38
C ILE B 135 -1.44 14.71 2.17
N PRO B 136 -0.57 13.69 2.30
CA PRO B 136 -0.24 12.73 1.25
C PRO B 136 -1.42 11.87 0.73
N ARG B 137 -1.37 11.53 -0.55
CA ARG B 137 -2.43 10.76 -1.16
C ARG B 137 -1.96 9.36 -1.55
N ILE B 138 -2.50 8.34 -0.89
CA ILE B 138 -2.14 6.94 -1.19
C ILE B 138 -3.24 6.34 -2.05
N TYR B 139 -2.86 5.82 -3.22
CA TYR B 139 -3.81 5.24 -4.16
C TYR B 139 -3.54 3.77 -4.38
N LEU B 140 -4.55 2.96 -4.14
CA LEU B 140 -4.44 1.51 -4.29
C LEU B 140 -5.07 1.17 -5.62
N ALA B 141 -4.27 0.87 -6.63
CA ALA B 141 -4.80 0.56 -7.96
C ALA B 141 -5.21 -0.91 -8.15
N ALA B 142 -6.51 -1.15 -8.31
CA ALA B 142 -7.05 -2.49 -8.55
C ALA B 142 -8.30 -2.25 -9.39
N ASN B 143 -8.10 -2.02 -10.68
CA ASN B 143 -9.19 -1.71 -11.56
C ASN B 143 -9.17 -2.47 -12.87
N SER B 144 -10.13 -2.13 -13.73
CA SER B 144 -10.24 -2.74 -15.05
C SER B 144 -10.33 -1.67 -16.12
N GLY B 145 -9.87 -0.45 -15.81
CA GLY B 145 -9.92 0.62 -16.78
C GLY B 145 -11.19 1.44 -16.70
N ALA B 146 -11.52 2.19 -17.76
CA ALA B 146 -12.73 3.02 -17.80
C ALA B 146 -13.93 2.17 -18.15
N ARG B 147 -15.08 2.60 -17.65
CA ARG B 147 -16.31 1.87 -17.88
C ARG B 147 -16.80 2.04 -19.31
N ILE B 148 -17.34 0.98 -19.90
CA ILE B 148 -17.85 1.05 -21.27
C ILE B 148 -19.20 0.33 -21.41
N GLY B 149 -19.90 0.57 -22.52
CA GLY B 149 -21.19 -0.07 -22.74
C GLY B 149 -22.06 0.63 -23.76
N ALA B 151 -26.38 1.49 -25.08
CA ALA B 151 -27.71 1.81 -24.57
C ALA B 151 -28.56 0.54 -24.70
N GLU B 152 -28.33 -0.40 -23.81
CA GLU B 152 -29.04 -1.67 -23.82
C GLU B 152 -30.55 -1.53 -23.96
N GLU B 153 -31.11 -0.44 -23.42
CA GLU B 153 -32.54 -0.25 -23.50
C GLU B 153 -33.01 0.08 -24.90
N ILE B 154 -32.10 0.00 -25.87
CA ILE B 154 -32.45 0.31 -27.25
C ILE B 154 -32.00 -0.83 -28.14
N VAL B 155 -31.74 -1.97 -27.53
CA VAL B 155 -31.28 -3.13 -28.27
C VAL B 155 -32.42 -4.02 -28.75
N PRO B 156 -33.44 -4.24 -27.90
CA PRO B 156 -34.56 -5.09 -28.32
C PRO B 156 -35.69 -4.33 -29.01
N LEU B 157 -35.46 -3.08 -29.40
CA LEU B 157 -36.50 -2.30 -30.04
C LEU B 157 -36.11 -1.76 -31.42
N PHE B 158 -34.82 -1.54 -31.61
CA PHE B 158 -34.35 -1.01 -32.87
C PHE B 158 -34.71 -1.92 -34.04
N GLN B 159 -35.16 -1.32 -35.14
CA GLN B 159 -35.53 -2.05 -36.35
C GLN B 159 -34.51 -1.81 -37.46
N VAL B 160 -34.57 -2.65 -38.49
CA VAL B 160 -33.65 -2.52 -39.62
C VAL B 160 -34.41 -2.21 -40.92
N ALA B 161 -33.99 -1.15 -41.59
CA ALA B 161 -34.60 -0.74 -42.85
C ALA B 161 -33.78 -1.31 -44.01
N TRP B 162 -33.94 -2.60 -44.26
CA TRP B 162 -33.21 -3.28 -45.33
C TRP B 162 -33.45 -2.63 -46.68
N ASN B 163 -32.38 -2.35 -47.41
CA ASN B 163 -32.48 -1.72 -48.72
C ASN B 163 -33.16 -2.65 -49.71
N ASP B 164 -33.46 -3.87 -49.26
CA ASP B 164 -34.11 -4.89 -50.08
C ASP B 164 -35.35 -5.42 -49.36
N ALA B 165 -35.76 -6.63 -49.69
CA ALA B 165 -36.93 -7.22 -49.06
C ALA B 165 -36.81 -8.74 -48.95
N ALA B 166 -36.98 -9.23 -47.73
CA ALA B 166 -36.95 -10.67 -47.45
C ALA B 166 -35.68 -11.39 -47.89
N ASN B 167 -34.75 -10.62 -48.46
CA ASN B 167 -33.47 -11.16 -48.92
C ASN B 167 -32.40 -10.32 -48.20
N PRO B 168 -32.31 -10.43 -46.86
CA PRO B 168 -31.34 -9.67 -46.05
C PRO B 168 -29.92 -9.49 -46.59
N ASP B 169 -29.31 -10.55 -47.12
CA ASP B 169 -27.95 -10.46 -47.64
C ASP B 169 -27.65 -9.34 -48.63
N LYS B 170 -28.62 -8.45 -48.87
CA LYS B 170 -28.42 -7.35 -49.80
C LYS B 170 -28.01 -6.08 -49.07
N GLY B 171 -28.40 -5.96 -47.81
CA GLY B 171 -28.03 -4.79 -47.04
C GLY B 171 -29.18 -4.04 -46.40
N PHE B 172 -28.83 -3.00 -45.64
CA PHE B 172 -29.82 -2.16 -44.96
C PHE B 172 -29.48 -0.69 -45.20
N GLN B 173 -30.46 0.18 -45.01
CA GLN B 173 -30.25 1.61 -45.21
C GLN B 173 -29.99 2.35 -43.91
N TYR B 174 -30.63 1.91 -42.83
CA TYR B 174 -30.43 2.55 -41.53
C TYR B 174 -31.11 1.80 -40.40
N LEU B 175 -31.26 2.44 -39.25
CA LEU B 175 -31.88 1.80 -38.10
C LEU B 175 -32.95 2.70 -37.52
N TYR B 176 -34.21 2.33 -37.74
CA TYR B 176 -35.33 3.11 -37.26
C TYR B 176 -35.95 2.47 -36.03
N LEU B 177 -36.87 3.21 -35.42
CA LEU B 177 -37.56 2.74 -34.24
C LEU B 177 -39.06 2.89 -34.45
N THR B 178 -39.76 1.76 -34.63
CA THR B 178 -41.21 1.75 -34.85
C THR B 178 -41.98 2.56 -33.80
N SER B 179 -43.18 2.99 -34.16
CA SER B 179 -44.02 3.77 -33.25
C SER B 179 -44.17 3.04 -31.91
N GLU B 180 -44.13 1.70 -31.97
CA GLU B 180 -44.26 0.89 -30.78
C GLU B 180 -43.10 1.18 -29.84
N GLY B 181 -41.90 1.07 -30.36
CA GLY B 181 -40.70 1.32 -29.56
C GLY B 181 -40.71 2.74 -29.01
N GLU B 183 -43.16 4.56 -28.19
CA GLU B 183 -44.08 4.62 -27.06
C GLU B 183 -43.51 3.88 -25.85
N THR B 184 -42.90 2.73 -26.10
CA THR B 184 -42.31 1.93 -25.03
C THR B 184 -41.34 2.78 -24.22
N LEU B 185 -40.47 3.50 -24.91
CA LEU B 185 -39.52 4.38 -24.25
C LEU B 185 -40.23 5.50 -23.50
N LYS B 186 -41.26 6.07 -24.10
CA LYS B 186 -41.99 7.15 -23.45
C LYS B 186 -42.56 6.72 -22.10
N LYS B 187 -43.00 5.46 -22.01
CA LYS B 187 -43.57 4.92 -20.79
C LYS B 187 -42.45 4.56 -19.82
N PHE B 188 -41.35 4.02 -20.35
CA PHE B 188 -40.18 3.63 -19.58
C PHE B 188 -39.42 4.88 -19.06
N ASP B 189 -39.91 6.06 -19.46
CA ASP B 189 -39.31 7.33 -19.06
C ASP B 189 -37.94 7.57 -19.72
N LYS B 190 -37.50 6.60 -20.51
CA LYS B 190 -36.22 6.70 -21.20
C LYS B 190 -36.49 7.22 -22.61
N GLU B 191 -37.37 8.20 -22.69
CA GLU B 191 -37.78 8.78 -23.96
C GLU B 191 -36.63 9.43 -24.72
N ASN B 192 -35.83 10.21 -24.02
CA ASN B 192 -34.71 10.90 -24.65
C ASN B 192 -33.43 10.04 -24.74
N SER B 193 -33.60 8.73 -24.79
CA SER B 193 -32.48 7.81 -24.88
C SER B 193 -31.94 7.73 -26.30
N VAL B 194 -32.63 8.37 -27.24
CA VAL B 194 -32.19 8.37 -28.62
C VAL B 194 -32.66 9.61 -29.36
N LEU B 195 -32.00 9.91 -30.47
CA LEU B 195 -32.32 11.06 -31.30
C LEU B 195 -32.79 10.55 -32.66
N THR B 196 -34.09 10.70 -32.92
CA THR B 196 -34.68 10.24 -34.16
C THR B 196 -35.40 11.35 -34.91
N GLU B 197 -35.92 10.99 -36.08
CA GLU B 197 -36.67 11.89 -36.94
C GLU B 197 -37.78 11.11 -37.66
N ARG B 198 -38.96 11.70 -37.75
CA ARG B 198 -40.10 11.05 -38.40
C ARG B 198 -39.88 10.89 -39.91
N THR B 199 -40.29 9.74 -40.44
CA THR B 199 -40.15 9.45 -41.86
C THR B 199 -41.28 8.52 -42.29
N VAL B 200 -42.50 9.04 -42.30
CA VAL B 200 -43.67 8.25 -42.71
C VAL B 200 -43.55 7.97 -44.19
N ILE B 201 -42.87 6.87 -44.52
CA ILE B 201 -42.67 6.50 -45.91
C ILE B 201 -43.09 5.04 -46.12
N ASN B 202 -43.21 4.66 -47.40
CA ASN B 202 -43.59 3.31 -47.79
C ASN B 202 -44.73 2.73 -46.96
N GLY B 203 -45.69 3.58 -46.60
CA GLY B 203 -46.81 3.12 -45.81
C GLY B 203 -46.66 3.42 -44.33
N GLU B 204 -46.04 2.50 -43.59
CA GLU B 204 -45.85 2.67 -42.15
C GLU B 204 -44.91 3.85 -41.86
N GLU B 205 -45.13 4.51 -40.73
CA GLU B 205 -44.30 5.64 -40.32
C GLU B 205 -43.14 5.08 -39.52
N ARG B 206 -41.93 5.54 -39.84
CA ARG B 206 -40.75 5.06 -39.14
C ARG B 206 -39.97 6.20 -38.50
N PHE B 207 -39.31 5.90 -37.38
CA PHE B 207 -38.51 6.89 -36.66
C PHE B 207 -37.03 6.52 -36.77
N VAL B 208 -36.39 7.04 -37.82
CA VAL B 208 -34.98 6.78 -38.04
C VAL B 208 -34.11 7.28 -36.89
N ILE B 209 -33.31 6.38 -36.34
CA ILE B 209 -32.41 6.71 -35.24
C ILE B 209 -31.14 7.34 -35.77
N LYS B 210 -30.94 8.61 -35.47
CA LYS B 210 -29.76 9.35 -35.90
C LYS B 210 -28.60 9.20 -34.92
N THR B 211 -28.93 9.15 -33.63
CA THR B 211 -27.92 8.98 -32.61
C THR B 211 -28.48 8.28 -31.38
N ILE B 212 -27.71 7.36 -30.80
CA ILE B 212 -28.16 6.65 -29.62
C ILE B 212 -27.44 7.20 -28.41
N ILE B 213 -28.17 7.92 -27.56
CA ILE B 213 -27.60 8.50 -26.34
C ILE B 213 -27.50 7.48 -25.21
N GLY B 214 -28.65 7.00 -24.73
CA GLY B 214 -28.65 6.02 -23.66
C GLY B 214 -29.10 6.64 -22.36
N SER B 215 -29.73 5.84 -21.51
CA SER B 215 -30.20 6.32 -20.21
C SER B 215 -29.18 6.02 -19.11
N GLU B 216 -28.37 4.98 -19.32
CA GLU B 216 -27.34 4.60 -18.35
C GLU B 216 -26.11 5.47 -18.53
N ASP B 217 -25.65 6.08 -17.44
CA ASP B 217 -24.49 6.97 -17.45
C ASP B 217 -23.22 6.16 -17.32
N GLY B 218 -22.33 6.32 -18.29
CA GLY B 218 -21.08 5.61 -18.23
C GLY B 218 -20.87 4.70 -19.44
N LEU B 219 -21.25 5.17 -20.62
CA LEU B 219 -21.08 4.35 -21.81
C LEU B 219 -19.82 4.68 -22.59
N GLY B 220 -19.52 5.97 -22.72
CA GLY B 220 -18.36 6.33 -23.49
C GLY B 220 -17.64 7.61 -23.14
N VAL B 221 -17.87 8.65 -23.92
CA VAL B 221 -17.18 9.91 -23.71
C VAL B 221 -17.27 10.45 -22.31
N GLU B 222 -18.37 10.16 -21.62
CA GLU B 222 -18.51 10.68 -20.27
C GLU B 222 -17.45 10.07 -19.34
N CYS B 223 -16.91 8.91 -19.75
CA CYS B 223 -15.89 8.19 -18.98
C CYS B 223 -14.53 8.71 -19.33
N LEU B 224 -14.44 9.24 -20.54
CA LEU B 224 -13.21 9.83 -21.03
C LEU B 224 -13.00 11.17 -20.32
N ARG B 225 -14.08 11.92 -20.15
CA ARG B 225 -14.03 13.22 -19.46
C ARG B 225 -13.59 13.01 -18.00
N GLY B 226 -14.07 11.93 -17.39
CA GLY B 226 -13.71 11.65 -16.01
C GLY B 226 -12.25 11.25 -15.89
N SER B 227 -11.79 10.43 -16.84
CA SER B 227 -10.41 9.97 -16.82
C SER B 227 -9.46 11.14 -17.00
N GLY B 228 -9.84 12.10 -17.83
CA GLY B 228 -9.00 13.27 -18.05
C GLY B 228 -8.99 14.14 -16.81
N LEU B 229 -10.15 14.26 -16.20
CA LEU B 229 -10.27 15.04 -14.99
C LEU B 229 -9.31 14.56 -13.91
N ILE B 230 -9.40 13.27 -13.54
CA ILE B 230 -8.53 12.71 -12.51
C ILE B 230 -7.07 12.61 -12.96
N ALA B 231 -6.85 12.50 -14.25
CA ALA B 231 -5.47 12.50 -14.76
C ALA B 231 -4.84 13.85 -14.42
N GLY B 232 -5.47 14.97 -14.82
CA GLY B 232 -4.91 16.27 -14.53
C GLY B 232 -4.87 16.50 -13.04
N ALA B 233 -5.80 15.86 -12.35
CA ALA B 233 -5.89 16.00 -10.89
C ALA B 233 -4.66 15.35 -10.23
N THR B 234 -4.24 14.19 -10.71
CA THR B 234 -3.09 13.54 -10.16
C THR B 234 -1.88 14.37 -10.55
N SER B 235 -1.87 14.82 -11.78
CA SER B 235 -0.76 15.59 -12.25
C SER B 235 -0.41 16.76 -11.35
N ARG B 236 -1.42 17.50 -10.90
CA ARG B 236 -1.24 18.64 -10.01
C ARG B 236 -0.86 18.13 -8.61
N ALA B 237 -1.41 16.98 -8.24
CA ALA B 237 -1.14 16.40 -6.93
C ALA B 237 0.33 16.15 -6.69
N TYR B 238 0.99 15.55 -7.68
CA TYR B 238 2.41 15.24 -7.60
C TYR B 238 3.26 16.46 -7.28
N HIS B 239 2.86 17.62 -7.78
CA HIS B 239 3.67 18.84 -7.54
C HIS B 239 3.27 19.53 -6.27
N ASP B 240 2.18 19.05 -5.65
CA ASP B 240 1.65 19.65 -4.43
C ASP B 240 1.84 18.79 -3.22
N ILE B 241 1.57 17.50 -3.34
CA ILE B 241 1.76 16.66 -2.16
C ILE B 241 2.36 15.33 -2.44
N PHE B 242 2.67 14.62 -1.38
CA PHE B 242 3.25 13.31 -1.57
C PHE B 242 2.23 12.31 -2.20
N THR B 243 2.56 11.74 -3.35
CA THR B 243 1.65 10.81 -4.00
C THR B 243 2.36 9.50 -4.24
N ILE B 244 1.64 8.40 -4.02
CA ILE B 244 2.19 7.07 -4.19
C ILE B 244 1.07 6.10 -4.61
N THR B 245 1.40 5.17 -5.49
CA THR B 245 0.41 4.23 -5.94
C THR B 245 0.87 2.78 -5.77
N LEU B 246 -0.07 1.92 -5.39
CA LEU B 246 0.22 0.50 -5.20
C LEU B 246 -0.73 -0.33 -6.05
N VAL B 247 -0.20 -1.21 -6.89
CA VAL B 247 -1.04 -2.07 -7.71
C VAL B 247 -1.34 -3.40 -7.02
N THR B 248 -2.46 -3.47 -6.30
CA THR B 248 -2.81 -4.69 -5.60
C THR B 248 -3.44 -5.70 -6.52
N CYS B 249 -4.00 -5.26 -7.63
CA CYS B 249 -4.62 -6.19 -8.57
C CYS B 249 -4.58 -5.48 -9.90
N ARG B 250 -4.30 -6.21 -10.97
CA ARG B 250 -4.20 -5.60 -12.29
C ARG B 250 -4.75 -4.16 -12.40
N SER B 251 -3.92 -3.24 -12.86
CA SER B 251 -4.38 -1.85 -13.03
C SER B 251 -4.28 -1.54 -14.52
N VAL B 252 -5.41 -1.29 -15.18
CA VAL B 252 -5.37 -1.03 -16.62
C VAL B 252 -5.96 0.28 -17.08
N GLY B 253 -5.63 0.67 -18.31
CA GLY B 253 -6.14 1.89 -18.87
C GLY B 253 -5.78 3.16 -18.09
N ILE B 254 -6.79 3.94 -17.71
CA ILE B 254 -6.56 5.16 -16.96
C ILE B 254 -5.90 4.74 -15.64
N GLY B 255 -6.19 3.53 -15.16
CA GLY B 255 -5.57 3.08 -13.93
C GLY B 255 -4.05 2.94 -14.08
N ALA B 256 -3.60 2.58 -15.29
CA ALA B 256 -2.17 2.42 -15.54
C ALA B 256 -1.55 3.78 -15.68
N TYR B 257 -2.29 4.64 -16.34
CA TYR B 257 -1.86 5.99 -16.53
C TYR B 257 -1.74 6.69 -15.18
N LEU B 258 -2.70 6.46 -14.26
CA LEU B 258 -2.67 7.14 -12.94
C LEU B 258 -1.45 6.67 -12.20
N VAL B 259 -1.01 5.45 -12.48
CA VAL B 259 0.19 4.93 -11.81
C VAL B 259 1.40 5.81 -12.17
N ARG B 260 1.59 6.07 -13.46
CA ARG B 260 2.73 6.90 -13.89
C ARG B 260 2.57 8.35 -13.45
N LEU B 261 1.37 8.89 -13.60
CA LEU B 261 1.06 10.25 -13.19
C LEU B 261 1.40 10.50 -11.71
N GLY B 262 1.29 9.49 -10.86
CA GLY B 262 1.63 9.70 -9.44
C GLY B 262 3.11 9.47 -9.22
N GLN B 263 3.80 9.15 -10.31
CA GLN B 263 5.24 8.89 -10.25
C GLN B 263 5.62 7.69 -9.39
N ARG B 264 5.69 7.91 -8.07
CA ARG B 264 6.02 6.91 -7.07
C ARG B 264 5.06 5.71 -7.12
N ALA B 265 5.58 4.52 -7.40
CA ALA B 265 4.72 3.36 -7.50
C ALA B 265 5.31 2.05 -7.03
N ILE B 266 4.53 1.29 -6.28
CA ILE B 266 4.98 -0.02 -5.83
C ILE B 266 4.06 -1.05 -6.47
N GLN B 267 4.63 -2.00 -7.19
CA GLN B 267 3.85 -3.04 -7.84
C GLN B 267 3.92 -4.39 -7.13
N VAL B 268 2.77 -5.02 -6.93
CA VAL B 268 2.71 -6.32 -6.29
C VAL B 268 2.98 -7.39 -7.35
N GLU B 269 3.74 -8.42 -6.97
CA GLU B 269 4.06 -9.46 -7.92
C GLU B 269 2.82 -10.15 -8.39
N GLY B 270 2.75 -10.37 -9.70
CA GLY B 270 1.60 -11.05 -10.25
C GLY B 270 0.54 -10.09 -10.71
N GLN B 271 0.65 -8.86 -10.20
CA GLN B 271 -0.31 -7.79 -10.55
C GLN B 271 0.18 -6.95 -11.73
N PRO B 272 -0.43 -7.14 -12.89
CA PRO B 272 -0.05 -6.43 -14.10
C PRO B 272 -0.63 -5.05 -14.25
N ILE B 273 0.15 -4.21 -14.94
CA ILE B 273 -0.24 -2.85 -15.25
C ILE B 273 -0.45 -2.86 -16.77
N ILE B 274 -1.70 -2.92 -17.20
CA ILE B 274 -2.00 -2.94 -18.63
C ILE B 274 -2.53 -1.61 -19.18
N LEU B 275 -2.02 -1.21 -20.34
CA LEU B 275 -2.50 0.04 -20.95
C LEU B 275 -3.67 -0.34 -21.83
N THR B 276 -3.46 -1.39 -22.63
CA THR B 276 -4.49 -1.90 -23.53
C THR B 276 -4.48 -3.42 -23.44
N GLY B 277 -5.67 -4.00 -23.37
CA GLY B 277 -5.78 -5.45 -23.27
C GLY B 277 -4.95 -6.22 -24.28
N ALA B 278 -4.21 -7.22 -23.78
CA ALA B 278 -3.37 -8.06 -24.63
C ALA B 278 -4.18 -8.74 -25.74
N PRO B 279 -5.37 -9.29 -25.42
CA PRO B 279 -6.22 -9.96 -26.42
C PRO B 279 -6.48 -9.05 -27.63
N ALA B 280 -6.67 -7.76 -27.35
CA ALA B 280 -6.92 -6.76 -28.39
C ALA B 280 -5.65 -6.47 -29.20
N ILE B 281 -4.50 -6.50 -28.52
CA ILE B 281 -3.22 -6.23 -29.16
C ILE B 281 -2.91 -7.32 -30.18
N ASN B 282 -3.30 -8.55 -29.85
CA ASN B 282 -3.09 -9.70 -30.73
C ASN B 282 -3.93 -9.57 -32.00
N LYS B 283 -5.20 -9.18 -31.84
CA LYS B 283 -6.09 -9.00 -32.97
C LYS B 283 -5.49 -8.01 -33.97
N LEU B 285 -2.23 -7.31 -33.98
CA LEU B 285 -0.89 -7.82 -34.26
C LEU B 285 -1.01 -9.01 -35.22
N GLY B 286 -2.24 -9.44 -35.46
CA GLY B 286 -2.48 -10.56 -36.36
C GLY B 286 -2.61 -11.87 -35.62
N ARG B 287 -1.47 -12.49 -35.29
CA ARG B 287 -1.46 -13.76 -34.59
C ARG B 287 -1.44 -13.55 -33.08
N GLU B 288 -1.51 -14.64 -32.34
CA GLU B 288 -1.49 -14.59 -30.88
C GLU B 288 -0.07 -14.51 -30.36
N VAL B 289 0.48 -13.30 -30.38
CA VAL B 289 1.85 -13.05 -29.92
C VAL B 289 2.00 -13.20 -28.41
N TYR B 290 0.98 -12.79 -27.66
CA TYR B 290 1.03 -12.90 -26.21
C TYR B 290 0.06 -13.94 -25.69
N THR B 291 0.28 -14.36 -24.45
CA THR B 291 -0.55 -15.37 -23.80
C THR B 291 -1.20 -14.84 -22.51
N SER B 292 -0.41 -14.10 -21.73
CA SER B 292 -0.86 -13.52 -20.46
C SER B 292 -0.56 -12.02 -20.38
N ASN B 293 -1.36 -11.30 -19.58
CA ASN B 293 -1.15 -9.87 -19.42
C ASN B 293 0.15 -9.60 -18.70
N LEU B 294 0.48 -10.47 -17.76
CA LEU B 294 1.72 -10.31 -17.01
C LEU B 294 2.90 -10.33 -17.97
N GLN B 295 2.65 -10.80 -19.19
CA GLN B 295 3.68 -10.86 -20.21
C GLN B 295 3.91 -9.47 -20.80
N LEU B 296 3.04 -8.53 -20.43
CA LEU B 296 3.17 -7.15 -20.92
C LEU B 296 3.38 -6.16 -19.78
N GLY B 297 2.53 -6.25 -18.76
CA GLY B 297 2.62 -5.33 -17.65
C GLY B 297 3.13 -5.96 -16.36
N GLY B 298 3.78 -7.11 -16.49
CA GLY B 298 4.31 -7.79 -15.33
C GLY B 298 5.38 -6.97 -14.63
N THR B 299 5.79 -7.41 -13.44
CA THR B 299 6.81 -6.69 -12.69
C THR B 299 8.17 -6.75 -13.41
N GLN B 300 8.47 -7.90 -14.00
CA GLN B 300 9.74 -8.05 -14.71
C GLN B 300 9.80 -7.12 -15.92
N ILE B 301 8.78 -6.28 -16.09
CA ILE B 301 8.78 -5.37 -17.20
C ILE B 301 8.67 -3.95 -16.67
N TYR B 303 9.06 -3.03 -13.60
CA TYR B 303 10.07 -2.78 -12.57
C TYR B 303 11.44 -2.52 -13.23
N ASN B 304 11.61 -3.07 -14.41
CA ASN B 304 12.85 -2.92 -15.15
C ASN B 304 12.79 -1.64 -15.96
N ASN B 305 11.59 -1.25 -16.39
CA ASN B 305 11.40 -0.04 -17.18
C ASN B 305 11.43 1.21 -16.34
N GLY B 306 11.25 1.06 -15.03
CA GLY B 306 11.28 2.22 -14.16
C GLY B 306 9.91 2.71 -13.77
N VAL B 307 8.87 2.18 -14.41
CA VAL B 307 7.52 2.59 -14.06
C VAL B 307 7.24 2.20 -12.62
N SER B 308 7.73 1.03 -12.21
CA SER B 308 7.53 0.58 -10.84
C SER B 308 8.81 0.82 -10.04
N HIS B 309 8.76 1.77 -9.10
CA HIS B 309 9.91 2.08 -8.26
C HIS B 309 10.32 0.90 -7.40
N LEU B 310 9.34 0.23 -6.80
CA LEU B 310 9.58 -0.93 -5.94
C LEU B 310 8.60 -2.07 -6.26
N THR B 311 8.96 -3.27 -5.80
CA THR B 311 8.14 -4.45 -6.02
C THR B 311 7.69 -4.95 -4.65
N ALA B 312 6.64 -5.76 -4.62
CA ALA B 312 6.20 -6.31 -3.35
C ALA B 312 5.66 -7.73 -3.55
N VAL B 313 6.04 -8.64 -2.65
CA VAL B 313 5.59 -10.05 -2.72
C VAL B 313 4.09 -10.18 -2.54
N ASP B 314 3.53 -9.33 -1.69
CA ASP B 314 2.10 -9.37 -1.44
C ASP B 314 1.58 -8.01 -0.99
N ASP B 315 0.28 -7.89 -0.86
CA ASP B 315 -0.28 -6.62 -0.43
C ASP B 315 0.31 -6.03 0.86
N LEU B 316 0.40 -6.86 1.91
CA LEU B 316 0.94 -6.42 3.19
C LEU B 316 2.35 -5.86 3.00
N ALA B 317 3.11 -6.52 2.15
CA ALA B 317 4.46 -6.08 1.87
C ALA B 317 4.39 -4.70 1.23
N GLY B 318 3.44 -4.53 0.31
CA GLY B 318 3.26 -3.26 -0.36
C GLY B 318 2.95 -2.14 0.62
N VAL B 319 1.97 -2.35 1.48
CA VAL B 319 1.62 -1.35 2.45
C VAL B 319 2.84 -0.99 3.29
N GLU B 320 3.61 -2.01 3.65
CA GLU B 320 4.81 -1.79 4.48
C GLU B 320 5.77 -0.86 3.79
N LYS B 321 6.03 -1.11 2.51
CA LYS B 321 6.95 -0.26 1.79
C LYS B 321 6.41 1.17 1.66
N ILE B 322 5.10 1.30 1.58
CA ILE B 322 4.51 2.63 1.51
C ILE B 322 4.81 3.33 2.82
N VAL B 323 4.44 2.67 3.92
CA VAL B 323 4.65 3.20 5.27
C VAL B 323 6.11 3.57 5.51
N GLU B 324 7.02 2.74 5.00
CA GLU B 324 8.42 3.01 5.18
C GLU B 324 8.85 4.22 4.37
N TRP B 325 8.46 4.24 3.10
CA TRP B 325 8.78 5.36 2.21
C TRP B 325 8.32 6.66 2.87
N SER B 327 8.17 7.32 6.03
CA SER B 327 8.94 7.69 7.20
C SER B 327 9.95 8.79 6.87
N TYR B 328 10.13 9.11 5.59
CA TYR B 328 11.08 10.17 5.25
C TYR B 328 10.38 11.43 4.82
N VAL B 329 9.09 11.29 4.56
CA VAL B 329 8.25 12.38 4.10
C VAL B 329 7.60 13.14 5.26
N PRO B 330 7.60 14.47 5.19
CA PRO B 330 7.00 15.32 6.22
C PRO B 330 5.54 14.97 6.48
N ALA B 331 5.03 15.34 7.65
CA ALA B 331 3.64 15.04 7.98
C ALA B 331 2.67 15.68 7.01
N LYS B 332 2.88 16.96 6.69
CA LYS B 332 2.03 17.66 5.73
C LYS B 332 2.90 18.65 4.99
N ARG B 333 2.49 19.02 3.78
CA ARG B 333 3.27 19.97 2.96
C ARG B 333 3.86 21.15 3.77
N ASN B 334 5.08 21.55 3.42
CA ASN B 334 5.76 22.65 4.10
C ASN B 334 6.16 22.47 5.55
N PRO B 336 8.60 20.74 8.56
CA PRO B 336 10.00 20.34 8.67
C PRO B 336 10.20 18.87 8.36
N VAL B 337 11.36 18.52 7.82
CA VAL B 337 11.64 17.11 7.51
C VAL B 337 11.60 16.31 8.80
N PRO B 338 11.01 15.10 8.74
CA PRO B 338 10.90 14.21 9.91
C PRO B 338 12.25 13.67 10.37
N ILE B 339 12.77 14.25 11.45
CA ILE B 339 14.05 13.81 12.01
C ILE B 339 13.80 12.58 12.86
N LEU B 340 14.61 11.55 12.68
CA LEU B 340 14.46 10.32 13.45
C LEU B 340 15.81 9.83 13.95
N GLU B 341 16.15 10.19 15.21
CA GLU B 341 17.42 9.80 15.85
C GLU B 341 17.42 8.29 16.06
N THR B 342 18.58 7.69 15.88
CA THR B 342 18.73 6.26 16.09
C THR B 342 20.05 5.92 16.76
N LYS B 343 20.21 4.66 17.18
CA LYS B 343 21.44 4.19 17.82
C LYS B 343 22.70 4.83 17.21
N ASP B 344 22.76 4.85 15.89
CA ASP B 344 23.90 5.42 15.18
C ASP B 344 23.87 6.96 15.14
N THR B 345 24.58 7.59 16.07
CA THR B 345 24.61 9.05 16.13
C THR B 345 25.42 9.63 14.99
N TRP B 346 25.77 10.91 15.09
CA TRP B 346 26.54 11.59 14.04
C TRP B 346 28.00 11.70 14.40
N ASP B 347 28.30 11.85 15.68
CA ASP B 347 29.67 12.01 16.12
C ASP B 347 30.52 10.73 15.99
N ARG B 348 30.91 10.39 14.75
CA ARG B 348 31.72 9.20 14.51
C ARG B 348 32.28 9.28 13.10
N PRO B 349 33.49 8.77 12.90
CA PRO B 349 34.12 8.78 11.58
C PRO B 349 33.48 7.77 10.63
N VAL B 350 33.87 7.82 9.36
CA VAL B 350 33.33 6.89 8.38
C VAL B 350 34.32 5.75 8.20
N ASP B 351 33.92 4.58 8.66
CA ASP B 351 34.74 3.37 8.58
C ASP B 351 35.13 2.99 7.16
N PHE B 352 34.15 2.58 6.36
CA PHE B 352 34.41 2.17 5.00
C PHE B 352 35.09 3.25 4.20
N THR B 353 36.07 2.86 3.38
CA THR B 353 36.77 3.83 2.55
C THR B 353 37.14 3.18 1.22
N PRO B 354 36.65 3.74 0.10
CA PRO B 354 36.95 3.17 -1.23
C PRO B 354 38.44 3.19 -1.55
N THR B 355 38.85 2.30 -2.44
CA THR B 355 40.25 2.20 -2.85
C THR B 355 40.33 1.99 -4.36
N ASN B 356 41.37 2.54 -4.98
CA ASN B 356 41.59 2.43 -6.43
C ASN B 356 41.95 0.99 -6.77
N ASP B 357 42.44 0.27 -5.76
CA ASP B 357 42.88 -1.12 -5.89
C ASP B 357 41.80 -2.17 -5.61
N GLU B 358 40.53 -1.77 -5.71
CA GLU B 358 39.46 -2.73 -5.49
C GLU B 358 38.08 -2.14 -5.79
N THR B 359 37.23 -2.96 -6.40
CA THR B 359 35.89 -2.52 -6.75
C THR B 359 35.10 -2.44 -5.46
N TYR B 360 34.01 -1.68 -5.46
CA TYR B 360 33.17 -1.54 -4.28
C TYR B 360 31.72 -1.21 -4.62
N ASP B 361 30.83 -1.50 -3.69
CA ASP B 361 29.42 -1.21 -3.89
C ASP B 361 29.14 0.13 -3.23
N VAL B 362 28.75 1.12 -4.04
CA VAL B 362 28.47 2.46 -3.54
C VAL B 362 27.58 2.49 -2.31
N ARG B 363 26.70 1.51 -2.23
CA ARG B 363 25.75 1.41 -1.15
C ARG B 363 26.54 1.21 0.19
N TRP B 364 27.78 0.75 0.08
CA TRP B 364 28.55 0.59 1.30
C TRP B 364 28.97 1.96 1.78
N ILE B 366 27.23 4.54 1.33
CA ILE B 366 26.01 5.15 1.77
C ILE B 366 25.57 4.68 3.17
N GLU B 367 25.34 3.37 3.32
CA GLU B 367 24.87 2.81 4.59
C GLU B 367 25.89 1.98 5.38
N GLY B 368 26.86 1.43 4.69
CA GLY B 368 27.87 0.64 5.38
C GLY B 368 28.03 -0.74 4.84
N ARG B 369 29.01 -1.46 5.36
CA ARG B 369 29.30 -2.82 4.92
C ARG B 369 29.41 -3.70 6.16
N GLU B 370 28.98 -4.95 6.04
CA GLU B 370 29.05 -5.88 7.15
C GLU B 370 30.28 -6.77 6.95
N THR B 371 31.44 -6.24 7.31
CA THR B 371 32.69 -6.97 7.17
C THR B 371 32.74 -8.18 8.09
N GLU B 372 33.71 -9.05 7.84
CA GLU B 372 33.91 -10.26 8.62
C GLU B 372 34.27 -9.93 10.07
N SER B 373 34.92 -8.78 10.26
CA SER B 373 35.33 -8.34 11.57
C SER B 373 34.56 -7.10 12.03
N GLY B 374 33.24 -7.24 12.16
CA GLY B 374 32.41 -6.13 12.60
C GLY B 374 31.61 -5.49 11.48
N PHE B 375 31.17 -4.26 11.69
CA PHE B 375 30.39 -3.53 10.71
C PHE B 375 31.02 -2.18 10.35
N GLU B 376 31.42 -2.01 9.09
CA GLU B 376 32.03 -0.75 8.65
C GLU B 376 30.95 0.29 8.37
N TYR B 377 30.81 1.22 9.31
CA TYR B 377 29.83 2.29 9.19
C TYR B 377 30.05 3.14 7.95
N GLY B 378 28.95 3.61 7.37
CA GLY B 378 29.08 4.45 6.19
C GLY B 378 28.89 5.92 6.49
N LEU B 379 28.61 6.69 5.45
CA LEU B 379 28.37 8.14 5.58
C LEU B 379 27.04 8.38 6.30
N PHE B 380 26.02 7.60 5.96
CA PHE B 380 24.71 7.79 6.57
C PHE B 380 24.34 6.78 7.65
N ASP B 381 23.34 7.11 8.44
CA ASP B 381 22.89 6.24 9.51
C ASP B 381 22.69 4.80 9.04
N LYS B 382 23.12 3.86 9.89
CA LYS B 382 23.00 2.44 9.59
C LYS B 382 21.56 2.00 9.42
N GLY B 383 21.32 1.21 8.36
CA GLY B 383 20.00 0.71 8.03
C GLY B 383 18.99 1.81 7.78
N SER B 384 19.43 2.94 7.24
CA SER B 384 18.50 4.02 6.98
C SER B 384 18.33 4.23 5.49
N PHE B 385 19.06 3.45 4.70
CA PHE B 385 18.95 3.60 3.25
C PHE B 385 17.72 2.89 2.71
N PHE B 386 16.87 3.62 1.98
CA PHE B 386 15.66 3.08 1.39
C PHE B 386 15.78 3.27 -0.12
N GLU B 387 16.43 2.33 -0.80
CA GLU B 387 16.60 2.47 -2.25
C GLU B 387 15.32 2.27 -3.05
N THR B 388 15.15 3.06 -4.11
CA THR B 388 13.99 2.97 -4.99
C THR B 388 14.46 2.90 -6.47
N LEU B 389 13.58 2.48 -7.38
CA LEU B 389 13.92 2.35 -8.81
C LEU B 389 15.17 1.48 -8.88
N SER B 390 15.23 0.49 -8.00
CA SER B 390 16.39 -0.38 -7.95
C SER B 390 16.42 -1.39 -9.09
N GLY B 391 15.36 -1.46 -9.88
CA GLY B 391 15.37 -2.39 -10.98
C GLY B 391 15.59 -1.75 -12.33
N TRP B 392 15.74 -0.42 -12.34
CA TRP B 392 15.92 0.30 -13.57
C TRP B 392 17.16 1.17 -13.53
N ALA B 393 17.82 1.35 -14.67
CA ALA B 393 19.01 2.18 -14.74
C ALA B 393 19.97 1.92 -13.58
N LYS B 394 20.36 0.66 -13.46
CA LYS B 394 21.28 0.21 -12.41
C LYS B 394 22.55 1.08 -12.39
N GLY B 395 22.77 1.84 -13.45
CA GLY B 395 23.95 2.67 -13.51
C GLY B 395 24.04 3.63 -12.33
N VAL B 396 22.89 4.08 -11.87
CA VAL B 396 22.90 5.01 -10.76
C VAL B 396 22.04 4.48 -9.63
N VAL B 397 22.39 4.87 -8.40
CA VAL B 397 21.65 4.44 -7.24
C VAL B 397 20.82 5.55 -6.65
N VAL B 398 19.53 5.32 -6.49
CA VAL B 398 18.64 6.33 -5.93
C VAL B 398 18.01 5.74 -4.66
N GLY B 399 17.88 6.54 -3.60
CA GLY B 399 17.27 6.03 -2.39
C GLY B 399 17.15 7.12 -1.34
N ARG B 400 16.46 6.84 -0.24
CA ARG B 400 16.33 7.81 0.86
C ARG B 400 17.26 7.33 1.95
N ALA B 401 17.75 8.26 2.76
CA ALA B 401 18.67 7.94 3.85
C ALA B 401 18.48 8.93 4.98
N ARG B 402 19.26 8.78 6.04
CA ARG B 402 19.19 9.66 7.19
C ARG B 402 20.61 10.03 7.65
N LEU B 403 20.82 11.30 7.99
CA LEU B 403 22.12 11.80 8.45
C LEU B 403 21.92 12.27 9.89
N GLY B 404 22.40 11.48 10.86
CA GLY B 404 22.20 11.85 12.24
C GLY B 404 20.72 12.02 12.55
N GLY B 405 19.86 11.43 11.71
CA GLY B 405 18.44 11.54 11.96
C GLY B 405 17.72 12.34 10.88
N ILE B 406 18.46 13.25 10.24
CA ILE B 406 17.91 14.09 9.18
C ILE B 406 17.64 13.33 7.89
N PRO B 407 16.36 13.27 7.47
CA PRO B 407 16.04 12.55 6.24
C PRO B 407 16.49 13.34 4.99
N LEU B 408 16.97 12.64 3.97
CA LEU B 408 17.42 13.27 2.75
C LEU B 408 17.46 12.27 1.61
N GLY B 409 17.43 12.78 0.38
CA GLY B 409 17.50 11.93 -0.79
C GLY B 409 18.95 11.75 -1.18
N VAL B 410 19.31 10.55 -1.62
CA VAL B 410 20.69 10.28 -1.98
C VAL B 410 20.80 9.69 -3.38
N ILE B 411 21.84 10.11 -4.11
CA ILE B 411 22.09 9.59 -5.45
C ILE B 411 23.58 9.26 -5.55
N GLY B 412 23.92 8.02 -5.85
CA GLY B 412 25.32 7.68 -5.97
C GLY B 412 25.50 7.01 -7.29
N VAL B 413 26.75 6.88 -7.74
CA VAL B 413 27.03 6.26 -9.02
C VAL B 413 27.56 4.84 -8.87
N GLU B 414 27.03 3.94 -9.68
CA GLU B 414 27.46 2.55 -9.65
C GLU B 414 28.83 2.39 -10.34
N THR B 415 29.85 2.03 -9.57
CA THR B 415 31.20 1.88 -10.12
C THR B 415 31.33 0.59 -10.91
N ARG B 416 30.60 -0.44 -10.48
CA ARG B 416 30.60 -1.74 -11.14
C ARG B 416 29.86 -1.68 -12.46
N THR B 417 30.25 -2.53 -13.40
CA THR B 417 29.60 -2.55 -14.72
C THR B 417 28.24 -3.20 -14.63
N VAL B 418 27.24 -2.59 -15.25
CA VAL B 418 25.88 -3.12 -15.21
C VAL B 418 25.67 -4.22 -16.25
N GLU B 419 24.94 -5.26 -15.87
CA GLU B 419 24.65 -6.38 -16.75
C GLU B 419 23.21 -6.35 -17.23
N ASN B 420 22.71 -5.16 -17.53
CA ASN B 420 21.35 -4.99 -18.00
C ASN B 420 21.07 -5.88 -19.20
N LEU B 421 20.32 -6.96 -18.98
CA LEU B 421 19.99 -7.88 -20.05
C LEU B 421 18.50 -7.81 -20.37
N ILE B 422 18.17 -7.51 -21.62
CA ILE B 422 16.77 -7.40 -22.04
C ILE B 422 16.32 -8.63 -22.82
N PRO B 423 15.17 -9.23 -22.42
CA PRO B 423 14.63 -10.42 -23.07
C PRO B 423 14.40 -10.20 -24.57
N ALA B 424 14.16 -11.29 -25.29
CA ALA B 424 13.93 -11.25 -26.74
C ALA B 424 12.70 -10.41 -27.05
N ASP B 425 12.36 -10.34 -28.34
CA ASP B 425 11.20 -9.58 -28.78
C ASP B 425 10.08 -10.51 -29.30
N PRO B 426 8.91 -10.50 -28.62
CA PRO B 426 7.75 -11.33 -28.98
C PRO B 426 7.25 -11.11 -30.42
N ALA B 427 7.29 -9.85 -30.87
CA ALA B 427 6.83 -9.51 -32.22
C ALA B 427 7.88 -9.89 -33.27
N ASN B 428 9.13 -10.02 -32.83
CA ASN B 428 10.19 -10.37 -33.76
C ASN B 428 10.78 -11.77 -33.53
N PRO B 429 10.48 -12.72 -34.44
CA PRO B 429 10.95 -14.11 -34.40
C PRO B 429 12.46 -14.22 -34.24
N ASN B 430 13.17 -13.74 -35.25
CA ASN B 430 14.64 -13.75 -35.30
C ASN B 430 15.28 -13.18 -34.03
N SER B 431 14.94 -11.93 -33.69
CA SER B 431 15.48 -11.28 -32.50
C SER B 431 15.34 -12.16 -31.25
N ALA B 432 16.47 -12.39 -30.58
CA ALA B 432 16.49 -13.21 -29.38
C ALA B 432 16.93 -12.37 -28.18
N GLU B 433 17.29 -13.05 -27.11
CA GLU B 433 17.71 -12.38 -25.89
C GLU B 433 18.99 -11.59 -26.16
N THR B 434 18.97 -10.31 -25.82
CA THR B 434 20.14 -9.45 -26.03
C THR B 434 20.65 -8.84 -24.71
N LEU B 435 21.98 -8.90 -24.51
CA LEU B 435 22.61 -8.38 -23.31
C LEU B 435 23.24 -7.02 -23.59
N ILE B 436 23.29 -6.18 -22.56
CA ILE B 436 23.86 -4.84 -22.69
C ILE B 436 24.90 -4.62 -21.59
N GLN B 437 25.96 -3.90 -21.93
CA GLN B 437 27.02 -3.58 -20.98
C GLN B 437 27.05 -2.09 -20.64
N GLU B 438 26.70 -1.78 -19.39
CA GLU B 438 26.69 -0.40 -18.94
C GLU B 438 27.87 -0.09 -18.01
N PRO B 439 28.98 0.40 -18.58
CA PRO B 439 30.18 0.74 -17.81
C PRO B 439 29.83 1.64 -16.63
N GLY B 440 30.62 1.57 -15.57
CA GLY B 440 30.36 2.38 -14.40
C GLY B 440 30.93 3.79 -14.52
N GLN B 441 30.32 4.74 -13.81
CA GLN B 441 30.75 6.13 -13.81
C GLN B 441 30.66 6.73 -15.20
N VAL B 442 29.72 6.22 -15.99
CA VAL B 442 29.47 6.69 -17.33
C VAL B 442 27.96 6.86 -17.54
N TRP B 443 27.53 8.09 -17.76
CA TRP B 443 26.12 8.39 -17.98
C TRP B 443 25.53 7.77 -19.25
N HIS B 444 24.32 7.26 -19.13
CA HIS B 444 23.58 6.66 -20.24
C HIS B 444 22.18 7.29 -20.28
N PRO B 445 21.49 7.19 -21.42
CA PRO B 445 20.16 7.80 -21.52
C PRO B 445 19.28 7.44 -20.31
N ASN B 446 19.23 6.16 -19.97
CA ASN B 446 18.41 5.71 -18.85
C ASN B 446 18.89 6.23 -17.50
N SER B 447 20.20 6.44 -17.37
CA SER B 447 20.81 6.97 -16.15
C SER B 447 20.46 8.45 -15.99
N ALA B 448 20.56 9.18 -17.08
CA ALA B 448 20.27 10.60 -17.06
C ALA B 448 18.79 10.81 -16.76
N PHE B 449 17.96 9.90 -17.24
CA PHE B 449 16.54 10.05 -16.98
C PHE B 449 16.24 9.68 -15.52
N LYS B 450 16.86 8.61 -15.04
CA LYS B 450 16.65 8.15 -13.66
C LYS B 450 17.10 9.19 -12.64
N THR B 451 18.15 9.94 -12.98
CA THR B 451 18.68 10.98 -12.09
C THR B 451 17.72 12.15 -12.04
N ALA B 452 17.35 12.64 -13.22
CA ALA B 452 16.44 13.76 -13.30
C ALA B 452 15.18 13.41 -12.53
N GLN B 453 14.68 12.21 -12.74
CA GLN B 453 13.46 11.76 -12.08
C GLN B 453 13.65 11.71 -10.56
N ALA B 454 14.75 11.11 -10.13
CA ALA B 454 15.03 10.99 -8.71
C ALA B 454 15.02 12.39 -8.12
N ILE B 455 15.63 13.35 -8.83
CA ILE B 455 15.69 14.73 -8.33
C ILE B 455 14.29 15.29 -8.14
N ASN B 456 13.46 15.18 -9.16
CA ASN B 456 12.10 15.68 -9.06
C ASN B 456 11.27 15.02 -7.94
N ASP B 457 11.37 13.69 -7.80
CA ASP B 457 10.62 12.99 -6.76
C ASP B 457 11.07 13.37 -5.34
N PHE B 458 12.30 13.88 -5.21
CA PHE B 458 12.80 14.29 -3.90
C PHE B 458 12.22 15.68 -3.62
N ASN B 459 12.19 16.49 -4.66
CA ASN B 459 11.69 17.85 -4.56
C ASN B 459 10.19 18.00 -4.34
N ASN B 460 9.40 17.35 -5.20
CA ASN B 460 7.96 17.42 -5.08
C ASN B 460 7.44 16.42 -4.06
N GLY B 461 6.47 16.86 -3.26
CA GLY B 461 5.85 16.01 -2.24
C GLY B 461 6.75 15.71 -1.05
N GLU B 462 7.84 15.01 -1.30
CA GLU B 462 8.82 14.66 -0.27
C GLU B 462 9.51 15.88 0.33
N GLN B 463 9.76 16.89 -0.49
CA GLN B 463 10.41 18.15 -0.11
C GLN B 463 11.61 17.86 0.78
N LEU B 464 12.41 16.90 0.35
CA LEU B 464 13.59 16.49 1.09
C LEU B 464 14.86 17.15 0.59
N PRO B 465 15.91 17.19 1.44
CA PRO B 465 17.17 17.79 0.98
C PRO B 465 17.76 16.69 0.12
N ILE B 468 24.24 14.57 -3.78
CA ILE B 468 24.66 13.78 -4.93
C ILE B 468 26.14 13.40 -4.86
N LEU B 469 26.41 12.10 -4.82
CA LEU B 469 27.79 11.61 -4.79
C LEU B 469 28.30 11.61 -6.23
N ALA B 470 28.40 12.80 -6.81
CA ALA B 470 28.85 12.97 -8.19
C ALA B 470 30.13 12.19 -8.43
N ASN B 471 30.07 11.26 -9.38
CA ASN B 471 31.22 10.45 -9.72
C ASN B 471 31.10 9.91 -11.13
N TRP B 472 30.97 10.84 -12.08
CA TRP B 472 30.84 10.50 -13.50
C TRP B 472 32.04 11.04 -14.26
N ARG B 473 32.49 10.29 -15.25
CA ARG B 473 33.63 10.72 -16.04
C ARG B 473 33.36 10.65 -17.53
N GLY B 474 32.08 10.69 -17.90
CA GLY B 474 31.68 10.64 -19.30
C GLY B 474 30.30 10.05 -19.49
N PHE B 475 29.78 10.19 -20.72
CA PHE B 475 28.46 9.67 -21.08
C PHE B 475 28.50 8.87 -22.39
N SER B 476 27.44 8.10 -22.62
CA SER B 476 27.33 7.29 -23.83
C SER B 476 25.89 7.27 -24.29
N GLY B 477 25.65 7.80 -25.49
CA GLY B 477 24.31 7.82 -26.04
C GLY B 477 23.99 6.56 -26.83
N ASN B 484 22.08 10.70 -28.73
CA ASN B 484 20.93 11.62 -28.90
C ASN B 484 20.06 11.73 -27.67
N GLU B 485 19.68 10.57 -27.12
CA GLU B 485 18.84 10.51 -25.92
C GLU B 485 19.51 11.28 -24.77
N VAL B 486 20.78 10.96 -24.51
CA VAL B 486 21.52 11.61 -23.44
C VAL B 486 21.41 13.13 -23.54
N LEU B 487 21.27 13.65 -24.75
CA LEU B 487 21.17 15.10 -24.95
C LEU B 487 19.89 15.64 -24.37
N LYS B 488 18.77 15.07 -24.82
CA LYS B 488 17.46 15.48 -24.35
C LYS B 488 17.33 15.31 -22.85
N TYR B 489 17.37 14.07 -22.38
CA TYR B 489 17.23 13.83 -20.95
C TYR B 489 18.19 14.68 -20.11
N GLY B 490 19.29 15.11 -20.71
CA GLY B 490 20.27 15.92 -20.02
C GLY B 490 19.64 17.20 -19.47
N SER B 491 19.01 17.98 -20.35
CA SER B 491 18.35 19.22 -19.94
C SER B 491 17.38 18.95 -18.77
N PHE B 492 16.76 17.77 -18.78
CA PHE B 492 15.84 17.38 -17.72
C PHE B 492 16.50 17.58 -16.34
N ILE B 493 17.73 17.11 -16.19
CA ILE B 493 18.42 17.24 -14.92
C ILE B 493 18.54 18.71 -14.51
N VAL B 494 19.00 19.54 -15.44
CA VAL B 494 19.15 20.98 -15.18
C VAL B 494 17.81 21.56 -14.78
N ASP B 495 16.79 21.20 -15.54
CA ASP B 495 15.48 21.71 -15.23
C ASP B 495 15.10 21.34 -13.80
N ALA B 496 15.33 20.09 -13.42
CA ALA B 496 15.00 19.56 -12.10
C ALA B 496 15.81 20.25 -10.99
N LEU B 497 17.07 20.54 -11.30
CA LEU B 497 17.95 21.20 -10.34
C LEU B 497 17.55 22.63 -10.12
N VAL B 498 17.10 23.32 -11.18
CA VAL B 498 16.70 24.72 -11.05
C VAL B 498 15.43 24.85 -10.24
N ASP B 499 14.61 23.81 -10.30
CA ASP B 499 13.33 23.81 -9.63
C ASP B 499 13.40 23.33 -8.16
N TYR B 500 14.51 22.69 -7.77
CA TYR B 500 14.71 22.19 -6.41
C TYR B 500 14.50 23.31 -5.39
N LYS B 501 13.71 23.03 -4.36
CA LYS B 501 13.41 24.03 -3.35
C LYS B 501 14.09 23.79 -2.00
N GLN B 502 14.81 22.69 -1.87
CA GLN B 502 15.51 22.39 -0.63
C GLN B 502 17.00 22.37 -0.80
N PRO B 503 17.74 22.44 0.30
CA PRO B 503 19.20 22.42 0.20
C PRO B 503 19.73 21.17 -0.49
N ILE B 504 20.76 21.38 -1.32
CA ILE B 504 21.42 20.34 -2.10
C ILE B 504 22.92 20.36 -1.77
N ILE B 505 23.53 19.18 -1.83
CA ILE B 505 24.94 19.04 -1.55
C ILE B 505 25.55 18.14 -2.60
N ILE B 506 26.47 18.67 -3.41
CA ILE B 506 27.13 17.85 -4.43
C ILE B 506 28.51 17.53 -3.86
N TYR B 507 28.78 16.24 -3.65
CA TYR B 507 30.06 15.81 -3.08
C TYR B 507 30.73 14.72 -3.92
N ILE B 508 31.95 14.98 -4.36
CA ILE B 508 32.71 14.02 -5.15
C ILE B 508 33.49 13.18 -4.16
N PRO B 509 33.15 11.90 -4.04
CA PRO B 509 33.80 10.97 -3.12
C PRO B 509 35.31 10.79 -3.32
N PRO B 510 35.96 10.18 -2.34
CA PRO B 510 37.41 9.93 -2.42
C PRO B 510 37.93 9.46 -3.76
N THR B 511 37.68 8.20 -4.10
CA THR B 511 38.18 7.69 -5.37
C THR B 511 37.37 8.26 -6.53
N GLY B 512 36.40 9.09 -6.19
CA GLY B 512 35.55 9.64 -7.23
C GLY B 512 36.20 10.71 -8.07
N GLU B 513 35.52 11.08 -9.15
CA GLU B 513 35.99 12.12 -10.06
C GLU B 513 34.84 12.64 -10.90
N LEU B 514 35.00 13.85 -11.44
CA LEU B 514 33.97 14.46 -12.27
C LEU B 514 34.64 15.16 -13.45
N ARG B 515 34.42 14.65 -14.65
CA ARG B 515 35.03 15.21 -15.86
C ARG B 515 34.01 15.85 -16.82
N GLY B 516 34.47 16.84 -17.57
CA GLY B 516 33.64 17.54 -18.55
C GLY B 516 32.16 17.69 -18.24
N GLY B 517 31.33 17.48 -19.27
CA GLY B 517 29.88 17.59 -19.13
C GLY B 517 29.30 16.94 -17.89
N SER B 518 29.90 15.86 -17.43
CA SER B 518 29.41 15.18 -16.24
C SER B 518 29.41 16.13 -15.05
N TRP B 519 30.23 17.18 -15.13
CA TRP B 519 30.29 18.15 -14.05
C TRP B 519 29.25 19.25 -14.26
N VAL B 520 29.19 19.81 -15.46
CA VAL B 520 28.25 20.90 -15.76
C VAL B 520 26.80 20.67 -15.39
N VAL B 521 26.31 19.44 -15.58
CA VAL B 521 24.92 19.12 -15.26
C VAL B 521 24.64 19.11 -13.74
N VAL B 522 25.65 19.34 -12.91
CA VAL B 522 25.42 19.34 -11.47
C VAL B 522 26.21 20.41 -10.77
N ASP B 523 26.57 21.45 -11.51
CA ASP B 523 27.35 22.54 -10.93
C ASP B 523 26.45 23.42 -10.05
N PRO B 524 26.97 23.86 -8.88
CA PRO B 524 26.19 24.71 -7.96
C PRO B 524 25.70 26.00 -8.58
N THR B 525 26.41 26.50 -9.59
CA THR B 525 25.96 27.75 -10.19
C THR B 525 24.59 27.63 -10.85
N ILE B 526 24.19 26.40 -11.15
CA ILE B 526 22.88 26.13 -11.75
C ILE B 526 21.77 26.61 -10.82
N ASN B 527 21.97 26.44 -9.51
CA ASN B 527 20.99 26.85 -8.50
C ASN B 527 21.75 27.33 -7.25
N ALA B 528 22.40 28.48 -7.37
CA ALA B 528 23.15 29.01 -6.25
C ALA B 528 22.35 29.16 -4.95
N ASP B 529 21.03 29.26 -5.05
CA ASP B 529 20.24 29.42 -3.84
C ASP B 529 20.21 28.17 -2.98
N GLN B 530 20.37 27.00 -3.59
CA GLN B 530 20.32 25.76 -2.82
C GLN B 530 21.54 24.87 -2.94
N GLU B 532 25.44 23.53 -3.24
CA GLU B 532 26.76 23.69 -2.64
C GLU B 532 27.58 22.48 -3.09
N TYR B 534 31.15 20.17 -2.91
CA TYR B 534 32.27 19.80 -2.08
C TYR B 534 33.08 18.73 -2.79
N ALA B 535 34.39 18.75 -2.60
CA ALA B 535 35.24 17.73 -3.22
C ALA B 535 36.22 17.08 -2.24
N ASP B 536 36.24 15.76 -2.21
CA ASP B 536 37.15 15.03 -1.32
C ASP B 536 38.59 15.38 -1.68
N VAL B 537 39.45 15.43 -0.66
CA VAL B 537 40.85 15.75 -0.87
C VAL B 537 41.48 14.76 -1.81
N ASN B 538 40.91 13.55 -1.85
CA ASN B 538 41.42 12.51 -2.72
C ASN B 538 40.61 12.42 -4.01
N ALA B 539 39.79 13.42 -4.27
CA ALA B 539 38.97 13.43 -5.49
C ALA B 539 39.72 14.05 -6.66
N ARG B 540 39.20 13.86 -7.87
CA ARG B 540 39.78 14.42 -9.10
C ARG B 540 38.68 15.03 -9.97
N ALA B 541 39.00 16.07 -10.73
CA ALA B 541 38.01 16.70 -11.60
C ALA B 541 38.68 17.66 -12.58
N GLY B 542 38.11 17.79 -13.78
CA GLY B 542 38.66 18.67 -14.79
C GLY B 542 37.94 18.50 -16.11
N VAL B 543 38.17 19.41 -17.05
CA VAL B 543 37.51 19.34 -18.37
C VAL B 543 37.81 18.00 -19.04
N LEU B 544 39.08 17.64 -19.00
CA LEU B 544 39.54 16.40 -19.59
C LEU B 544 40.48 15.69 -18.63
N GLU B 545 40.44 14.36 -18.65
CA GLU B 545 41.26 13.55 -17.77
C GLU B 545 42.72 13.49 -18.24
N PRO B 546 43.66 13.18 -17.33
CA PRO B 546 45.08 13.09 -17.69
C PRO B 546 45.40 12.52 -19.08
N GLN B 547 44.95 11.30 -19.36
CA GLN B 547 45.19 10.69 -20.65
C GLN B 547 44.88 11.62 -21.81
N GLY B 548 43.62 12.01 -21.93
CA GLY B 548 43.23 12.89 -23.01
C GLY B 548 43.96 14.23 -23.05
N VAL B 550 47.03 15.10 -22.08
CA VAL B 550 48.36 14.97 -22.64
C VAL B 550 48.36 14.91 -24.17
N GLY B 551 47.51 14.04 -24.72
CA GLY B 551 47.43 13.88 -26.15
C GLY B 551 46.96 15.10 -26.90
N ILE B 552 47.07 16.26 -26.26
CA ILE B 552 46.63 17.50 -26.86
C ILE B 552 47.51 18.67 -26.44
N LYS B 553 47.86 18.72 -25.17
CA LYS B 553 48.68 19.80 -24.67
C LYS B 553 50.13 19.41 -24.41
N PHE B 554 50.38 18.12 -24.22
CA PHE B 554 51.73 17.66 -23.96
C PHE B 554 52.10 16.61 -25.00
N ARG B 555 52.14 17.03 -26.27
CA ARG B 555 52.46 16.15 -27.39
C ARG B 555 53.87 15.58 -27.24
N ARG B 556 54.12 14.44 -27.90
CA ARG B 556 55.44 13.81 -27.82
C ARG B 556 56.52 14.76 -28.31
N GLU B 557 56.15 15.62 -29.25
CA GLU B 557 57.09 16.60 -29.80
C GLU B 557 57.62 17.50 -28.67
N LYS B 558 56.73 18.01 -27.84
CA LYS B 558 57.13 18.86 -26.73
C LYS B 558 57.60 18.00 -25.55
N LEU B 559 57.30 16.71 -25.61
CA LEU B 559 57.69 15.79 -24.55
C LEU B 559 59.18 15.50 -24.71
N LEU B 560 59.67 15.58 -25.95
CA LEU B 560 61.08 15.33 -26.24
C LEU B 560 61.92 16.49 -25.72
N ASP B 561 61.42 17.70 -25.89
CA ASP B 561 62.12 18.88 -25.42
C ASP B 561 62.45 18.77 -23.93
N THR B 562 61.47 18.35 -23.15
CA THR B 562 61.63 18.20 -21.71
C THR B 562 62.48 16.97 -21.40
N ASN B 564 65.76 15.39 -21.49
CA ASN B 564 67.18 15.71 -21.59
C ASN B 564 68.04 14.90 -20.62
N ARG B 565 67.41 13.99 -19.87
CA ARG B 565 68.13 13.15 -18.92
C ARG B 565 68.52 11.80 -19.53
N LEU B 566 69.45 11.84 -20.47
CA LEU B 566 69.93 10.61 -21.12
C LEU B 566 71.16 10.88 -21.99
N GLU B 600 63.81 3.32 -26.25
CA GLU B 600 63.52 4.65 -25.75
C GLU B 600 63.01 4.61 -24.32
N LEU B 601 62.99 5.77 -23.66
CA LEU B 601 62.50 5.87 -22.29
C LEU B 601 61.15 6.62 -22.25
N LEU B 602 60.47 6.67 -23.40
CA LEU B 602 59.18 7.32 -23.49
C LEU B 602 58.14 6.64 -22.62
N PRO B 603 58.15 5.29 -22.57
CA PRO B 603 57.16 4.60 -21.73
C PRO B 603 57.19 5.10 -20.30
N ILE B 604 58.35 5.64 -19.90
CA ILE B 604 58.53 6.16 -18.54
C ILE B 604 58.35 7.66 -18.53
N TYR B 605 58.80 8.33 -19.59
CA TYR B 605 58.68 9.77 -19.70
C TYR B 605 57.26 10.16 -20.10
N GLY B 606 56.41 9.16 -20.29
CA GLY B 606 55.03 9.42 -20.66
C GLY B 606 54.17 9.52 -19.42
N GLN B 607 54.63 8.89 -18.34
CA GLN B 607 53.90 8.91 -17.08
C GLN B 607 54.14 10.23 -16.40
N ILE B 608 55.23 10.88 -16.76
CA ILE B 608 55.55 12.17 -16.17
C ILE B 608 54.58 13.20 -16.74
N SER B 609 54.19 13.01 -17.99
CA SER B 609 53.26 13.93 -18.64
C SER B 609 51.88 13.74 -18.04
N LEU B 610 51.50 12.48 -17.82
CA LEU B 610 50.20 12.17 -17.24
C LEU B 610 50.12 12.71 -15.80
N GLN B 611 51.16 12.43 -15.02
CA GLN B 611 51.20 12.85 -13.63
C GLN B 611 51.22 14.38 -13.52
N PHE B 612 51.78 15.01 -14.56
CA PHE B 612 51.85 16.46 -14.61
C PHE B 612 50.45 17.03 -14.74
N ALA B 613 49.66 16.41 -15.62
CA ALA B 613 48.28 16.84 -15.85
C ALA B 613 47.42 16.55 -14.61
N ASP B 614 47.52 15.32 -14.09
CA ASP B 614 46.77 14.91 -12.91
C ASP B 614 46.98 15.86 -11.72
N LEU B 615 48.12 16.53 -11.68
CA LEU B 615 48.42 17.49 -10.60
C LEU B 615 47.54 18.74 -10.66
N HIS B 616 46.88 18.94 -11.81
CA HIS B 616 46.01 20.10 -11.99
C HIS B 616 44.61 19.76 -11.49
N ASP B 617 44.19 18.51 -11.74
CA ASP B 617 42.88 17.98 -11.38
C ASP B 617 42.69 17.74 -9.88
N ARG B 618 43.53 18.38 -9.08
CA ARG B 618 43.45 18.20 -7.63
C ARG B 618 42.39 19.10 -7.01
N SER B 619 41.75 18.61 -5.96
CA SER B 619 40.73 19.40 -5.30
C SER B 619 41.32 20.72 -4.75
N SER B 620 42.63 20.76 -4.51
CA SER B 620 43.26 21.97 -4.02
C SER B 620 43.07 23.08 -5.02
N ARG B 621 43.16 22.74 -6.31
CA ARG B 621 42.98 23.73 -7.35
C ARG B 621 41.54 24.21 -7.38
N VAL B 623 39.61 24.53 -4.94
CA VAL B 623 39.46 25.52 -3.90
C VAL B 623 40.01 26.85 -4.35
N ALA B 624 41.21 26.82 -4.92
CA ALA B 624 41.87 28.03 -5.42
C ALA B 624 41.01 28.72 -6.48
N LYS B 625 40.49 27.95 -7.42
CA LYS B 625 39.63 28.53 -8.46
C LYS B 625 38.25 28.92 -7.91
N GLY B 626 37.91 28.40 -6.72
CA GLY B 626 36.64 28.74 -6.11
C GLY B 626 35.42 28.11 -6.76
N VAL B 627 35.59 26.91 -7.30
CA VAL B 627 34.48 26.20 -7.91
C VAL B 627 33.73 25.37 -6.89
N ILE B 628 34.37 25.04 -5.79
CA ILE B 628 33.73 24.24 -4.74
C ILE B 628 33.70 24.99 -3.42
N SER B 629 32.79 24.60 -2.52
CA SER B 629 32.71 25.26 -1.22
C SER B 629 33.95 25.03 -0.41
N LYS B 630 34.49 23.81 -0.50
CA LYS B 630 35.70 23.44 0.21
C LYS B 630 36.00 21.98 0.01
N GLU B 631 37.25 21.60 0.23
CA GLU B 631 37.67 20.20 0.07
C GLU B 631 37.53 19.51 1.42
N LEU B 632 37.13 18.25 1.41
CA LEU B 632 36.92 17.54 2.64
C LEU B 632 37.67 16.23 2.73
N GLU B 633 37.63 15.63 3.92
CA GLU B 633 38.27 14.35 4.19
C GLU B 633 37.18 13.32 4.49
N TRP B 634 36.95 12.43 3.54
CA TRP B 634 35.95 11.38 3.66
C TRP B 634 35.59 11.01 5.10
N THR B 635 36.57 10.53 5.84
CA THR B 635 36.36 10.12 7.22
C THR B 635 35.56 11.08 8.07
N GLU B 636 35.70 12.37 7.81
CA GLU B 636 35.01 13.40 8.59
C GLU B 636 33.78 13.96 7.89
N ALA B 637 33.45 13.40 6.73
CA ALA B 637 32.31 13.85 5.96
C ALA B 637 31.04 13.83 6.79
N ARG B 638 30.70 12.69 7.36
CA ARG B 638 29.49 12.58 8.17
C ARG B 638 29.45 13.67 9.24
N ARG B 639 30.55 13.86 9.97
CA ARG B 639 30.58 14.88 11.01
C ARG B 639 30.41 16.28 10.43
N PHE B 640 30.97 16.51 9.26
CA PHE B 640 30.85 17.81 8.59
C PHE B 640 29.47 18.07 8.00
N PHE B 641 29.04 17.20 7.06
CA PHE B 641 27.75 17.29 6.37
C PHE B 641 26.56 17.30 7.30
N PHE B 642 26.61 16.46 8.32
CA PHE B 642 25.51 16.45 9.28
C PHE B 642 25.24 17.87 9.76
N TRP B 643 26.27 18.54 10.27
CA TRP B 643 26.07 19.90 10.77
C TRP B 643 25.79 20.93 9.70
N ARG B 644 26.42 20.81 8.54
CA ARG B 644 26.16 21.77 7.45
C ARG B 644 24.70 21.68 7.00
N LEU B 645 24.26 20.45 6.79
CA LEU B 645 22.89 20.24 6.38
C LEU B 645 21.95 20.78 7.43
N ARG B 646 22.19 20.43 8.69
CA ARG B 646 21.30 20.92 9.75
C ARG B 646 21.29 22.44 9.79
N ARG B 647 22.48 23.02 9.58
CA ARG B 647 22.64 24.47 9.61
C ARG B 647 21.86 25.09 8.45
N ARG B 648 22.02 24.48 7.27
CA ARG B 648 21.35 24.92 6.05
C ARG B 648 19.84 24.81 6.21
N LEU B 649 19.38 23.69 6.77
CA LEU B 649 17.95 23.49 6.98
C LEU B 649 17.35 24.55 7.88
N ASN B 650 17.96 24.76 9.06
CA ASN B 650 17.44 25.75 9.99
C ASN B 650 17.33 27.11 9.38
N GLU B 651 18.34 27.50 8.61
CA GLU B 651 18.29 28.81 7.97
C GLU B 651 17.23 28.85 6.88
N GLU B 652 17.11 27.77 6.10
CA GLU B 652 16.11 27.75 5.05
C GLU B 652 14.72 27.90 5.65
N TYR B 653 14.44 27.11 6.67
CA TYR B 653 13.15 27.18 7.33
C TYR B 653 12.91 28.59 7.85
N LEU B 654 13.97 29.22 8.35
CA LEU B 654 13.85 30.57 8.87
C LEU B 654 13.54 31.55 7.75
N ILE B 655 14.21 31.38 6.62
CA ILE B 655 13.99 32.25 5.46
C ILE B 655 12.51 32.23 5.03
N LYS B 656 11.90 31.05 5.10
CA LYS B 656 10.52 30.93 4.71
C LYS B 656 9.61 31.68 5.68
N ARG B 657 9.90 31.57 6.97
CA ARG B 657 9.08 32.26 7.95
C ARG B 657 9.22 33.77 7.78
N LEU B 658 10.36 34.19 7.26
CA LEU B 658 10.61 35.60 7.07
C LEU B 658 9.95 36.08 5.79
N SER B 659 9.06 35.27 5.23
CA SER B 659 8.35 35.63 4.00
C SER B 659 6.89 35.92 4.29
N HIS B 660 6.35 35.26 5.30
CA HIS B 660 4.97 35.46 5.70
C HIS B 660 4.84 36.66 6.64
N GLN B 661 5.77 36.80 7.57
CA GLN B 661 5.76 37.91 8.53
C GLN B 661 5.85 39.25 7.81
N VAL B 662 6.83 39.39 6.93
CA VAL B 662 7.01 40.63 6.17
C VAL B 662 6.55 40.44 4.72
N GLY B 663 6.81 41.44 3.88
CA GLY B 663 6.42 41.36 2.49
C GLY B 663 7.28 40.36 1.75
N GLU B 664 8.06 40.86 0.79
CA GLU B 664 8.96 40.02 0.01
C GLU B 664 10.25 40.78 -0.33
N ALA B 665 11.34 40.02 -0.45
CA ALA B 665 12.66 40.57 -0.76
C ALA B 665 13.59 39.45 -1.17
N SER B 666 14.54 39.75 -2.04
CA SER B 666 15.50 38.75 -2.51
C SER B 666 16.11 37.96 -1.35
N ARG B 667 16.55 36.74 -1.63
CA ARG B 667 17.15 35.90 -0.58
C ARG B 667 18.28 36.64 0.11
N LEU B 668 19.14 37.29 -0.67
CA LEU B 668 20.27 38.04 -0.14
C LEU B 668 19.86 38.86 1.07
N GLU B 669 18.65 39.41 1.04
CA GLU B 669 18.14 40.22 2.14
C GLU B 669 17.56 39.38 3.26
N LYS B 670 16.76 38.39 2.90
CA LYS B 670 16.17 37.51 3.92
C LYS B 670 17.26 36.81 4.74
N ILE B 671 18.28 36.32 4.05
CA ILE B 671 19.37 35.63 4.73
C ILE B 671 20.07 36.61 5.64
N ALA B 672 20.46 37.75 5.09
CA ALA B 672 21.14 38.80 5.84
C ALA B 672 20.33 39.24 7.05
N ARG B 673 19.01 39.27 6.90
CA ARG B 673 18.15 39.68 8.00
C ARG B 673 18.24 38.68 9.13
N ILE B 674 18.13 37.40 8.80
CA ILE B 674 18.20 36.35 9.80
C ILE B 674 19.60 36.29 10.38
N ARG B 675 20.58 36.28 9.50
CA ARG B 675 21.97 36.23 9.92
C ARG B 675 22.32 37.37 10.89
N SER B 676 21.68 38.52 10.71
CA SER B 676 21.96 39.66 11.55
C SER B 676 21.52 39.44 12.99
N TRP B 677 20.53 38.57 13.22
CA TRP B 677 20.05 38.33 14.58
C TRP B 677 21.00 37.47 15.42
N TYR B 678 21.99 36.88 14.75
CA TYR B 678 22.97 36.05 15.41
C TYR B 678 23.86 36.91 16.30
N PRO B 679 23.99 36.52 17.57
CA PRO B 679 24.82 37.24 18.53
C PRO B 679 26.25 37.38 18.02
N ALA B 680 27.00 38.32 18.56
CA ALA B 680 28.36 38.55 18.10
C ALA B 680 29.26 37.34 18.45
N SER B 681 28.83 36.62 19.48
CA SER B 681 29.56 35.47 19.95
C SER B 681 29.46 34.27 19.04
N VAL B 682 28.50 34.30 18.13
CA VAL B 682 28.29 33.20 17.22
C VAL B 682 29.09 33.44 15.96
N ASP B 683 29.76 32.41 15.47
CA ASP B 683 30.54 32.55 14.25
C ASP B 683 29.74 32.09 13.02
N HIS B 684 29.38 33.03 12.15
CA HIS B 684 28.60 32.70 10.94
C HIS B 684 29.14 31.54 10.13
N GLU B 685 30.46 31.36 10.12
CA GLU B 685 31.07 30.28 9.36
C GLU B 685 31.04 28.92 10.02
N ASP B 686 30.77 28.89 11.31
CA ASP B 686 30.72 27.60 12.01
C ASP B 686 29.33 26.97 12.00
N ASP B 687 29.18 25.97 11.16
CA ASP B 687 27.91 25.27 11.00
C ASP B 687 27.26 24.86 12.32
N ARG B 688 28.02 24.22 13.20
CA ARG B 688 27.47 23.74 14.47
C ARG B 688 26.93 24.82 15.39
N GLN B 689 27.72 25.85 15.63
CA GLN B 689 27.30 26.92 16.53
C GLN B 689 26.07 27.64 15.99
N VAL B 690 26.04 27.85 14.68
CA VAL B 690 24.91 28.52 14.02
C VAL B 690 23.67 27.62 14.10
N ALA B 691 23.82 26.35 13.73
CA ALA B 691 22.70 25.43 13.79
C ALA B 691 22.24 25.22 15.23
N THR B 692 23.18 25.30 16.18
CA THR B 692 22.88 25.10 17.58
C THR B 692 22.20 26.30 18.19
N TRP B 693 22.71 27.49 17.88
CA TRP B 693 22.12 28.70 18.41
C TRP B 693 20.65 28.86 17.97
N ILE B 694 20.39 28.58 16.69
CA ILE B 694 19.05 28.70 16.13
C ILE B 694 18.07 27.80 16.86
N GLU B 695 18.47 26.57 17.14
CA GLU B 695 17.56 25.65 17.81
C GLU B 695 17.37 25.95 19.27
N GLU B 696 18.36 26.60 19.89
CA GLU B 696 18.29 26.96 21.31
C GLU B 696 17.66 28.33 21.53
N ASN B 697 17.33 29.01 20.44
CA ASN B 697 16.71 30.32 20.53
C ASN B 697 15.45 30.42 19.68
N TYR B 698 14.86 29.28 19.35
CA TYR B 698 13.64 29.25 18.55
C TYR B 698 12.57 30.13 19.19
N LYS B 699 12.48 30.05 20.51
CA LYS B 699 11.51 30.83 21.27
C LYS B 699 11.75 32.32 21.02
N THR B 700 12.93 32.79 21.40
CA THR B 700 13.31 34.18 21.22
C THR B 700 13.31 34.58 19.72
N LEU B 701 13.28 33.59 18.84
CA LEU B 701 13.27 33.85 17.39
C LEU B 701 11.86 34.09 16.90
N ASP B 702 10.89 33.45 17.54
CA ASP B 702 9.50 33.63 17.15
C ASP B 702 9.06 35.06 17.45
N ASP B 703 9.56 35.59 18.56
CA ASP B 703 9.25 36.96 18.99
C ASP B 703 9.91 37.90 17.99
N LYS B 704 11.09 37.52 17.53
CA LYS B 704 11.84 38.32 16.56
C LYS B 704 10.95 38.52 15.33
N LEU B 705 10.33 37.43 14.87
CA LEU B 705 9.45 37.46 13.72
C LEU B 705 8.08 38.02 14.08
N LYS B 706 7.68 37.81 15.33
CA LYS B 706 6.39 38.28 15.82
C LYS B 706 6.10 39.71 15.35
N GLY B 707 7.14 40.51 15.17
CA GLY B 707 6.95 41.88 14.73
C GLY B 707 8.09 42.41 13.88
N LEU B 708 7.77 42.87 12.68
CA LEU B 708 8.73 43.40 11.74
C LEU B 708 8.05 44.49 10.90
N LYS B 709 7.15 44.12 10.12
N TRP C 11 41.60 45.62 -40.75
CA TRP C 11 41.79 44.56 -41.80
C TRP C 11 41.17 43.24 -41.30
N LEU C 12 40.00 42.91 -41.83
CA LEU C 12 39.28 41.70 -41.42
C LEU C 12 39.38 40.58 -42.46
N GLN C 13 39.97 40.91 -43.60
CA GLN C 13 40.15 39.95 -44.67
C GLN C 13 40.58 38.60 -44.11
N PRO C 14 41.65 38.54 -43.31
CA PRO C 14 42.10 37.26 -42.75
C PRO C 14 41.10 36.52 -41.85
N LYS C 15 40.43 37.25 -40.98
CA LYS C 15 39.42 36.69 -40.06
C LYS C 15 38.20 36.21 -40.87
N ARG C 16 37.73 37.04 -41.81
CA ARG C 16 36.62 36.63 -42.64
C ARG C 16 36.97 35.31 -43.32
N TYR C 17 38.22 35.17 -43.75
CA TYR C 17 38.65 33.97 -44.43
C TYR C 17 38.69 32.81 -43.46
N LYS C 18 39.24 33.10 -42.29
CA LYS C 18 39.34 32.11 -41.21
C LYS C 18 37.95 31.51 -40.97
N ALA C 19 36.94 32.37 -41.00
CA ALA C 19 35.54 31.98 -40.79
C ALA C 19 35.03 31.18 -41.97
N HIS C 20 35.33 31.64 -43.18
CA HIS C 20 34.91 30.98 -44.40
C HIS C 20 35.44 29.57 -44.42
N LEU C 21 36.69 29.44 -43.99
CA LEU C 21 37.37 28.16 -43.96
C LEU C 21 36.68 27.22 -42.98
N GLY C 23 33.44 27.40 -42.68
CA GLY C 23 32.13 27.19 -43.26
C GLY C 23 31.09 27.88 -42.42
N THR C 24 31.33 29.15 -42.10
CA THR C 24 30.42 29.93 -41.26
C THR C 24 30.69 31.43 -41.38
N THR C 25 29.63 32.21 -41.59
CA THR C 25 29.76 33.65 -41.69
C THR C 25 30.54 34.24 -40.50
N TYR C 26 31.44 35.18 -40.77
CA TYR C 26 32.21 35.83 -39.73
C TYR C 26 31.26 36.57 -38.80
N VAL C 27 31.41 36.30 -37.50
CA VAL C 27 30.60 36.88 -36.43
C VAL C 27 30.10 38.30 -36.67
N TYR C 28 31.01 39.26 -36.77
CA TYR C 28 30.56 40.63 -36.99
C TYR C 28 29.79 40.87 -38.28
N ASP C 29 29.67 39.86 -39.13
CA ASP C 29 28.92 40.04 -40.38
C ASP C 29 27.48 39.52 -40.29
N PHE C 30 27.17 38.77 -39.24
CA PHE C 30 25.82 38.25 -39.06
C PHE C 30 24.79 39.36 -38.98
N PRO C 31 25.08 40.42 -38.19
CA PRO C 31 24.10 41.51 -38.10
C PRO C 31 23.55 41.88 -39.47
N GLU C 32 24.43 42.00 -40.47
CA GLU C 32 24.05 42.32 -41.85
C GLU C 32 23.10 41.27 -42.43
N LEU C 33 23.39 40.02 -42.13
CA LEU C 33 22.59 38.92 -42.61
C LEU C 33 21.14 39.07 -42.10
N PHE C 34 20.98 39.67 -40.92
CA PHE C 34 19.66 39.89 -40.35
C PHE C 34 18.96 41.04 -41.08
N ARG C 35 19.74 41.96 -41.61
CA ARG C 35 19.21 43.10 -42.32
C ARG C 35 18.53 42.62 -43.61
N GLN C 36 19.17 41.68 -44.31
CA GLN C 36 18.58 41.16 -45.54
C GLN C 36 17.29 40.42 -45.24
N ALA C 37 17.37 39.44 -44.34
CA ALA C 37 16.23 38.65 -43.95
C ALA C 37 15.06 39.59 -43.59
N SER C 38 15.35 40.61 -42.79
CA SER C 38 14.33 41.58 -42.38
C SER C 38 13.83 42.31 -43.60
N SER C 39 14.74 42.61 -44.51
CA SER C 39 14.36 43.31 -45.70
C SER C 39 13.53 42.41 -46.61
N SER C 40 13.95 41.15 -46.74
CA SER C 40 13.25 40.19 -47.59
C SER C 40 11.87 40.00 -47.04
N GLN C 41 11.80 40.11 -45.72
CA GLN C 41 10.53 39.92 -45.02
C GLN C 41 9.49 40.93 -45.46
N TRP C 42 9.92 42.17 -45.67
CA TRP C 42 8.96 43.17 -46.12
C TRP C 42 8.51 42.89 -47.56
N LYS C 43 9.45 42.43 -48.40
CA LYS C 43 9.17 42.14 -49.80
C LYS C 43 8.11 41.07 -49.96
N ASN C 44 8.13 40.07 -49.10
CA ASN C 44 7.14 39.01 -49.21
C ASN C 44 5.79 39.46 -48.68
N PHE C 45 5.81 40.50 -47.85
CA PHE C 45 4.58 41.01 -47.24
C PHE C 45 3.97 42.09 -48.11
N SER C 46 4.83 42.93 -48.67
CA SER C 46 4.40 44.03 -49.52
C SER C 46 5.55 44.45 -50.44
N ALA C 47 5.40 44.21 -51.73
CA ALA C 47 6.44 44.56 -52.69
C ALA C 47 6.71 46.06 -52.69
N ASP C 48 5.64 46.83 -52.83
CA ASP C 48 5.73 48.29 -52.86
C ASP C 48 6.10 48.85 -51.49
N VAL C 49 7.36 48.71 -51.11
CA VAL C 49 7.83 49.22 -49.83
C VAL C 49 9.23 49.78 -49.94
N LYS C 50 9.35 51.07 -49.63
CA LYS C 50 10.63 51.76 -49.68
C LYS C 50 11.32 51.68 -48.32
N LEU C 51 12.01 50.58 -48.07
CA LEU C 51 12.71 50.45 -46.80
C LEU C 51 13.87 51.43 -46.67
N THR C 52 13.87 52.20 -45.59
CA THR C 52 14.94 53.17 -45.32
C THR C 52 16.12 52.44 -44.65
N ASP C 53 16.82 53.10 -43.75
CA ASP C 53 17.96 52.45 -43.08
C ASP C 53 17.71 52.25 -41.60
N ASP C 54 17.13 53.26 -40.97
CA ASP C 54 16.81 53.18 -39.56
C ASP C 54 15.71 52.15 -39.29
N PHE C 55 15.32 51.43 -40.33
CA PHE C 55 14.29 50.40 -40.17
C PHE C 55 14.94 49.22 -39.47
N PHE C 56 16.26 49.12 -39.58
CA PHE C 56 17.04 48.06 -38.97
C PHE C 56 18.29 48.64 -38.32
N ILE C 57 18.37 48.55 -37.00
CA ILE C 57 19.51 49.07 -36.23
C ILE C 57 20.17 47.94 -35.42
N SER C 58 21.49 47.91 -35.44
CA SER C 58 22.22 46.90 -34.69
C SER C 58 23.39 47.49 -33.95
N ASN C 59 23.31 47.51 -32.62
CA ASN C 59 24.41 48.04 -31.84
C ASN C 59 25.11 46.93 -31.07
N GLU C 60 26.43 46.87 -31.17
CA GLU C 60 27.20 45.86 -30.44
C GLU C 60 26.99 46.02 -28.93
N LEU C 61 27.12 44.92 -28.20
CA LEU C 61 26.94 44.94 -26.75
C LEU C 61 28.21 44.48 -26.02
N ILE C 62 28.71 45.33 -25.13
CA ILE C 62 29.92 45.00 -24.35
C ILE C 62 29.75 45.51 -22.92
N GLU C 63 30.52 44.95 -22.00
CA GLU C 63 30.41 45.34 -20.60
C GLU C 63 31.26 46.57 -20.34
N ASP C 64 30.82 47.41 -19.41
CA ASP C 64 31.57 48.61 -19.06
C ASP C 64 32.50 48.39 -17.85
N GLU C 65 32.97 49.48 -17.27
CA GLU C 65 33.88 49.40 -16.13
C GLU C 65 33.18 48.69 -14.98
N ASN C 66 31.86 48.87 -14.89
CA ASN C 66 31.06 48.27 -13.83
C ASN C 66 30.72 46.82 -14.14
N GLY C 67 30.81 46.43 -15.42
CA GLY C 67 30.50 45.05 -15.79
C GLY C 67 29.11 44.88 -16.38
N GLU C 68 28.40 45.99 -16.53
CA GLU C 68 27.05 45.97 -17.09
C GLU C 68 27.11 46.17 -18.61
N LEU C 69 26.28 45.41 -19.33
CA LEU C 69 26.22 45.52 -20.77
C LEU C 69 25.82 46.92 -21.17
N THR C 70 26.33 47.39 -22.31
CA THR C 70 26.00 48.72 -22.82
C THR C 70 26.14 48.78 -24.34
N GLU C 71 25.21 49.45 -25.01
CA GLU C 71 25.25 49.57 -26.47
C GLU C 71 26.36 50.49 -26.91
N VAL C 72 27.17 50.02 -27.86
CA VAL C 72 28.27 50.81 -28.37
C VAL C 72 28.43 50.60 -29.86
N GLU C 73 29.06 51.56 -30.53
CA GLU C 73 29.26 51.43 -31.96
C GLU C 73 30.73 51.55 -32.33
N ARG C 74 31.51 50.54 -31.99
CA ARG C 74 32.93 50.53 -32.30
C ARG C 74 33.20 49.74 -33.58
N GLU C 75 34.44 49.70 -34.01
CA GLU C 75 34.80 48.97 -35.23
C GLU C 75 34.88 47.47 -34.99
N PRO C 76 34.45 46.67 -35.98
CA PRO C 76 34.45 45.19 -35.92
C PRO C 76 35.82 44.59 -35.66
N GLY C 77 35.83 43.34 -35.21
CA GLY C 77 37.09 42.67 -34.94
C GLY C 77 37.81 43.11 -33.69
N ALA C 78 37.25 44.08 -32.96
CA ALA C 78 37.88 44.59 -31.74
C ALA C 78 37.51 43.77 -30.48
N ASN C 79 36.64 42.77 -30.65
CA ASN C 79 36.20 41.93 -29.55
C ASN C 79 37.34 41.36 -28.73
N ALA C 80 37.42 41.77 -27.46
CA ALA C 80 38.46 41.29 -26.56
C ALA C 80 38.31 39.82 -26.19
N ILE C 81 37.07 39.34 -26.08
CA ILE C 81 36.83 37.93 -25.75
C ILE C 81 36.27 37.18 -26.95
N GLY C 82 36.10 35.87 -26.81
CA GLY C 82 35.58 35.03 -27.86
C GLY C 82 34.05 34.93 -27.86
N VAL C 84 30.61 37.63 -28.61
CA VAL C 84 30.09 38.97 -28.89
C VAL C 84 28.56 38.94 -28.86
N ALA C 85 27.96 40.12 -28.73
CA ALA C 85 26.51 40.27 -28.68
C ALA C 85 26.02 41.53 -29.40
N PHE C 86 24.83 41.42 -29.98
CA PHE C 86 24.25 42.56 -30.67
C PHE C 86 22.79 42.79 -30.26
N LYS C 87 22.43 44.06 -30.06
CA LYS C 87 21.06 44.45 -29.72
C LYS C 87 20.41 44.90 -31.02
N ILE C 88 19.44 44.15 -31.50
CA ILE C 88 18.79 44.50 -32.75
C ILE C 88 17.39 45.08 -32.58
N THR C 89 17.13 46.18 -33.29
CA THR C 89 15.82 46.85 -33.25
C THR C 89 15.30 46.88 -34.69
N VAL C 90 14.38 45.99 -35.03
CA VAL C 90 13.88 45.93 -36.40
C VAL C 90 12.41 46.31 -36.52
N LYS C 91 12.05 46.93 -37.64
CA LYS C 91 10.66 47.30 -37.88
C LYS C 91 10.14 46.22 -38.81
N THR C 92 9.35 45.31 -38.28
CA THR C 92 8.77 44.24 -39.09
C THR C 92 7.31 44.47 -39.41
N PRO C 93 6.76 43.67 -40.34
CA PRO C 93 5.36 43.78 -40.73
C PRO C 93 4.41 43.64 -39.54
N GLU C 94 4.80 42.83 -38.54
CA GLU C 94 3.99 42.64 -37.35
C GLU C 94 4.22 43.77 -36.34
N TYR C 95 5.38 44.41 -36.41
CA TYR C 95 5.69 45.51 -35.50
C TYR C 95 6.34 46.66 -36.28
N PRO C 96 5.51 47.43 -37.01
CA PRO C 96 5.99 48.57 -37.80
C PRO C 96 6.76 49.57 -36.98
N ARG C 97 6.32 49.84 -35.76
CA ARG C 97 7.05 50.78 -34.92
C ARG C 97 8.40 50.14 -34.55
N GLY C 98 8.51 48.82 -34.75
CA GLY C 98 9.75 48.12 -34.43
C GLY C 98 9.75 47.20 -33.21
N ARG C 99 10.58 46.15 -33.26
CA ARG C 99 10.72 45.18 -32.16
C ARG C 99 12.21 44.94 -31.88
N GLN C 100 12.50 44.46 -30.69
CA GLN C 100 13.89 44.23 -30.32
C GLN C 100 14.21 42.82 -29.85
N PHE C 101 15.47 42.45 -29.93
CA PHE C 101 15.91 41.13 -29.49
C PHE C 101 17.44 41.14 -29.48
N VAL C 102 18.07 40.32 -28.66
CA VAL C 102 19.52 40.29 -28.62
C VAL C 102 20.07 39.12 -29.43
N VAL C 103 21.36 39.18 -29.76
CA VAL C 103 22.03 38.12 -30.53
C VAL C 103 23.37 37.80 -29.85
N VAL C 104 23.51 36.55 -29.44
CA VAL C 104 24.72 36.09 -28.78
C VAL C 104 25.37 35.12 -29.73
N ALA C 105 26.68 35.20 -29.88
CA ALA C 105 27.40 34.31 -30.78
C ALA C 105 28.88 34.09 -30.42
N ASN C 106 29.39 32.91 -30.76
CA ASN C 106 30.79 32.58 -30.51
C ASN C 106 31.62 33.19 -31.65
N ASP C 107 32.92 33.36 -31.41
CA ASP C 107 33.82 33.89 -32.42
C ASP C 107 34.74 32.76 -32.82
N ILE C 108 34.35 32.05 -33.89
CA ILE C 108 35.16 30.91 -34.36
C ILE C 108 36.63 31.35 -34.61
N THR C 109 36.84 32.65 -34.90
CA THR C 109 38.19 33.17 -35.15
C THR C 109 38.95 33.44 -33.86
N PHE C 110 38.23 33.51 -32.75
CA PHE C 110 38.84 33.76 -31.44
C PHE C 110 39.00 32.43 -30.66
N LYS C 111 40.22 31.91 -30.62
CA LYS C 111 40.48 30.64 -29.92
C LYS C 111 39.43 29.57 -30.30
N ILE C 112 39.30 29.31 -31.61
CA ILE C 112 38.32 28.33 -32.11
C ILE C 112 36.98 28.46 -31.41
N GLY C 113 36.60 29.69 -31.08
CA GLY C 113 35.34 29.93 -30.41
C GLY C 113 35.14 29.07 -29.18
N SER C 114 36.22 28.83 -28.43
CA SER C 114 36.13 27.99 -27.25
C SER C 114 35.41 28.73 -26.13
N PHE C 115 34.82 27.98 -25.20
CA PHE C 115 34.13 28.62 -24.07
C PHE C 115 35.06 28.82 -22.88
N GLY C 116 35.36 30.08 -22.62
CA GLY C 116 36.23 30.38 -21.49
C GLY C 116 35.45 31.03 -20.38
N PRO C 117 36.02 31.11 -19.18
CA PRO C 117 35.31 31.71 -18.05
C PRO C 117 34.73 33.07 -18.42
N GLN C 118 35.53 33.90 -19.08
CA GLN C 118 35.07 35.22 -19.47
C GLN C 118 33.95 35.13 -20.52
N GLU C 119 34.10 34.21 -21.46
CA GLU C 119 33.10 34.01 -22.50
C GLU C 119 31.78 33.61 -21.86
N ASP C 120 31.86 32.65 -20.94
CA ASP C 120 30.71 32.15 -20.20
C ASP C 120 30.04 33.30 -19.43
N GLU C 121 30.84 34.08 -18.71
CA GLU C 121 30.35 35.21 -17.95
C GLU C 121 29.59 36.18 -18.84
N PHE C 122 30.12 36.42 -20.03
CA PHE C 122 29.50 37.35 -20.97
C PHE C 122 28.15 36.79 -21.41
N PHE C 123 28.15 35.55 -21.88
CA PHE C 123 26.94 34.86 -22.34
C PHE C 123 25.82 34.99 -21.29
N ASN C 124 26.14 34.64 -20.06
CA ASN C 124 25.20 34.71 -18.98
C ASN C 124 24.71 36.13 -18.77
N LYS C 125 25.65 37.07 -18.82
CA LYS C 125 25.32 38.47 -18.66
C LYS C 125 24.34 38.91 -19.76
N VAL C 126 24.58 38.45 -20.98
CA VAL C 126 23.71 38.82 -22.11
C VAL C 126 22.32 38.18 -21.97
N THR C 127 22.32 36.91 -21.57
CA THR C 127 21.07 36.22 -21.41
C THR C 127 20.15 36.97 -20.45
N GLU C 128 20.69 37.42 -19.33
CA GLU C 128 19.92 38.14 -18.34
C GLU C 128 19.46 39.46 -18.91
N TYR C 129 20.31 40.07 -19.73
CA TYR C 129 19.97 41.34 -20.36
C TYR C 129 18.61 41.17 -21.06
N ALA C 130 18.51 40.12 -21.88
CA ALA C 130 17.30 39.83 -22.62
C ALA C 130 16.18 39.46 -21.66
N ARG C 131 16.51 38.64 -20.67
CA ARG C 131 15.54 38.20 -19.68
C ARG C 131 14.83 39.40 -19.06
N LYS C 132 15.61 40.25 -18.41
CA LYS C 132 15.07 41.43 -17.76
C LYS C 132 14.14 42.26 -18.63
N ARG C 133 14.52 42.49 -19.88
CA ARG C 133 13.69 43.27 -20.80
C ARG C 133 12.58 42.46 -21.42
N GLY C 134 12.70 41.13 -21.35
CA GLY C 134 11.68 40.26 -21.91
C GLY C 134 11.77 40.09 -23.41
N ILE C 135 12.89 40.47 -24.01
CA ILE C 135 13.02 40.36 -25.46
C ILE C 135 13.68 39.03 -25.83
N PRO C 136 13.42 38.55 -27.05
CA PRO C 136 13.98 37.30 -27.54
C PRO C 136 15.50 37.21 -27.49
N ARG C 137 16.00 35.98 -27.43
CA ARG C 137 17.43 35.77 -27.39
C ARG C 137 17.85 34.83 -28.49
N ILE C 138 18.56 35.34 -29.49
CA ILE C 138 19.05 34.49 -30.58
C ILE C 138 20.55 34.17 -30.34
N TYR C 139 20.88 32.89 -30.40
CA TYR C 139 22.24 32.44 -30.19
C TYR C 139 22.78 31.76 -31.43
N LEU C 140 23.92 32.25 -31.90
CA LEU C 140 24.57 31.67 -33.08
C LEU C 140 25.69 30.78 -32.56
N ALA C 141 25.46 29.47 -32.54
CA ALA C 141 26.44 28.51 -32.08
C ALA C 141 27.49 28.18 -33.14
N ALA C 142 28.75 28.43 -32.79
CA ALA C 142 29.90 28.18 -33.65
C ALA C 142 31.10 28.15 -32.71
N ASN C 143 31.29 27.02 -32.05
CA ASN C 143 32.35 26.88 -31.08
C ASN C 143 33.11 25.56 -31.11
N SER C 144 34.01 25.40 -30.14
CA SER C 144 34.82 24.20 -30.03
C SER C 144 34.76 23.59 -28.64
N GLY C 145 33.70 23.93 -27.91
CA GLY C 145 33.55 23.38 -26.57
C GLY C 145 34.25 24.22 -25.53
N ALA C 146 34.37 23.66 -24.31
CA ALA C 146 35.02 24.31 -23.18
C ALA C 146 36.49 24.53 -23.45
N ARG C 147 37.07 25.53 -22.80
CA ARG C 147 38.47 25.81 -23.02
C ARG C 147 39.34 24.99 -22.07
N ILE C 148 40.17 24.10 -22.61
CA ILE C 148 41.07 23.27 -21.80
C ILE C 148 42.44 23.89 -21.66
N GLY C 149 42.98 23.86 -20.44
CA GLY C 149 44.27 24.45 -20.19
C GLY C 149 45.21 23.58 -19.39
N ALA C 151 48.87 24.50 -16.96
CA ALA C 151 49.94 25.42 -16.53
C ALA C 151 51.21 25.25 -17.37
N GLU C 152 51.36 26.07 -18.40
CA GLU C 152 52.52 26.00 -19.28
C GLU C 152 53.78 26.57 -18.65
N GLU C 153 53.62 27.61 -17.84
CA GLU C 153 54.75 28.23 -17.19
C GLU C 153 55.33 27.32 -16.10
N ILE C 154 55.08 26.02 -16.25
CA ILE C 154 55.57 25.04 -15.28
C ILE C 154 56.23 23.87 -16.02
N VAL C 155 55.83 23.66 -17.27
CA VAL C 155 56.38 22.60 -18.09
C VAL C 155 57.91 22.62 -18.13
N PRO C 156 58.51 23.82 -18.26
CA PRO C 156 59.96 23.98 -18.31
C PRO C 156 60.62 23.79 -16.94
N LEU C 157 60.30 24.68 -16.01
CA LEU C 157 60.84 24.62 -14.65
C LEU C 157 60.08 23.63 -13.76
N PHE C 158 60.63 22.42 -13.66
CA PHE C 158 60.03 21.36 -12.85
C PHE C 158 60.93 20.13 -13.01
N GLN C 159 61.05 19.31 -11.97
CA GLN C 159 61.90 18.14 -12.05
C GLN C 159 61.16 16.83 -11.81
N VAL C 160 61.87 15.73 -11.91
CA VAL C 160 61.28 14.43 -11.70
C VAL C 160 62.06 13.62 -10.68
N ALA C 161 62.09 14.12 -9.44
CA ALA C 161 62.81 13.44 -8.37
C ALA C 161 62.59 11.92 -8.34
N TRP C 162 63.57 11.20 -8.89
CA TRP C 162 63.52 9.74 -8.91
C TRP C 162 63.81 9.17 -7.52
N ASN C 163 65.01 9.42 -7.02
CA ASN C 163 65.45 8.93 -5.69
C ASN C 163 65.49 7.42 -5.60
N ASP C 164 64.87 6.75 -6.57
CA ASP C 164 64.85 5.29 -6.62
C ASP C 164 66.07 4.81 -7.43
N ALA C 165 66.56 5.67 -8.31
CA ALA C 165 67.71 5.35 -9.16
C ALA C 165 68.02 6.52 -10.10
N ALA C 166 69.31 6.81 -10.27
CA ALA C 166 69.76 7.89 -11.14
C ALA C 166 69.46 7.56 -12.60
N ASN C 167 68.79 6.42 -12.80
CA ASN C 167 68.42 5.96 -14.13
C ASN C 167 66.90 5.98 -14.34
N PRO C 168 66.44 6.51 -15.49
CA PRO C 168 65.02 6.61 -15.85
C PRO C 168 64.30 5.26 -15.87
N ASP C 169 65.06 4.17 -15.73
CA ASP C 169 64.50 2.83 -15.74
C ASP C 169 63.22 2.76 -14.89
N LYS C 170 63.42 2.81 -13.56
CA LYS C 170 62.31 2.74 -12.61
C LYS C 170 61.51 4.03 -12.62
N GLY C 171 60.36 4.00 -11.93
CA GLY C 171 59.52 5.18 -11.87
C GLY C 171 59.98 6.19 -10.85
N PHE C 172 59.57 7.44 -11.02
CA PHE C 172 59.95 8.51 -10.10
C PHE C 172 59.17 8.37 -8.80
N GLN C 173 59.01 9.49 -8.10
CA GLN C 173 58.28 9.52 -6.84
C GLN C 173 57.41 10.77 -6.74
N TYR C 174 57.90 11.86 -7.33
CA TYR C 174 57.17 13.12 -7.33
C TYR C 174 57.85 14.15 -8.21
N LEU C 175 57.40 15.39 -8.12
CA LEU C 175 57.97 16.49 -8.89
C LEU C 175 58.27 17.64 -7.94
N TYR C 176 59.26 18.45 -8.27
CA TYR C 176 59.63 19.57 -7.43
C TYR C 176 60.19 20.75 -8.23
N LEU C 177 60.53 21.82 -7.51
CA LEU C 177 61.08 23.02 -8.11
C LEU C 177 62.36 23.42 -7.38
N THR C 178 63.40 23.76 -8.15
CA THR C 178 64.68 24.16 -7.58
C THR C 178 64.55 25.56 -7.00
N SER C 179 65.43 25.90 -6.07
CA SER C 179 65.42 27.22 -5.45
C SER C 179 65.39 28.29 -6.52
N GLU C 180 66.14 28.07 -7.59
CA GLU C 180 66.19 29.01 -8.69
C GLU C 180 64.93 28.93 -9.53
N GLY C 181 64.47 27.70 -9.79
CA GLY C 181 63.27 27.51 -10.57
C GLY C 181 62.09 28.12 -9.85
N GLU C 183 62.39 30.57 -7.83
CA GLU C 183 62.66 31.99 -7.92
C GLU C 183 62.24 32.55 -9.28
N THR C 184 62.39 31.74 -10.33
CA THR C 184 62.03 32.13 -11.69
C THR C 184 60.59 32.63 -11.72
N LEU C 185 59.75 32.01 -10.90
CA LEU C 185 58.33 32.36 -10.83
C LEU C 185 58.11 33.74 -10.23
N LYS C 186 58.60 33.95 -9.01
CA LYS C 186 58.41 35.20 -8.32
C LYS C 186 58.78 36.40 -9.19
N LYS C 187 59.68 36.19 -10.15
CA LYS C 187 60.09 37.26 -11.05
C LYS C 187 58.95 37.61 -11.99
N PHE C 188 58.19 36.59 -12.40
CA PHE C 188 57.04 36.80 -13.29
C PHE C 188 55.78 37.02 -12.46
N ASP C 189 55.95 37.12 -11.14
CA ASP C 189 54.83 37.33 -10.23
C ASP C 189 53.88 36.13 -10.28
N LYS C 190 54.39 34.99 -10.75
CA LYS C 190 53.60 33.77 -10.83
C LYS C 190 54.09 32.79 -9.76
N GLU C 191 54.12 33.24 -8.51
CA GLU C 191 54.57 32.41 -7.40
C GLU C 191 53.50 31.46 -6.92
N ASN C 192 52.24 31.86 -7.10
CA ASN C 192 51.13 31.02 -6.66
C ASN C 192 50.60 30.13 -7.78
N SER C 193 51.39 29.96 -8.83
CA SER C 193 50.98 29.14 -9.94
C SER C 193 51.09 27.66 -9.61
N VAL C 194 51.64 27.37 -8.44
CA VAL C 194 51.81 25.98 -7.99
C VAL C 194 51.88 25.95 -6.48
N LEU C 195 51.48 24.83 -5.89
CA LEU C 195 51.50 24.66 -4.44
C LEU C 195 52.67 23.76 -4.09
N THR C 196 53.74 24.37 -3.62
CA THR C 196 54.94 23.63 -3.26
C THR C 196 55.07 23.39 -1.78
N GLU C 197 55.93 22.44 -1.44
CA GLU C 197 56.18 22.10 -0.05
C GLU C 197 57.67 21.86 0.21
N ARG C 198 58.30 22.78 0.94
CA ARG C 198 59.72 22.71 1.30
C ARG C 198 60.14 21.34 1.84
N THR C 199 61.27 20.84 1.35
CA THR C 199 61.75 19.54 1.76
C THR C 199 63.25 19.42 1.48
N VAL C 200 64.07 19.64 2.50
CA VAL C 200 65.52 19.53 2.37
C VAL C 200 65.88 18.08 2.05
N ILE C 201 66.58 17.88 0.94
CA ILE C 201 66.96 16.54 0.53
C ILE C 201 68.38 16.44 -0.03
N ASN C 202 69.20 15.62 0.62
CA ASN C 202 70.59 15.41 0.21
C ASN C 202 71.35 16.68 -0.10
N GLY C 203 70.89 17.81 0.44
CA GLY C 203 71.57 19.06 0.17
C GLY C 203 71.01 20.25 0.92
N GLU C 204 70.63 21.29 0.18
CA GLU C 204 70.05 22.51 0.75
C GLU C 204 68.52 22.45 0.87
N GLU C 205 67.82 22.96 -0.14
CA GLU C 205 66.36 22.98 -0.12
C GLU C 205 65.71 22.62 -1.45
N ARG C 206 64.52 22.01 -1.36
CA ARG C 206 63.73 21.60 -2.52
C ARG C 206 62.31 22.12 -2.35
N PHE C 207 61.47 21.92 -3.37
CA PHE C 207 60.08 22.35 -3.33
C PHE C 207 59.19 21.40 -4.13
N VAL C 208 58.64 20.40 -3.44
CA VAL C 208 57.78 19.40 -4.07
C VAL C 208 56.46 20.02 -4.54
N ILE C 209 56.06 19.66 -5.76
CA ILE C 209 54.81 20.15 -6.33
C ILE C 209 53.63 19.30 -5.86
N LYS C 210 52.87 19.85 -4.93
CA LYS C 210 51.72 19.14 -4.38
C LYS C 210 50.54 19.29 -5.35
N THR C 211 50.32 20.51 -5.82
CA THR C 211 49.22 20.81 -6.74
C THR C 211 49.58 21.94 -7.70
N ILE C 212 49.15 21.84 -8.95
CA ILE C 212 49.43 22.88 -9.94
C ILE C 212 48.19 23.72 -10.21
N ILE C 213 48.27 25.01 -9.89
CA ILE C 213 47.14 25.91 -10.08
C ILE C 213 47.20 26.58 -11.44
N GLY C 214 48.41 26.93 -11.87
CA GLY C 214 48.58 27.58 -13.15
C GLY C 214 48.25 29.06 -13.05
N SER C 215 48.91 29.88 -13.86
CA SER C 215 48.67 31.31 -13.83
C SER C 215 47.60 31.72 -14.82
N GLU C 216 47.49 30.97 -15.91
CA GLU C 216 46.50 31.27 -16.92
C GLU C 216 45.11 30.91 -16.40
N ASP C 217 44.10 31.65 -16.88
CA ASP C 217 42.75 31.38 -16.44
C ASP C 217 41.98 30.62 -17.53
N GLY C 218 41.27 29.55 -17.13
CA GLY C 218 40.53 28.75 -18.09
C GLY C 218 41.26 27.45 -18.42
N LEU C 219 41.72 26.76 -17.39
CA LEU C 219 42.44 25.51 -17.57
C LEU C 219 41.57 24.26 -17.41
N GLY C 220 40.65 24.29 -16.45
CA GLY C 220 39.78 23.15 -16.19
C GLY C 220 38.48 23.48 -15.46
N VAL C 221 38.41 23.13 -14.17
CA VAL C 221 37.21 23.36 -13.37
C VAL C 221 36.54 24.73 -13.55
N GLU C 222 37.33 25.80 -13.66
CA GLU C 222 36.71 27.10 -13.83
C GLU C 222 35.91 27.16 -15.13
N CYS C 223 36.27 26.33 -16.09
CA CYS C 223 35.55 26.32 -17.35
C CYS C 223 34.28 25.51 -17.20
N LEU C 224 34.32 24.52 -16.31
CA LEU C 224 33.16 23.64 -16.05
C LEU C 224 32.10 24.46 -15.30
N ARG C 225 32.57 25.28 -14.37
CA ARG C 225 31.66 26.11 -13.61
C ARG C 225 30.99 27.08 -14.58
N GLY C 226 31.75 27.68 -15.49
CA GLY C 226 31.16 28.60 -16.44
C GLY C 226 30.15 27.90 -17.32
N SER C 227 30.35 26.62 -17.57
CA SER C 227 29.43 25.86 -18.39
C SER C 227 28.10 25.65 -17.66
N GLY C 228 28.17 25.28 -16.39
CA GLY C 228 26.96 25.07 -15.63
C GLY C 228 26.21 26.38 -15.49
N LEU C 229 26.96 27.46 -15.27
CA LEU C 229 26.38 28.78 -15.11
C LEU C 229 25.47 29.11 -16.27
N ILE C 230 26.03 29.21 -17.46
CA ILE C 230 25.24 29.52 -18.67
C ILE C 230 24.22 28.43 -19.01
N ALA C 231 24.46 27.22 -18.54
CA ALA C 231 23.50 26.15 -18.76
C ALA C 231 22.21 26.49 -17.98
N GLY C 232 22.35 26.82 -16.70
CA GLY C 232 21.21 27.12 -15.90
C GLY C 232 20.63 28.38 -16.45
N ALA C 233 21.47 29.32 -16.78
CA ALA C 233 21.00 30.58 -17.37
C ALA C 233 19.99 30.32 -18.52
N THR C 234 20.40 29.46 -19.47
CA THR C 234 19.62 29.08 -20.64
C THR C 234 18.33 28.37 -20.22
N SER C 235 18.45 27.39 -19.32
CA SER C 235 17.27 26.66 -18.84
C SER C 235 16.18 27.68 -18.38
N ARG C 236 16.59 28.64 -17.56
CA ARG C 236 15.63 29.63 -17.07
C ARG C 236 15.13 30.53 -18.20
N ALA C 237 16.03 30.82 -19.16
CA ALA C 237 15.67 31.68 -20.29
C ALA C 237 14.50 31.09 -21.03
N TYR C 238 14.60 29.82 -21.43
CA TYR C 238 13.51 29.17 -22.15
C TYR C 238 12.13 29.30 -21.48
N HIS C 239 12.09 29.48 -20.17
CA HIS C 239 10.83 29.63 -19.47
C HIS C 239 10.41 31.09 -19.38
N ASP C 240 11.36 31.99 -19.62
CA ASP C 240 11.10 33.42 -19.50
C ASP C 240 10.85 34.12 -20.82
N ILE C 241 11.85 34.07 -21.68
CA ILE C 241 11.74 34.70 -22.98
C ILE C 241 11.82 33.70 -24.10
N PHE C 242 11.68 34.20 -25.33
CA PHE C 242 11.75 33.34 -26.51
C PHE C 242 13.21 33.04 -26.81
N THR C 243 13.57 31.76 -26.74
CA THR C 243 14.96 31.41 -26.99
C THR C 243 15.06 30.58 -28.23
N ILE C 244 16.12 30.81 -29.00
CA ILE C 244 16.39 30.05 -30.24
C ILE C 244 17.90 29.95 -30.56
N THR C 245 18.29 28.85 -31.18
CA THR C 245 19.67 28.64 -31.50
C THR C 245 19.92 28.28 -33.00
N LEU C 246 20.92 28.93 -33.60
CA LEU C 246 21.26 28.66 -34.99
C LEU C 246 22.68 28.05 -34.99
N VAL C 247 22.81 26.85 -35.52
CA VAL C 247 24.13 26.23 -35.56
C VAL C 247 24.80 26.63 -36.87
N THR C 248 25.46 27.80 -36.87
CA THR C 248 26.13 28.32 -38.04
C THR C 248 27.39 27.52 -38.34
N CYS C 249 27.97 26.95 -37.30
CA CYS C 249 29.17 26.15 -37.49
C CYS C 249 29.13 25.08 -36.42
N ARG C 250 30.00 24.10 -36.48
CA ARG C 250 29.98 23.07 -35.46
C ARG C 250 29.73 23.66 -34.05
N SER C 251 29.21 22.82 -33.16
CA SER C 251 28.94 23.18 -31.77
C SER C 251 29.36 22.00 -30.90
N VAL C 252 30.43 22.17 -30.14
CA VAL C 252 30.95 21.08 -29.32
C VAL C 252 30.71 21.27 -27.84
N GLY C 253 30.67 20.16 -27.10
CA GLY C 253 30.48 20.21 -25.66
C GLY C 253 29.34 21.08 -25.18
N ILE C 254 29.64 21.99 -24.27
CA ILE C 254 28.63 22.90 -23.74
C ILE C 254 27.87 23.53 -24.92
N GLY C 255 28.55 23.67 -26.06
CA GLY C 255 27.91 24.26 -27.22
C GLY C 255 26.77 23.41 -27.74
N ALA C 256 26.92 22.11 -27.58
CA ALA C 256 25.91 21.18 -28.05
C ALA C 256 24.77 21.15 -27.04
N TYR C 257 25.13 21.17 -25.76
CA TYR C 257 24.15 21.15 -24.68
C TYR C 257 23.24 22.40 -24.72
N LEU C 258 23.85 23.57 -24.94
CA LEU C 258 23.12 24.80 -25.02
C LEU C 258 22.07 24.80 -26.10
N VAL C 259 22.33 24.17 -27.23
CA VAL C 259 21.31 24.20 -28.28
C VAL C 259 20.05 23.49 -27.80
N ARG C 260 20.23 22.49 -26.94
CA ARG C 260 19.09 21.74 -26.42
C ARG C 260 18.36 22.55 -25.36
N LEU C 261 19.12 23.13 -24.45
CA LEU C 261 18.50 23.92 -23.40
C LEU C 261 17.67 25.06 -24.00
N GLY C 262 18.07 25.62 -25.13
CA GLY C 262 17.29 26.68 -25.74
C GLY C 262 16.13 26.10 -26.52
N GLN C 263 16.06 24.77 -26.57
CA GLN C 263 14.96 24.07 -27.26
C GLN C 263 14.87 24.35 -28.78
N ARG C 264 14.27 25.46 -29.21
CA ARG C 264 14.23 25.66 -30.66
C ARG C 264 15.63 25.88 -31.27
N ALA C 265 15.94 25.07 -32.28
CA ALA C 265 17.23 25.19 -32.95
C ALA C 265 17.17 24.89 -34.44
N ILE C 266 17.89 25.69 -35.23
CA ILE C 266 17.96 25.49 -36.66
C ILE C 266 19.39 25.11 -36.99
N GLN C 267 19.57 23.97 -37.67
CA GLN C 267 20.91 23.50 -38.05
C GLN C 267 21.20 23.72 -39.53
N VAL C 268 22.37 24.29 -39.81
CA VAL C 268 22.79 24.56 -41.17
C VAL C 268 23.48 23.32 -41.69
N GLU C 269 23.04 22.83 -42.84
CA GLU C 269 23.63 21.64 -43.46
C GLU C 269 25.16 21.68 -43.45
N GLY C 270 25.76 20.63 -42.92
CA GLY C 270 27.20 20.58 -42.89
C GLY C 270 27.75 20.95 -41.53
N GLN C 271 26.99 21.68 -40.75
CA GLN C 271 27.41 22.08 -39.42
C GLN C 271 26.91 21.04 -38.42
N PRO C 272 27.84 20.27 -37.85
CA PRO C 272 27.53 19.21 -36.88
C PRO C 272 27.44 19.67 -35.44
N ILE C 273 26.61 18.98 -34.67
CA ILE C 273 26.42 19.26 -33.25
C ILE C 273 27.12 18.09 -32.54
N ILE C 274 28.33 18.34 -32.02
CA ILE C 274 29.08 17.30 -31.35
C ILE C 274 29.09 17.42 -29.83
N LEU C 275 28.85 16.28 -29.18
CA LEU C 275 28.84 16.22 -27.74
C LEU C 275 30.21 15.74 -27.32
N THR C 276 30.76 14.82 -28.10
CA THR C 276 32.08 14.26 -27.82
C THR C 276 32.84 14.09 -29.13
N GLY C 277 34.12 14.47 -29.10
CA GLY C 277 34.95 14.35 -30.29
C GLY C 277 34.93 12.97 -30.92
N ALA C 278 34.69 12.92 -32.24
CA ALA C 278 34.65 11.66 -32.97
C ALA C 278 35.97 10.89 -32.87
N PRO C 279 37.09 11.54 -33.23
CA PRO C 279 38.40 10.88 -33.15
C PRO C 279 38.67 10.29 -31.77
N ALA C 280 38.04 10.87 -30.75
CA ALA C 280 38.19 10.40 -29.39
C ALA C 280 37.26 9.20 -29.12
N ILE C 281 36.01 9.31 -29.55
CA ILE C 281 35.02 8.25 -29.37
C ILE C 281 35.52 6.95 -29.99
N ASN C 282 36.39 7.07 -31.00
CA ASN C 282 36.94 5.89 -31.66
C ASN C 282 37.82 5.12 -30.68
N LYS C 283 38.56 5.85 -29.85
CA LYS C 283 39.43 5.21 -28.84
C LYS C 283 38.61 4.52 -27.77
N LEU C 285 35.75 3.06 -28.33
CA LEU C 285 35.24 1.82 -28.93
C LEU C 285 36.38 0.91 -29.40
N GLY C 286 37.62 1.34 -29.17
CA GLY C 286 38.78 0.55 -29.56
C GLY C 286 39.02 0.51 -31.06
N ARG C 287 37.94 0.42 -31.82
CA ARG C 287 37.99 0.36 -33.27
C ARG C 287 37.48 1.67 -33.89
N GLU C 288 38.18 2.14 -34.91
CA GLU C 288 37.78 3.37 -35.57
C GLU C 288 36.50 3.15 -36.39
N VAL C 289 35.36 3.44 -35.78
CA VAL C 289 34.07 3.29 -36.45
C VAL C 289 33.68 4.56 -37.20
N TYR C 290 33.74 5.70 -36.50
CA TYR C 290 33.39 6.99 -37.10
C TYR C 290 34.60 7.62 -37.79
N THR C 291 34.36 8.22 -38.96
CA THR C 291 35.43 8.86 -39.71
C THR C 291 35.19 10.35 -39.92
N SER C 292 34.03 10.83 -39.47
CA SER C 292 33.67 12.24 -39.59
C SER C 292 32.64 12.60 -38.52
N ASN C 293 32.79 13.78 -37.92
CA ASN C 293 31.86 14.22 -36.88
C ASN C 293 30.47 14.47 -37.46
N LEU C 294 30.40 14.77 -38.76
CA LEU C 294 29.12 14.99 -39.40
C LEU C 294 28.25 13.73 -39.38
N GLN C 295 28.90 12.57 -39.29
CA GLN C 295 28.17 11.29 -39.27
C GLN C 295 27.53 11.12 -37.90
N LEU C 296 28.21 11.66 -36.88
CA LEU C 296 27.73 11.59 -35.52
C LEU C 296 26.61 12.59 -35.29
N GLY C 297 26.91 13.88 -35.47
CA GLY C 297 25.91 14.89 -35.25
C GLY C 297 25.57 15.73 -36.46
N GLY C 298 25.21 15.07 -37.56
CA GLY C 298 24.86 15.80 -38.76
C GLY C 298 23.36 16.01 -38.87
N THR C 299 22.94 16.86 -39.79
CA THR C 299 21.51 17.12 -39.97
C THR C 299 20.70 15.84 -40.15
N GLN C 300 21.25 14.90 -40.91
CA GLN C 300 20.56 13.64 -41.13
C GLN C 300 20.33 12.90 -39.81
N ILE C 301 20.96 13.37 -38.74
CA ILE C 301 20.82 12.73 -37.43
C ILE C 301 20.07 13.63 -36.45
N TYR C 303 18.43 16.52 -37.02
CA TYR C 303 17.15 16.98 -37.54
C TYR C 303 16.12 15.84 -37.46
N ASN C 304 16.59 14.61 -37.67
CA ASN C 304 15.70 13.47 -37.63
C ASN C 304 15.38 13.00 -36.23
N ASN C 305 16.21 13.41 -35.27
CA ASN C 305 16.04 13.03 -33.88
C ASN C 305 15.20 14.01 -33.10
N GLY C 306 14.86 15.12 -33.74
CA GLY C 306 14.04 16.09 -33.05
C GLY C 306 14.83 17.19 -32.35
N VAL C 307 16.16 17.07 -32.31
CA VAL C 307 16.96 18.11 -31.67
C VAL C 307 16.97 19.38 -32.51
N SER C 308 16.97 19.20 -33.83
CA SER C 308 16.95 20.34 -34.73
C SER C 308 15.55 20.52 -35.30
N HIS C 309 14.90 21.63 -34.96
CA HIS C 309 13.54 21.86 -35.45
C HIS C 309 13.49 22.09 -36.95
N LEU C 310 14.58 22.62 -37.51
CA LEU C 310 14.63 22.89 -38.93
C LEU C 310 16.06 22.77 -39.47
N THR C 311 16.19 22.98 -40.78
CA THR C 311 17.49 22.91 -41.47
C THR C 311 17.68 24.13 -42.36
N ALA C 312 18.93 24.48 -42.61
CA ALA C 312 19.24 25.61 -43.45
C ALA C 312 20.42 25.27 -44.35
N VAL C 313 20.29 25.57 -45.66
CA VAL C 313 21.34 25.30 -46.63
C VAL C 313 22.57 26.15 -46.34
N ASP C 314 22.34 27.32 -45.75
CA ASP C 314 23.44 28.22 -45.42
C ASP C 314 23.00 29.18 -44.30
N ASP C 315 23.91 30.03 -43.83
CA ASP C 315 23.57 30.98 -42.77
C ASP C 315 22.41 31.91 -43.11
N LEU C 316 22.44 32.48 -44.32
CA LEU C 316 21.38 33.41 -44.68
C LEU C 316 20.02 32.75 -44.60
N ALA C 317 19.95 31.48 -44.97
CA ALA C 317 18.68 30.75 -44.92
C ALA C 317 18.30 30.61 -43.45
N GLY C 318 19.30 30.23 -42.64
CA GLY C 318 19.11 30.06 -41.21
C GLY C 318 18.53 31.30 -40.56
N VAL C 319 19.15 32.46 -40.81
CA VAL C 319 18.68 33.74 -40.25
C VAL C 319 17.28 34.02 -40.74
N GLU C 320 17.01 33.58 -41.95
CA GLU C 320 15.69 33.76 -42.51
C GLU C 320 14.64 33.01 -41.67
N LYS C 321 14.87 31.72 -41.45
CA LYS C 321 13.96 30.90 -40.66
C LYS C 321 13.74 31.53 -39.27
N ILE C 322 14.81 32.06 -38.69
CA ILE C 322 14.72 32.70 -37.39
C ILE C 322 13.73 33.87 -37.47
N VAL C 323 13.96 34.77 -38.41
CA VAL C 323 13.09 35.94 -38.55
C VAL C 323 11.65 35.53 -38.80
N GLU C 324 11.49 34.42 -39.51
CA GLU C 324 10.15 33.93 -39.83
C GLU C 324 9.48 33.34 -38.61
N TRP C 325 10.27 32.66 -37.79
CA TRP C 325 9.78 32.05 -36.58
C TRP C 325 9.33 33.16 -35.64
N SER C 327 8.00 35.97 -36.39
CA SER C 327 6.80 36.67 -36.83
C SER C 327 5.56 36.25 -36.05
N TYR C 328 5.63 35.12 -35.34
CA TYR C 328 4.47 34.68 -34.57
C TYR C 328 4.65 34.99 -33.11
N VAL C 329 5.87 35.28 -32.70
CA VAL C 329 6.18 35.56 -31.31
C VAL C 329 5.99 37.04 -30.92
N PRO C 330 5.41 37.30 -29.75
CA PRO C 330 5.23 38.70 -29.35
C PRO C 330 6.54 39.44 -29.19
N ALA C 331 6.46 40.78 -29.29
CA ALA C 331 7.64 41.63 -29.20
C ALA C 331 8.46 41.30 -27.98
N LYS C 332 7.83 41.29 -26.82
CA LYS C 332 8.54 40.91 -25.60
C LYS C 332 7.58 40.19 -24.67
N ARG C 333 8.12 39.55 -23.65
CA ARG C 333 7.29 38.80 -22.70
C ARG C 333 6.00 39.50 -22.27
N ASN C 334 4.92 38.74 -22.22
CA ASN C 334 3.63 39.25 -21.80
C ASN C 334 2.94 40.21 -22.75
N PRO C 336 0.81 40.87 -26.21
CA PRO C 336 -0.18 40.11 -26.97
C PRO C 336 0.41 39.53 -28.25
N VAL C 337 -0.07 38.36 -28.65
CA VAL C 337 0.44 37.73 -29.85
C VAL C 337 0.35 38.70 -31.02
N PRO C 338 1.42 38.75 -31.86
CA PRO C 338 1.49 39.62 -33.04
C PRO C 338 0.50 39.30 -34.17
N ILE C 339 -0.64 39.97 -34.14
CA ILE C 339 -1.68 39.78 -35.15
C ILE C 339 -1.26 40.45 -36.46
N LEU C 340 -1.38 39.71 -37.56
CA LEU C 340 -1.02 40.22 -38.88
C LEU C 340 -2.01 39.70 -39.91
N GLU C 341 -3.08 40.45 -40.12
CA GLU C 341 -4.11 40.07 -41.09
C GLU C 341 -3.55 40.18 -42.51
N THR C 342 -3.83 39.19 -43.35
CA THR C 342 -3.32 39.18 -44.70
C THR C 342 -4.47 39.13 -45.71
N LYS C 343 -4.12 38.90 -46.97
CA LYS C 343 -5.13 38.86 -48.01
C LYS C 343 -6.25 37.88 -47.72
N ASP C 344 -5.93 36.82 -46.99
CA ASP C 344 -6.91 35.81 -46.64
C ASP C 344 -7.60 36.19 -45.34
N THR C 345 -8.77 36.82 -45.44
CA THR C 345 -9.54 37.24 -44.27
C THR C 345 -10.28 36.07 -43.64
N TRP C 346 -10.88 36.30 -42.48
CA TRP C 346 -11.61 35.25 -41.79
C TRP C 346 -12.92 34.87 -42.45
N ASP C 347 -13.66 35.86 -42.91
CA ASP C 347 -14.96 35.62 -43.52
C ASP C 347 -14.96 34.83 -44.82
N ARG C 348 -14.78 33.52 -44.71
CA ARG C 348 -14.75 32.65 -45.86
C ARG C 348 -14.96 31.23 -45.37
N PRO C 349 -15.54 30.38 -46.21
CA PRO C 349 -15.78 28.99 -45.84
C PRO C 349 -14.51 28.17 -46.03
N VAL C 350 -14.50 26.93 -45.51
CA VAL C 350 -13.34 26.07 -45.62
C VAL C 350 -13.50 25.21 -46.85
N ASP C 351 -12.56 25.34 -47.78
CA ASP C 351 -12.62 24.61 -49.05
C ASP C 351 -12.31 23.12 -48.90
N PHE C 352 -11.02 22.80 -48.78
CA PHE C 352 -10.62 21.41 -48.66
C PHE C 352 -11.39 20.71 -47.56
N THR C 353 -11.75 19.46 -47.82
CA THR C 353 -12.51 18.67 -46.87
C THR C 353 -12.09 17.21 -46.99
N PRO C 354 -11.71 16.60 -45.86
CA PRO C 354 -11.27 15.20 -45.82
C PRO C 354 -12.40 14.22 -46.09
N THR C 355 -12.09 13.14 -46.80
CA THR C 355 -13.08 12.12 -47.11
C THR C 355 -12.64 10.72 -46.67
N ASN C 356 -13.60 9.89 -46.33
CA ASN C 356 -13.30 8.54 -45.87
C ASN C 356 -12.67 7.64 -46.91
N ASP C 357 -13.11 7.80 -48.15
CA ASP C 357 -12.58 6.98 -49.22
C ASP C 357 -11.46 7.69 -49.99
N GLU C 358 -10.64 8.46 -49.29
CA GLU C 358 -9.53 9.16 -49.94
C GLU C 358 -8.51 9.57 -48.91
N THR C 359 -7.29 9.09 -49.07
CA THR C 359 -6.24 9.43 -48.14
C THR C 359 -5.90 10.89 -48.42
N TYR C 360 -5.36 11.58 -47.41
CA TYR C 360 -5.00 12.99 -47.59
C TYR C 360 -3.85 13.44 -46.71
N ASP C 361 -3.44 14.70 -46.89
CA ASP C 361 -2.38 15.29 -46.09
C ASP C 361 -3.00 16.29 -45.12
N VAL C 362 -2.95 16.00 -43.83
CA VAL C 362 -3.50 16.88 -42.81
C VAL C 362 -3.13 18.33 -43.12
N ARG C 363 -1.90 18.55 -43.54
CA ARG C 363 -1.46 19.90 -43.88
C ARG C 363 -2.43 20.59 -44.86
N TRP C 364 -3.13 19.80 -45.69
CA TRP C 364 -4.08 20.40 -46.63
C TRP C 364 -5.20 21.05 -45.83
N ILE C 366 -4.88 22.26 -42.90
CA ILE C 366 -4.27 23.40 -42.25
C ILE C 366 -4.05 24.60 -43.17
N GLU C 367 -3.18 24.44 -44.15
CA GLU C 367 -2.84 25.53 -45.07
C GLU C 367 -3.51 25.48 -46.44
N GLY C 368 -4.27 24.42 -46.69
CA GLY C 368 -4.92 24.29 -47.98
C GLY C 368 -4.10 23.51 -48.98
N ARG C 369 -4.69 23.25 -50.15
CA ARG C 369 -4.02 22.50 -51.20
C ARG C 369 -4.14 23.17 -52.55
N GLU C 370 -3.19 22.87 -53.42
CA GLU C 370 -3.17 23.41 -54.78
C GLU C 370 -3.74 22.36 -55.73
N THR C 371 -4.94 22.62 -56.25
CA THR C 371 -5.57 21.68 -57.18
C THR C 371 -5.34 22.08 -58.63
N GLU C 372 -5.58 21.14 -59.54
CA GLU C 372 -5.43 21.38 -60.97
C GLU C 372 -6.51 22.36 -61.42
N SER C 373 -7.53 22.52 -60.58
CA SER C 373 -8.64 23.41 -60.89
C SER C 373 -8.73 24.61 -59.96
N GLY C 374 -7.59 25.02 -59.40
CA GLY C 374 -7.57 26.16 -58.50
C GLY C 374 -6.85 25.93 -57.17
N PHE C 375 -7.32 26.64 -56.14
CA PHE C 375 -6.74 26.55 -54.81
C PHE C 375 -7.81 26.34 -53.75
N GLU C 376 -7.70 25.25 -52.98
CA GLU C 376 -8.66 24.96 -51.93
C GLU C 376 -8.15 25.52 -50.59
N TYR C 377 -8.67 26.67 -50.19
CA TYR C 377 -8.25 27.25 -48.94
C TYR C 377 -8.48 26.27 -47.79
N GLY C 378 -7.55 26.28 -46.84
CA GLY C 378 -7.64 25.41 -45.68
C GLY C 378 -8.29 26.10 -44.49
N LEU C 379 -8.07 25.56 -43.30
CA LEU C 379 -8.62 26.12 -42.09
C LEU C 379 -7.95 27.43 -41.74
N PHE C 380 -6.63 27.48 -41.86
CA PHE C 380 -5.89 28.72 -41.53
C PHE C 380 -5.48 29.57 -42.72
N ASP C 381 -5.01 30.79 -42.45
CA ASP C 381 -4.59 31.69 -43.52
C ASP C 381 -3.64 31.08 -44.54
N LYS C 382 -3.89 31.44 -45.80
CA LYS C 382 -3.10 30.95 -46.92
C LYS C 382 -1.64 31.33 -46.77
N GLY C 383 -0.80 30.30 -46.91
CA GLY C 383 0.63 30.47 -46.80
C GLY C 383 1.10 31.00 -45.46
N SER C 384 0.42 30.65 -44.38
CA SER C 384 0.84 31.16 -43.08
C SER C 384 1.34 30.04 -42.18
N PHE C 385 1.56 28.87 -42.75
CA PHE C 385 1.99 27.74 -41.95
C PHE C 385 3.48 27.68 -41.80
N PHE C 386 3.96 27.44 -40.60
CA PHE C 386 5.41 27.36 -40.41
C PHE C 386 5.65 26.06 -39.67
N GLU C 387 5.86 24.97 -40.40
CA GLU C 387 6.10 23.67 -39.76
C GLU C 387 7.48 23.61 -39.13
N THR C 388 7.59 22.89 -38.01
CA THR C 388 8.85 22.75 -37.29
C THR C 388 8.96 21.27 -36.78
N LEU C 389 10.20 20.86 -36.45
CA LEU C 389 10.44 19.50 -35.97
C LEU C 389 9.88 18.56 -37.02
N SER C 390 9.83 19.03 -38.25
CA SER C 390 9.28 18.28 -39.38
C SER C 390 10.07 17.07 -39.82
N GLY C 391 11.21 16.85 -39.21
CA GLY C 391 12.03 15.72 -39.59
C GLY C 391 12.02 14.61 -38.54
N TRP C 392 11.30 14.84 -37.45
CA TRP C 392 11.23 13.87 -36.38
C TRP C 392 9.79 13.56 -36.08
N ALA C 393 9.51 12.29 -35.81
CA ALA C 393 8.15 11.87 -35.50
C ALA C 393 7.10 12.39 -36.50
N LYS C 394 7.21 11.97 -37.76
CA LYS C 394 6.28 12.41 -38.81
C LYS C 394 4.83 12.08 -38.48
N GLY C 395 4.65 11.25 -37.47
CA GLY C 395 3.32 10.88 -37.03
C GLY C 395 2.49 12.10 -36.69
N VAL C 396 3.11 13.14 -36.13
CA VAL C 396 2.40 14.37 -35.80
C VAL C 396 2.95 15.58 -36.54
N VAL C 397 2.07 16.51 -36.90
CA VAL C 397 2.49 17.69 -37.62
C VAL C 397 2.40 18.89 -36.73
N VAL C 398 3.54 19.46 -36.35
CA VAL C 398 3.52 20.64 -35.51
C VAL C 398 4.04 21.87 -36.24
N GLY C 399 3.33 22.99 -36.09
CA GLY C 399 3.75 24.22 -36.74
C GLY C 399 3.01 25.45 -36.25
N ARG C 400 3.35 26.61 -36.81
CA ARG C 400 2.66 27.83 -36.43
C ARG C 400 1.76 28.26 -37.59
N ALA C 401 0.69 28.97 -37.30
CA ALA C 401 -0.20 29.42 -38.36
C ALA C 401 -0.96 30.66 -37.88
N ARG C 402 -1.82 31.19 -38.74
CA ARG C 402 -2.60 32.37 -38.41
C ARG C 402 -4.06 32.11 -38.76
N LEU C 403 -4.98 32.52 -37.89
CA LEU C 403 -6.41 32.37 -38.11
C LEU C 403 -6.97 33.78 -38.24
N GLY C 404 -7.08 34.27 -39.47
CA GLY C 404 -7.59 35.60 -39.70
C GLY C 404 -6.64 36.61 -39.11
N GLY C 405 -5.36 36.26 -39.18
CA GLY C 405 -4.32 37.11 -38.65
C GLY C 405 -3.83 36.72 -37.27
N ILE C 406 -4.67 36.04 -36.50
CA ILE C 406 -4.30 35.63 -35.14
C ILE C 406 -3.32 34.48 -35.22
N PRO C 407 -2.10 34.68 -34.72
CA PRO C 407 -1.04 33.68 -34.73
C PRO C 407 -1.25 32.65 -33.62
N LEU C 408 -1.13 31.39 -33.97
CA LEU C 408 -1.29 30.36 -32.96
C LEU C 408 -0.51 29.10 -33.33
N GLY C 409 -0.27 28.25 -32.33
CA GLY C 409 0.42 26.98 -32.53
C GLY C 409 -0.58 25.94 -32.99
N VAL C 410 -0.14 24.98 -33.79
CA VAL C 410 -1.05 23.97 -34.31
C VAL C 410 -0.42 22.59 -34.27
N ILE C 411 -1.24 21.59 -33.97
CA ILE C 411 -0.79 20.20 -33.91
C ILE C 411 -1.81 19.34 -34.65
N GLY C 412 -1.36 18.66 -35.69
CA GLY C 412 -2.24 17.79 -36.47
C GLY C 412 -1.76 16.35 -36.50
N VAL C 413 -2.65 15.42 -36.83
CA VAL C 413 -2.32 14.01 -36.89
C VAL C 413 -2.16 13.53 -38.33
N GLU C 414 -1.06 12.85 -38.58
CA GLU C 414 -0.76 12.29 -39.90
C GLU C 414 -1.55 11.04 -40.09
N THR C 415 -2.40 11.04 -41.12
CA THR C 415 -3.21 9.87 -41.40
C THR C 415 -2.42 8.81 -42.18
N ARG C 416 -1.60 9.26 -43.13
CA ARG C 416 -0.77 8.37 -43.95
C ARG C 416 0.39 7.82 -43.14
N THR C 417 0.48 6.50 -43.01
CA THR C 417 1.57 5.90 -42.20
C THR C 417 2.95 6.42 -42.62
N VAL C 418 3.89 6.46 -41.67
CA VAL C 418 5.25 6.94 -41.92
C VAL C 418 6.21 5.77 -42.12
N GLU C 419 7.21 5.98 -42.97
CA GLU C 419 8.22 4.96 -43.28
C GLU C 419 9.52 5.32 -42.59
N ASN C 420 9.46 5.49 -41.28
CA ASN C 420 10.63 5.85 -40.48
C ASN C 420 11.79 4.87 -40.72
N LEU C 421 12.81 5.33 -41.42
CA LEU C 421 13.97 4.49 -41.72
C LEU C 421 15.11 4.73 -40.73
N ILE C 422 15.32 3.77 -39.84
CA ILE C 422 16.38 3.87 -38.84
C ILE C 422 17.73 3.57 -39.47
N PRO C 423 18.71 4.45 -39.27
CA PRO C 423 20.05 4.27 -39.83
C PRO C 423 20.71 2.97 -39.34
N ALA C 424 21.74 2.52 -40.08
CA ALA C 424 22.46 1.30 -39.75
C ALA C 424 23.14 1.45 -38.41
N ASP C 425 23.45 0.31 -37.78
CA ASP C 425 24.11 0.32 -36.48
C ASP C 425 25.63 0.46 -36.65
N PRO C 426 26.22 1.52 -36.05
CA PRO C 426 27.66 1.82 -36.09
C PRO C 426 28.56 0.68 -35.57
N ALA C 427 28.63 0.56 -34.25
CA ALA C 427 29.44 -0.47 -33.57
C ALA C 427 28.84 -1.89 -33.66
N ASN C 428 28.00 -2.12 -34.66
CA ASN C 428 27.38 -3.43 -34.86
C ASN C 428 27.41 -3.76 -36.36
N PRO C 429 28.57 -4.25 -36.85
CA PRO C 429 28.73 -4.60 -38.27
C PRO C 429 27.70 -5.62 -38.80
N ASN C 430 27.23 -6.51 -37.92
CA ASN C 430 26.25 -7.52 -38.34
C ASN C 430 24.84 -6.95 -38.43
N SER C 431 24.70 -5.67 -38.12
CA SER C 431 23.40 -4.99 -38.17
C SER C 431 23.35 -3.97 -39.32
N ALA C 432 22.24 -3.99 -40.06
CA ALA C 432 22.03 -3.09 -41.19
C ALA C 432 20.94 -2.06 -40.88
N GLU C 433 20.55 -1.27 -41.87
CA GLU C 433 19.52 -0.27 -41.67
C GLU C 433 18.15 -0.93 -41.53
N THR C 434 17.42 -0.55 -40.49
CA THR C 434 16.10 -1.10 -40.20
C THR C 434 14.97 -0.13 -40.59
N LEU C 435 13.90 -0.67 -41.15
CA LEU C 435 12.75 0.14 -41.57
C LEU C 435 11.64 0.02 -40.54
N ILE C 436 10.95 1.12 -40.27
CA ILE C 436 9.87 1.12 -39.30
C ILE C 436 8.57 1.63 -39.92
N GLN C 437 7.46 0.98 -39.57
CA GLN C 437 6.15 1.35 -40.08
C GLN C 437 5.34 2.02 -38.99
N GLU C 438 5.11 3.32 -39.10
CA GLU C 438 4.35 4.03 -38.09
C GLU C 438 2.96 4.35 -38.62
N PRO C 439 1.97 3.50 -38.29
CA PRO C 439 0.58 3.68 -38.73
C PRO C 439 0.05 5.07 -38.39
N GLY C 440 -0.94 5.53 -39.14
CA GLY C 440 -1.53 6.84 -38.91
C GLY C 440 -2.58 6.86 -37.81
N GLN C 441 -2.80 8.02 -37.23
CA GLN C 441 -3.78 8.21 -36.16
C GLN C 441 -3.48 7.36 -34.93
N VAL C 442 -2.24 6.91 -34.82
CA VAL C 442 -1.79 6.08 -33.70
C VAL C 442 -0.62 6.76 -32.99
N TRP C 443 -0.69 6.81 -31.68
CA TRP C 443 0.38 7.42 -30.91
C TRP C 443 1.59 6.50 -30.71
N HIS C 444 2.79 7.07 -30.68
CA HIS C 444 4.03 6.30 -30.48
C HIS C 444 4.92 7.15 -29.59
N PRO C 445 5.94 6.54 -28.97
CA PRO C 445 6.85 7.29 -28.09
C PRO C 445 7.28 8.64 -28.67
N ASN C 446 7.91 8.61 -29.84
CA ASN C 446 8.37 9.83 -30.52
C ASN C 446 7.25 10.86 -30.70
N SER C 447 6.11 10.44 -31.22
CA SER C 447 5.00 11.35 -31.44
C SER C 447 4.42 11.91 -30.13
N ALA C 448 4.41 11.10 -29.07
CA ALA C 448 3.91 11.56 -27.76
C ALA C 448 4.89 12.59 -27.24
N PHE C 449 6.17 12.31 -27.42
CA PHE C 449 7.21 13.22 -26.96
C PHE C 449 7.12 14.53 -27.76
N LYS C 450 6.95 14.43 -29.07
CA LYS C 450 6.88 15.61 -29.93
C LYS C 450 5.67 16.44 -29.57
N THR C 451 4.56 15.78 -29.29
CA THR C 451 3.35 16.50 -28.92
C THR C 451 3.62 17.34 -27.68
N ALA C 452 4.18 16.71 -26.65
CA ALA C 452 4.48 17.40 -25.39
C ALA C 452 5.41 18.59 -25.66
N GLN C 453 6.51 18.30 -26.36
CA GLN C 453 7.48 19.32 -26.71
C GLN C 453 6.81 20.53 -27.34
N ALA C 454 5.99 20.29 -28.36
CA ALA C 454 5.30 21.37 -29.07
C ALA C 454 4.47 22.19 -28.10
N ILE C 455 3.67 21.52 -27.28
CA ILE C 455 2.84 22.20 -26.28
C ILE C 455 3.72 23.13 -25.44
N ASN C 456 4.83 22.61 -24.93
CA ASN C 456 5.69 23.44 -24.14
C ASN C 456 6.36 24.59 -24.95
N ASP C 457 6.83 24.28 -26.14
CA ASP C 457 7.50 25.32 -26.95
C ASP C 457 6.52 26.46 -27.30
N PHE C 458 5.23 26.11 -27.51
CA PHE C 458 4.21 27.09 -27.85
C PHE C 458 3.97 27.93 -26.60
N ASN C 459 3.90 27.25 -25.46
CA ASN C 459 3.63 27.90 -24.19
C ASN C 459 4.76 28.77 -23.66
N ASN C 460 5.97 28.23 -23.57
CA ASN C 460 7.08 29.03 -23.07
C ASN C 460 7.63 29.93 -24.18
N GLY C 461 8.02 31.14 -23.81
CA GLY C 461 8.63 32.05 -24.77
C GLY C 461 7.65 32.60 -25.78
N GLU C 462 7.16 31.73 -26.66
CA GLU C 462 6.18 32.13 -27.66
C GLU C 462 4.87 32.67 -27.08
N GLN C 463 4.35 32.06 -26.02
CA GLN C 463 3.08 32.52 -25.41
C GLN C 463 2.00 32.58 -26.49
N LEU C 464 1.86 31.53 -27.28
CA LEU C 464 0.91 31.46 -28.36
C LEU C 464 -0.34 30.62 -28.03
N PRO C 465 -1.49 30.96 -28.65
CA PRO C 465 -2.73 30.20 -28.42
C PRO C 465 -2.48 28.89 -29.14
N ILE C 468 -5.43 21.91 -31.25
CA ILE C 468 -5.01 20.57 -31.60
C ILE C 468 -6.10 19.88 -32.42
N LEU C 469 -5.78 19.45 -33.64
CA LEU C 469 -6.72 18.72 -34.47
C LEU C 469 -6.68 17.25 -34.03
N ALA C 470 -7.14 17.00 -32.81
CA ALA C 470 -7.18 15.66 -32.21
C ALA C 470 -7.75 14.61 -33.16
N ASN C 471 -6.94 13.60 -33.50
CA ASN C 471 -7.36 12.53 -34.39
C ASN C 471 -6.49 11.30 -34.16
N TRP C 472 -6.67 10.67 -33.01
CA TRP C 472 -5.91 9.49 -32.63
C TRP C 472 -6.85 8.36 -32.25
N ARG C 473 -6.53 7.15 -32.66
CA ARG C 473 -7.39 6.00 -32.37
C ARG C 473 -6.70 5.01 -31.47
N GLY C 474 -5.47 5.30 -31.07
CA GLY C 474 -4.76 4.38 -30.20
C GLY C 474 -3.27 4.65 -30.12
N PHE C 475 -2.54 3.71 -29.53
CA PHE C 475 -1.09 3.86 -29.39
C PHE C 475 -0.35 2.52 -29.40
N SER C 476 0.94 2.57 -29.72
CA SER C 476 1.77 1.37 -29.78
C SER C 476 3.21 1.65 -29.37
N GLY C 477 4.04 0.60 -29.37
CA GLY C 477 5.43 0.74 -28.97
C GLY C 477 6.31 1.23 -30.09
N ASN C 484 6.43 1.08 -22.13
CA ASN C 484 6.84 2.01 -21.10
C ASN C 484 7.07 3.44 -21.64
N GLU C 485 7.69 3.53 -22.81
CA GLU C 485 7.98 4.81 -23.44
C GLU C 485 6.72 5.66 -23.55
N VAL C 486 5.68 5.11 -24.17
CA VAL C 486 4.45 5.85 -24.33
C VAL C 486 3.85 6.24 -22.97
N LEU C 487 4.06 5.41 -21.96
CA LEU C 487 3.52 5.70 -20.64
C LEU C 487 4.18 6.92 -19.97
N LYS C 488 5.51 6.95 -20.00
CA LYS C 488 6.28 8.04 -19.42
C LYS C 488 6.04 9.35 -20.19
N TYR C 489 6.15 9.28 -21.51
CA TYR C 489 5.94 10.46 -22.33
C TYR C 489 4.49 10.92 -22.28
N GLY C 490 3.59 10.02 -21.89
CA GLY C 490 2.21 10.42 -21.79
C GLY C 490 2.01 11.46 -20.69
N SER C 491 2.71 11.30 -19.56
CA SER C 491 2.61 12.26 -18.47
C SER C 491 3.09 13.64 -18.89
N PHE C 492 4.12 13.67 -19.72
CA PHE C 492 4.65 14.94 -20.20
C PHE C 492 3.58 15.84 -20.80
N ILE C 493 2.64 15.25 -21.55
CA ILE C 493 1.56 15.98 -22.21
C ILE C 493 0.66 16.66 -21.23
N VAL C 494 0.16 15.88 -20.29
CA VAL C 494 -0.67 16.42 -19.25
C VAL C 494 0.10 17.47 -18.37
N ASP C 495 1.44 17.34 -18.24
CA ASP C 495 2.19 18.32 -17.44
C ASP C 495 2.18 19.58 -18.28
N ALA C 496 2.36 19.41 -19.58
CA ALA C 496 2.36 20.50 -20.53
C ALA C 496 1.01 21.26 -20.60
N LEU C 497 -0.11 20.53 -20.67
CA LEU C 497 -1.40 21.17 -20.78
C LEU C 497 -1.72 21.92 -19.50
N VAL C 498 -1.36 21.32 -18.37
CA VAL C 498 -1.63 21.96 -17.09
C VAL C 498 -0.90 23.29 -16.93
N ASP C 499 0.28 23.41 -17.51
CA ASP C 499 1.07 24.60 -17.38
C ASP C 499 0.75 25.66 -18.47
N TYR C 500 -0.10 25.28 -19.42
CA TYR C 500 -0.44 26.18 -20.52
C TYR C 500 -1.10 27.42 -19.98
N LYS C 501 -0.65 28.58 -20.42
CA LYS C 501 -1.18 29.85 -19.94
C LYS C 501 -2.07 30.58 -20.94
N GLN C 502 -2.16 30.06 -22.17
CA GLN C 502 -2.98 30.71 -23.20
C GLN C 502 -4.13 29.88 -23.68
N PRO C 503 -5.14 30.54 -24.25
CA PRO C 503 -6.31 29.80 -24.74
C PRO C 503 -5.97 28.56 -25.60
N ILE C 504 -6.58 27.42 -25.29
CA ILE C 504 -6.35 26.18 -26.02
C ILE C 504 -7.64 25.71 -26.69
N ILE C 505 -7.52 25.16 -27.90
CA ILE C 505 -8.69 24.67 -28.62
C ILE C 505 -8.48 23.25 -29.12
N ILE C 506 -9.34 22.33 -28.69
CA ILE C 506 -9.23 20.95 -29.14
C ILE C 506 -10.37 20.77 -30.12
N TYR C 507 -10.05 20.25 -31.30
CA TYR C 507 -11.03 20.04 -32.37
C TYR C 507 -10.79 18.73 -33.11
N ILE C 508 -11.78 17.85 -33.09
CA ILE C 508 -11.69 16.57 -33.80
C ILE C 508 -12.15 16.84 -35.23
N PRO C 509 -11.26 16.71 -36.20
CA PRO C 509 -11.52 16.94 -37.62
C PRO C 509 -12.68 16.12 -38.16
N PRO C 510 -13.19 16.49 -39.33
CA PRO C 510 -14.30 15.81 -39.99
C PRO C 510 -14.24 14.28 -39.96
N THR C 511 -13.32 13.68 -40.68
CA THR C 511 -13.28 12.23 -40.65
C THR C 511 -12.41 11.72 -39.52
N GLY C 512 -12.25 12.53 -38.49
CA GLY C 512 -11.40 12.13 -37.41
C GLY C 512 -12.08 11.42 -36.27
N GLU C 513 -11.30 10.88 -35.35
CA GLU C 513 -11.83 10.21 -34.17
C GLU C 513 -10.85 10.27 -32.99
N LEU C 514 -11.39 10.21 -31.79
CA LEU C 514 -10.58 10.28 -30.59
C LEU C 514 -11.07 9.16 -29.69
N ARG C 515 -10.29 8.10 -29.56
CA ARG C 515 -10.69 6.94 -28.76
C ARG C 515 -9.89 6.79 -27.46
N GLY C 516 -10.55 6.31 -26.41
CA GLY C 516 -9.91 6.10 -25.12
C GLY C 516 -8.76 6.99 -24.70
N GLY C 517 -7.65 6.38 -24.30
CA GLY C 517 -6.48 7.13 -23.88
C GLY C 517 -6.17 8.35 -24.70
N SER C 518 -6.43 8.28 -26.01
CA SER C 518 -6.16 9.41 -26.88
C SER C 518 -6.99 10.61 -26.49
N TRP C 519 -8.22 10.37 -26.06
CA TRP C 519 -9.07 11.47 -25.64
C TRP C 519 -8.65 12.00 -24.25
N VAL C 520 -8.38 11.07 -23.34
CA VAL C 520 -8.01 11.43 -21.97
C VAL C 520 -6.88 12.41 -21.86
N VAL C 521 -5.87 12.24 -22.69
CA VAL C 521 -4.71 13.13 -22.68
C VAL C 521 -4.96 14.51 -23.21
N VAL C 522 -6.16 14.74 -23.73
CA VAL C 522 -6.53 16.07 -24.22
C VAL C 522 -7.90 16.54 -23.80
N ASP C 523 -8.37 16.08 -22.65
CA ASP C 523 -9.70 16.50 -22.20
C ASP C 523 -9.65 17.89 -21.56
N PRO C 524 -10.63 18.75 -21.89
CA PRO C 524 -10.67 20.12 -21.34
C PRO C 524 -10.55 20.18 -19.83
N THR C 525 -10.91 19.10 -19.16
CA THR C 525 -10.84 19.08 -17.71
C THR C 525 -9.42 19.15 -17.14
N ILE C 526 -8.42 18.83 -17.96
CA ILE C 526 -7.04 18.87 -17.51
C ILE C 526 -6.71 20.32 -17.16
N ASN C 527 -7.29 21.24 -17.92
CA ASN C 527 -7.07 22.66 -17.68
C ASN C 527 -8.35 23.37 -18.12
N ALA C 528 -9.35 23.41 -17.25
CA ALA C 528 -10.59 24.07 -17.58
C ALA C 528 -10.42 25.57 -17.75
N ASP C 529 -9.40 26.15 -17.14
CA ASP C 529 -9.20 27.60 -17.24
C ASP C 529 -8.77 28.10 -18.62
N GLN C 530 -8.20 27.20 -19.44
CA GLN C 530 -7.71 27.59 -20.75
C GLN C 530 -8.11 26.63 -21.88
N GLU C 532 -10.85 24.09 -24.14
CA GLU C 532 -12.19 23.92 -24.68
C GLU C 532 -12.15 22.89 -25.79
N TYR C 534 -14.02 20.85 -29.05
CA TYR C 534 -15.02 20.87 -30.13
C TYR C 534 -14.99 19.59 -30.99
N ALA C 535 -16.19 19.11 -31.33
CA ALA C 535 -16.32 17.92 -32.15
C ALA C 535 -17.11 18.22 -33.43
N ASP C 536 -16.46 17.96 -34.55
CA ASP C 536 -17.10 18.15 -35.84
C ASP C 536 -18.32 17.23 -35.89
N VAL C 537 -19.30 17.59 -36.70
CA VAL C 537 -20.50 16.79 -36.82
C VAL C 537 -20.21 15.47 -37.53
N ASN C 538 -19.10 15.39 -38.25
CA ASN C 538 -18.78 14.17 -38.98
C ASN C 538 -17.68 13.42 -38.26
N ALA C 539 -17.51 13.72 -36.99
CA ALA C 539 -16.50 13.04 -36.20
C ALA C 539 -17.08 11.90 -35.34
N ARG C 540 -16.19 11.12 -34.74
CA ARG C 540 -16.60 10.01 -33.89
C ARG C 540 -15.69 9.96 -32.67
N ALA C 541 -16.25 9.62 -31.51
CA ALA C 541 -15.49 9.54 -30.27
C ALA C 541 -16.13 8.62 -29.24
N GLY C 542 -15.31 7.78 -28.61
CA GLY C 542 -15.81 6.89 -27.57
C GLY C 542 -14.66 6.14 -26.93
N VAL C 543 -14.93 5.46 -25.83
CA VAL C 543 -13.89 4.69 -25.13
C VAL C 543 -13.28 3.65 -26.06
N LEU C 544 -14.13 2.92 -26.77
CA LEU C 544 -13.66 1.90 -27.69
C LEU C 544 -14.33 2.05 -29.05
N GLU C 545 -13.61 1.71 -30.10
CA GLU C 545 -14.17 1.80 -31.42
C GLU C 545 -15.14 0.66 -31.61
N PRO C 546 -16.23 0.87 -32.39
CA PRO C 546 -17.27 -0.10 -32.72
C PRO C 546 -16.81 -1.56 -32.78
N GLN C 547 -15.76 -1.79 -33.55
CA GLN C 547 -15.20 -3.13 -33.69
C GLN C 547 -14.93 -3.78 -32.34
N GLY C 548 -14.28 -3.05 -31.43
CA GLY C 548 -13.98 -3.60 -30.13
C GLY C 548 -15.16 -3.61 -29.16
N VAL C 550 -18.46 -3.96 -29.91
CA VAL C 550 -19.35 -5.04 -30.28
C VAL C 550 -18.83 -6.41 -29.79
N GLY C 551 -17.53 -6.62 -29.91
CA GLY C 551 -16.96 -7.88 -29.48
C GLY C 551 -16.98 -8.07 -27.97
N ILE C 552 -17.60 -7.13 -27.25
CA ILE C 552 -17.67 -7.22 -25.80
C ILE C 552 -19.09 -7.06 -25.28
N LYS C 553 -19.83 -6.12 -25.85
CA LYS C 553 -21.19 -5.87 -25.42
C LYS C 553 -22.23 -6.36 -26.42
N PHE C 554 -21.76 -6.97 -27.51
CA PHE C 554 -22.67 -7.47 -28.53
C PHE C 554 -22.15 -8.80 -29.06
N ARG C 555 -21.98 -9.74 -28.14
CA ARG C 555 -21.48 -11.07 -28.47
C ARG C 555 -22.42 -11.82 -29.41
N ARG C 556 -22.06 -13.05 -29.78
CA ARG C 556 -22.87 -13.86 -30.68
C ARG C 556 -24.22 -14.21 -30.06
N GLU C 557 -24.21 -14.60 -28.79
CA GLU C 557 -25.46 -14.92 -28.12
C GLU C 557 -26.47 -13.78 -28.24
N LYS C 558 -26.05 -12.56 -27.89
CA LYS C 558 -26.94 -11.40 -27.97
C LYS C 558 -27.30 -11.07 -29.42
N LEU C 559 -26.43 -11.46 -30.36
CA LEU C 559 -26.67 -11.19 -31.77
C LEU C 559 -27.75 -12.11 -32.32
N LEU C 560 -27.80 -13.34 -31.79
CA LEU C 560 -28.78 -14.33 -32.22
C LEU C 560 -30.17 -13.88 -31.82
N ASP C 561 -30.35 -13.52 -30.55
CA ASP C 561 -31.65 -13.10 -30.06
C ASP C 561 -32.16 -12.00 -30.96
N THR C 562 -31.24 -11.18 -31.48
CA THR C 562 -31.60 -10.07 -32.36
C THR C 562 -32.11 -10.64 -33.66
N ASN C 564 -34.18 -12.31 -35.99
CA ASN C 564 -35.57 -12.73 -36.04
C ASN C 564 -36.18 -12.54 -37.44
N ARG C 565 -35.33 -12.43 -38.46
CA ARG C 565 -35.80 -12.26 -39.84
C ARG C 565 -35.33 -13.39 -40.75
N LEU C 566 -35.95 -14.55 -40.61
CA LEU C 566 -35.61 -15.72 -41.42
C LEU C 566 -36.61 -16.86 -41.18
N GLU C 600 -24.37 -17.43 -42.60
CA GLU C 600 -25.53 -17.08 -43.40
C GLU C 600 -25.91 -15.60 -43.29
N LEU C 601 -26.63 -15.23 -42.24
CA LEU C 601 -27.04 -13.85 -42.04
C LEU C 601 -26.08 -13.09 -41.10
N LEU C 602 -24.86 -13.59 -40.96
CA LEU C 602 -23.87 -12.95 -40.10
C LEU C 602 -23.21 -11.75 -40.78
N PRO C 603 -22.66 -11.94 -41.99
CA PRO C 603 -22.00 -10.85 -42.71
C PRO C 603 -22.82 -9.56 -42.77
N ILE C 604 -24.14 -9.71 -42.78
CA ILE C 604 -25.03 -8.56 -42.83
C ILE C 604 -25.41 -8.08 -41.44
N TYR C 605 -25.56 -9.03 -40.51
CA TYR C 605 -25.93 -8.69 -39.13
C TYR C 605 -24.74 -8.15 -38.36
N GLY C 606 -23.56 -8.67 -38.67
CA GLY C 606 -22.35 -8.22 -38.00
C GLY C 606 -22.22 -6.72 -38.20
N GLN C 607 -22.67 -6.24 -39.36
CA GLN C 607 -22.60 -4.83 -39.68
C GLN C 607 -23.63 -4.05 -38.89
N ILE C 608 -24.69 -4.74 -38.48
CA ILE C 608 -25.76 -4.10 -37.74
C ILE C 608 -25.28 -3.83 -36.31
N SER C 609 -24.58 -4.79 -35.73
CA SER C 609 -24.07 -4.65 -34.37
C SER C 609 -23.06 -3.50 -34.31
N LEU C 610 -22.25 -3.38 -35.36
CA LEU C 610 -21.26 -2.32 -35.43
C LEU C 610 -21.97 -0.97 -35.61
N GLN C 611 -22.88 -0.93 -36.58
CA GLN C 611 -23.62 0.29 -36.86
C GLN C 611 -24.36 0.75 -35.61
N PHE C 612 -24.78 -0.20 -34.80
CA PHE C 612 -25.51 0.10 -33.57
C PHE C 612 -24.59 0.84 -32.61
N ALA C 613 -23.39 0.31 -32.43
CA ALA C 613 -22.41 0.91 -31.55
C ALA C 613 -21.99 2.28 -32.08
N ASP C 614 -21.64 2.32 -33.37
CA ASP C 614 -21.19 3.55 -34.01
C ASP C 614 -22.16 4.68 -33.79
N LEU C 615 -23.44 4.34 -33.62
CA LEU C 615 -24.48 5.33 -33.38
C LEU C 615 -24.33 5.97 -32.01
N HIS C 616 -23.33 5.52 -31.27
CA HIS C 616 -23.08 6.05 -29.94
C HIS C 616 -21.92 7.04 -29.94
N ASP C 617 -21.07 6.93 -30.94
CA ASP C 617 -19.90 7.79 -31.03
C ASP C 617 -20.14 9.05 -31.85
N ARG C 618 -21.34 9.61 -31.77
CA ARG C 618 -21.66 10.81 -32.54
C ARG C 618 -21.52 12.07 -31.69
N SER C 619 -21.10 13.15 -32.33
CA SER C 619 -20.92 14.41 -31.62
C SER C 619 -22.23 14.78 -30.91
N SER C 620 -23.34 14.31 -31.44
CA SER C 620 -24.62 14.59 -30.84
C SER C 620 -24.62 14.06 -29.40
N ARG C 621 -24.03 12.90 -29.19
CA ARG C 621 -23.97 12.32 -27.86
C ARG C 621 -23.04 13.11 -26.96
N VAL C 623 -22.37 16.25 -27.13
CA VAL C 623 -23.10 17.45 -26.73
C VAL C 623 -24.08 17.12 -25.61
N ALA C 624 -24.81 16.03 -25.78
CA ALA C 624 -25.79 15.61 -24.79
C ALA C 624 -25.12 15.35 -23.44
N LYS C 625 -24.05 14.58 -23.45
CA LYS C 625 -23.33 14.30 -22.23
C LYS C 625 -22.54 15.51 -21.73
N GLY C 626 -22.50 16.60 -22.52
CA GLY C 626 -21.77 17.78 -22.12
C GLY C 626 -20.26 17.61 -22.03
N VAL C 627 -19.67 16.80 -22.91
CA VAL C 627 -18.23 16.58 -22.88
C VAL C 627 -17.51 17.53 -23.84
N ILE C 628 -18.27 18.28 -24.64
CA ILE C 628 -17.66 19.24 -25.56
C ILE C 628 -18.40 20.55 -25.48
N SER C 629 -17.75 21.65 -25.90
CA SER C 629 -18.41 22.95 -25.88
C SER C 629 -19.55 22.97 -26.90
N LYS C 630 -19.33 22.32 -28.03
CA LYS C 630 -20.34 22.19 -29.09
C LYS C 630 -19.82 21.49 -30.33
N GLU C 631 -20.73 21.12 -31.22
CA GLU C 631 -20.35 20.45 -32.47
C GLU C 631 -20.33 21.52 -33.54
N LEU C 632 -19.38 21.39 -34.47
CA LEU C 632 -19.19 22.36 -35.53
C LEU C 632 -19.13 21.71 -36.92
N GLU C 633 -19.50 22.48 -37.95
CA GLU C 633 -19.44 21.92 -39.28
C GLU C 633 -18.12 22.42 -39.86
N TRP C 634 -17.30 21.50 -40.35
CA TRP C 634 -15.99 21.81 -40.92
C TRP C 634 -15.94 23.01 -41.84
N THR C 635 -17.04 23.30 -42.53
CA THR C 635 -17.05 24.42 -43.45
C THR C 635 -17.13 25.75 -42.76
N GLU C 636 -17.74 25.80 -41.58
CA GLU C 636 -17.86 27.04 -40.83
C GLU C 636 -16.80 27.18 -39.75
N ALA C 637 -15.98 26.15 -39.58
CA ALA C 637 -14.92 26.12 -38.56
C ALA C 637 -14.13 27.41 -38.48
N ARG C 638 -13.50 27.80 -39.58
CA ARG C 638 -12.69 29.02 -39.64
C ARG C 638 -13.48 30.27 -39.19
N ARG C 639 -14.66 30.52 -39.76
CA ARG C 639 -15.45 31.66 -39.33
C ARG C 639 -15.75 31.61 -37.81
N PHE C 640 -16.11 30.44 -37.31
CA PHE C 640 -16.41 30.25 -35.89
C PHE C 640 -15.18 30.36 -34.97
N PHE C 641 -14.10 29.64 -35.30
CA PHE C 641 -12.89 29.68 -34.48
C PHE C 641 -12.22 31.05 -34.49
N PHE C 642 -12.21 31.73 -35.63
CA PHE C 642 -11.57 33.04 -35.67
C PHE C 642 -12.19 33.95 -34.59
N TRP C 643 -13.51 34.01 -34.60
CA TRP C 643 -14.19 34.86 -33.65
C TRP C 643 -14.13 34.34 -32.23
N ARG C 644 -14.37 33.05 -32.05
CA ARG C 644 -14.34 32.45 -30.72
C ARG C 644 -13.01 32.76 -30.05
N LEU C 645 -11.93 32.55 -30.80
CA LEU C 645 -10.60 32.81 -30.31
C LEU C 645 -10.39 34.30 -30.08
N ARG C 646 -10.88 35.12 -31.00
CA ARG C 646 -10.72 36.56 -30.85
C ARG C 646 -11.50 36.99 -29.61
N ARG C 647 -12.66 36.39 -29.42
CA ARG C 647 -13.46 36.73 -28.25
C ARG C 647 -12.71 36.29 -26.97
N ARG C 648 -12.11 35.10 -27.02
CA ARG C 648 -11.38 34.59 -25.85
C ARG C 648 -10.12 35.41 -25.56
N LEU C 649 -9.33 35.72 -26.58
CA LEU C 649 -8.14 36.54 -26.32
C LEU C 649 -8.51 37.83 -25.63
N ASN C 650 -9.71 38.33 -25.88
CA ASN C 650 -10.12 39.57 -25.23
C ASN C 650 -10.55 39.38 -23.78
N GLU C 651 -11.29 38.32 -23.51
CA GLU C 651 -11.76 38.07 -22.17
C GLU C 651 -10.57 37.74 -21.28
N GLU C 652 -9.60 37.03 -21.84
CA GLU C 652 -8.42 36.67 -21.05
C GLU C 652 -7.65 37.92 -20.67
N TYR C 653 -7.60 38.86 -21.61
CA TYR C 653 -6.90 40.11 -21.38
C TYR C 653 -7.52 40.77 -20.16
N LEU C 654 -8.84 40.87 -20.17
CA LEU C 654 -9.53 41.51 -19.07
C LEU C 654 -9.28 40.76 -17.77
N ILE C 655 -9.39 39.43 -17.80
CA ILE C 655 -9.17 38.66 -16.58
C ILE C 655 -7.80 39.02 -15.97
N LYS C 656 -6.77 39.06 -16.81
CA LYS C 656 -5.45 39.39 -16.30
C LYS C 656 -5.45 40.76 -15.67
N ARG C 657 -6.00 41.75 -16.37
CA ARG C 657 -6.05 43.12 -15.83
C ARG C 657 -6.72 43.13 -14.45
N LEU C 658 -7.70 42.24 -14.29
CA LEU C 658 -8.44 42.16 -13.03
C LEU C 658 -7.58 41.49 -11.96
N SER C 659 -6.82 40.49 -12.38
CA SER C 659 -5.96 39.75 -11.48
C SER C 659 -4.83 40.60 -10.89
N HIS C 660 -4.42 41.66 -11.59
CA HIS C 660 -3.36 42.51 -11.09
C HIS C 660 -3.63 43.01 -9.69
N GLN C 661 -4.80 43.60 -9.49
CA GLN C 661 -5.17 44.10 -8.17
C GLN C 661 -5.29 42.97 -7.16
N VAL C 662 -4.78 43.21 -5.95
CA VAL C 662 -4.81 42.23 -4.87
C VAL C 662 -6.25 41.88 -4.48
N GLY C 663 -6.97 41.24 -5.41
CA GLY C 663 -8.34 40.86 -5.16
C GLY C 663 -8.45 39.45 -4.61
N GLU C 664 -7.57 38.57 -5.06
CA GLU C 664 -7.55 37.18 -4.61
C GLU C 664 -8.89 36.49 -4.89
N ALA C 665 -9.23 36.36 -6.16
CA ALA C 665 -10.49 35.73 -6.53
C ALA C 665 -10.28 34.62 -7.55
N SER C 666 -11.21 33.68 -7.58
CA SER C 666 -11.11 32.59 -8.54
C SER C 666 -11.35 33.08 -9.96
N ARG C 667 -10.96 32.28 -10.94
CA ARG C 667 -11.16 32.66 -12.32
C ARG C 667 -12.64 32.86 -12.60
N LEU C 668 -13.48 32.00 -12.04
CA LEU C 668 -14.92 32.11 -12.27
C LEU C 668 -15.43 33.43 -11.70
N GLU C 669 -14.94 33.80 -10.52
CA GLU C 669 -15.38 35.03 -9.91
C GLU C 669 -15.01 36.24 -10.75
N LYS C 670 -13.84 36.20 -11.39
CA LYS C 670 -13.34 37.26 -12.25
C LYS C 670 -14.17 37.34 -13.53
N ILE C 671 -14.28 36.22 -14.24
CA ILE C 671 -15.07 36.14 -15.47
C ILE C 671 -16.48 36.68 -15.21
N ALA C 672 -17.08 36.23 -14.12
CA ALA C 672 -18.41 36.68 -13.78
C ALA C 672 -18.51 38.20 -13.68
N ARG C 673 -17.57 38.83 -12.96
CA ARG C 673 -17.58 40.27 -12.79
C ARG C 673 -17.36 40.97 -14.11
N ILE C 674 -16.52 40.35 -14.94
CA ILE C 674 -16.22 40.92 -16.24
C ILE C 674 -17.46 40.91 -17.13
N ARG C 675 -18.08 39.75 -17.27
CA ARG C 675 -19.27 39.61 -18.10
C ARG C 675 -20.46 40.37 -17.53
N SER C 676 -20.37 40.76 -16.26
CA SER C 676 -21.49 41.51 -15.69
C SER C 676 -21.37 42.96 -16.16
N TRP C 677 -20.26 43.29 -16.83
CA TRP C 677 -20.07 44.64 -17.32
C TRP C 677 -20.68 44.79 -18.72
N TYR C 678 -20.71 43.70 -19.49
CA TYR C 678 -21.29 43.77 -20.82
C TYR C 678 -22.70 44.35 -20.75
N PRO C 679 -23.15 45.02 -21.82
CA PRO C 679 -24.49 45.59 -21.83
C PRO C 679 -25.52 44.49 -21.65
N ALA C 680 -26.62 44.83 -21.00
CA ALA C 680 -27.69 43.89 -20.74
C ALA C 680 -28.23 43.20 -21.97
N SER C 681 -28.14 43.85 -23.12
CA SER C 681 -28.64 43.27 -24.36
C SER C 681 -27.64 42.41 -25.12
N VAL C 682 -26.38 42.39 -24.68
CA VAL C 682 -25.33 41.60 -25.35
C VAL C 682 -25.44 40.11 -25.05
N ASP C 683 -25.39 39.29 -26.08
CA ASP C 683 -25.49 37.86 -25.89
C ASP C 683 -24.16 37.24 -25.55
N HIS C 684 -23.95 36.90 -24.28
CA HIS C 684 -22.65 36.34 -23.87
C HIS C 684 -22.19 35.19 -24.72
N GLU C 685 -23.12 34.47 -25.30
CA GLU C 685 -22.76 33.35 -26.15
C GLU C 685 -22.27 33.83 -27.51
N ASP C 686 -22.64 35.03 -27.90
CA ASP C 686 -22.27 35.58 -29.20
C ASP C 686 -20.82 36.05 -29.20
N ASP C 687 -19.91 35.23 -29.72
CA ASP C 687 -18.51 35.60 -29.70
C ASP C 687 -18.15 36.92 -30.33
N ARG C 688 -18.52 37.08 -31.60
CA ARG C 688 -18.23 38.30 -32.36
C ARG C 688 -18.73 39.55 -31.65
N GLN C 689 -19.93 39.47 -31.11
CA GLN C 689 -20.51 40.60 -30.42
C GLN C 689 -19.70 40.94 -29.21
N VAL C 690 -19.42 39.93 -28.39
CA VAL C 690 -18.65 40.18 -27.17
C VAL C 690 -17.31 40.79 -27.53
N ALA C 691 -16.67 40.24 -28.54
CA ALA C 691 -15.38 40.77 -28.92
C ALA C 691 -15.54 42.20 -29.34
N THR C 692 -16.59 42.43 -30.13
CA THR C 692 -16.86 43.75 -30.66
C THR C 692 -17.07 44.81 -29.60
N TRP C 693 -17.90 44.51 -28.61
CA TRP C 693 -18.16 45.47 -27.55
C TRP C 693 -16.91 45.77 -26.76
N ILE C 694 -16.18 44.73 -26.38
CA ILE C 694 -14.95 44.89 -25.61
C ILE C 694 -13.94 45.83 -26.29
N GLU C 695 -13.63 45.56 -27.54
CA GLU C 695 -12.66 46.39 -28.25
C GLU C 695 -13.10 47.83 -28.36
N GLU C 696 -14.41 48.03 -28.39
CA GLU C 696 -14.96 49.38 -28.47
C GLU C 696 -14.86 50.09 -27.14
N ASN C 697 -14.72 49.32 -26.07
CA ASN C 697 -14.66 49.91 -24.75
C ASN C 697 -13.43 49.58 -23.90
N TYR C 698 -12.29 49.34 -24.54
CA TYR C 698 -11.08 49.06 -23.78
C TYR C 698 -10.84 50.16 -22.75
N LYS C 699 -10.80 51.42 -23.21
CA LYS C 699 -10.57 52.58 -22.36
C LYS C 699 -11.66 52.73 -21.32
N THR C 700 -12.90 52.48 -21.73
CA THR C 700 -14.02 52.60 -20.79
C THR C 700 -13.85 51.58 -19.66
N LEU C 701 -13.51 50.34 -20.02
CA LEU C 701 -13.34 49.24 -19.05
C LEU C 701 -12.13 49.53 -18.17
N ASP C 702 -11.08 50.05 -18.77
CA ASP C 702 -9.90 50.38 -18.01
C ASP C 702 -10.26 51.32 -16.86
N ASP C 703 -11.02 52.36 -17.17
CA ASP C 703 -11.43 53.34 -16.16
C ASP C 703 -12.09 52.59 -15.02
N LYS C 704 -13.02 51.69 -15.35
CA LYS C 704 -13.73 50.90 -14.36
C LYS C 704 -12.76 50.09 -13.51
N LEU C 705 -11.74 49.53 -14.14
CA LEU C 705 -10.74 48.75 -13.43
C LEU C 705 -9.98 49.61 -12.43
N LYS C 706 -9.78 50.89 -12.76
CA LYS C 706 -9.08 51.80 -11.86
C LYS C 706 -10.02 52.20 -10.74
N GLY C 707 -11.33 52.14 -10.99
CA GLY C 707 -12.30 52.51 -9.99
C GLY C 707 -12.27 51.51 -8.84
N LEU C 708 -11.56 50.41 -9.05
CA LEU C 708 -11.42 49.36 -8.06
C LEU C 708 -10.09 49.49 -7.30
N LYS C 709 -9.02 49.42 -7.95
#